data_9H41
# 
_entry.id   9H41 
# 
_audit_conform.dict_name       mmcif_pdbx.dic 
_audit_conform.dict_version    5.404 
_audit_conform.dict_location   http://mmcif.pdb.org/dictionaries/ascii/mmcif_pdbx.dic 
# 
loop_
_database_2.database_id 
_database_2.database_code 
_database_2.pdbx_database_accession 
_database_2.pdbx_DOI 
PDB   9H41         pdb_00009h41 10.2210/pdb9h41/pdb 
WWPDB D_1292142491 ?            ?                   
# 
_pdbx_audit_revision_history.ordinal             1 
_pdbx_audit_revision_history.data_content_type   'Structure model' 
_pdbx_audit_revision_history.major_revision      1 
_pdbx_audit_revision_history.minor_revision      0 
_pdbx_audit_revision_history.revision_date       2025-06-11 
_pdbx_audit_revision_history.part_number         ? 
# 
_pdbx_audit_revision_details.ordinal             1 
_pdbx_audit_revision_details.revision_ordinal    1 
_pdbx_audit_revision_details.data_content_type   'Structure model' 
_pdbx_audit_revision_details.provider            repository 
_pdbx_audit_revision_details.type                'Initial release' 
_pdbx_audit_revision_details.description         ? 
_pdbx_audit_revision_details.details             ? 
# 
_pdbx_database_status.status_code                     REL 
_pdbx_database_status.status_code_sf                  REL 
_pdbx_database_status.status_code_mr                  ? 
_pdbx_database_status.entry_id                        9H41 
_pdbx_database_status.recvd_initial_deposition_date   2024-10-17 
_pdbx_database_status.SG_entry                        N 
_pdbx_database_status.deposit_site                    PDBE 
_pdbx_database_status.process_site                    PDBE 
_pdbx_database_status.status_code_cs                  ? 
_pdbx_database_status.status_code_nmr_data            ? 
_pdbx_database_status.methods_development_category    ? 
_pdbx_database_status.pdb_format_compatible           Y 
# 
_pdbx_contact_author.id                 2 
_pdbx_contact_author.email              noam@ch.technion.ac.il 
_pdbx_contact_author.name_first         Noam 
_pdbx_contact_author.name_last          Adir 
_pdbx_contact_author.name_mi            ? 
_pdbx_contact_author.role               'principal investigator/group leader' 
_pdbx_contact_author.identifier_ORCID   0000-0003-2766-8409 
# 
loop_
_audit_author.name 
_audit_author.pdbx_ordinal 
_audit_author.identifier_ORCID 
'Sklyar, J.' 1 0009-0006-0692-5081 
'Adir, N.'   2 0000-0003-2766-8409 
# 
_citation.abstract                  ? 
_citation.abstract_id_CAS           ? 
_citation.book_id_ISBN              ? 
_citation.book_publisher            ? 
_citation.book_publisher_city       ? 
_citation.book_title                ? 
_citation.coordinate_linkage        ? 
_citation.country                   UK 
_citation.database_id_Medline       ? 
_citation.details                   ? 
_citation.id                        primary 
_citation.journal_abbrev            Int.J.Biol.Macromol. 
_citation.journal_id_ASTM           IJBMDR 
_citation.journal_id_CSD            0708 
_citation.journal_id_ISSN           0141-8130 
_citation.journal_full              ? 
_citation.journal_issue             ? 
_citation.journal_volume            315 
_citation.language                  ? 
_citation.page_first                144290 
_citation.page_last                 144290 
_citation.title                     'The apo-HCP4 structure reveals facets of carotenoid uptake.' 
_citation.year                      2025 
_citation.database_id_CSD           ? 
_citation.pdbx_database_id_DOI      10.1016/j.ijbiomac.2025.144290 
_citation.pdbx_database_id_PubMed   40398757 
_citation.pdbx_database_id_patent   ? 
_citation.unpublished_flag          ? 
# 
loop_
_citation_author.citation_id 
_citation_author.name 
_citation_author.ordinal 
_citation_author.identifier_ORCID 
primary 'Sklyar, J.' 1 ? 
primary 'Glaser, F.' 2 ? 
primary 'Adir, N.'   3 ? 
# 
_entity.id                         1 
_entity.type                       polymer 
_entity.src_method                 man 
_entity.pdbx_description           'Orange carotenoid-binding domain-containing protein' 
_entity.formula_weight             18472.998 
_entity.pdbx_number_of_molecules   1 
_entity.pdbx_ec                    ? 
_entity.pdbx_mutation              G151C 
_entity.pdbx_fragment              ? 
_entity.details                    ? 
# 
_entity_poly.entity_id                      1 
_entity_poly.type                           'polypeptide(L)' 
_entity_poly.nstd_linkage                   no 
_entity_poly.nstd_monomer                   no 
_entity_poly.pdbx_seq_one_letter_code       
;TFTSDSASTRFSQAFGIQTGDAVASTITVFQALSIDDQLAVLWYAYTEMGRSITPAATGAARLQLAEGLLNQIKQMSHAE
QLQVMRDLAAKNNTQVSRSYGILSNNTKLAFWYELSELMVKGFVVPVPTDYKISRDGSQVLEALKGLDFCQQITVLRKVV
ADMGVDPLA
;
_entity_poly.pdbx_seq_one_letter_code_can   
;TFTSDSASTRFSQAFGIQTGDAVASTITVFQALSIDDQLAVLWYAYTEMGRSITPAATGAARLQLAEGLLNQIKQMSHAE
QLQVMRDLAAKNNTQVSRSYGILSNNTKLAFWYELSELMVKGFVVPVPTDYKISRDGSQVLEALKGLDFCQQITVLRKVV
ADMGVDPLA
;
_entity_poly.pdbx_strand_id                 A 
_entity_poly.pdbx_target_identifier         ? 
# 
loop_
_entity_poly_seq.entity_id 
_entity_poly_seq.num 
_entity_poly_seq.mon_id 
_entity_poly_seq.hetero 
1 1   THR n 
1 2   PHE n 
1 3   THR n 
1 4   SER n 
1 5   ASP n 
1 6   SER n 
1 7   ALA n 
1 8   SER n 
1 9   THR n 
1 10  ARG n 
1 11  PHE n 
1 12  SER n 
1 13  GLN n 
1 14  ALA n 
1 15  PHE n 
1 16  GLY n 
1 17  ILE n 
1 18  GLN n 
1 19  THR n 
1 20  GLY n 
1 21  ASP n 
1 22  ALA n 
1 23  VAL n 
1 24  ALA n 
1 25  SER n 
1 26  THR n 
1 27  ILE n 
1 28  THR n 
1 29  VAL n 
1 30  PHE n 
1 31  GLN n 
1 32  ALA n 
1 33  LEU n 
1 34  SER n 
1 35  ILE n 
1 36  ASP n 
1 37  ASP n 
1 38  GLN n 
1 39  LEU n 
1 40  ALA n 
1 41  VAL n 
1 42  LEU n 
1 43  TRP n 
1 44  TYR n 
1 45  ALA n 
1 46  TYR n 
1 47  THR n 
1 48  GLU n 
1 49  MET n 
1 50  GLY n 
1 51  ARG n 
1 52  SER n 
1 53  ILE n 
1 54  THR n 
1 55  PRO n 
1 56  ALA n 
1 57  ALA n 
1 58  THR n 
1 59  GLY n 
1 60  ALA n 
1 61  ALA n 
1 62  ARG n 
1 63  LEU n 
1 64  GLN n 
1 65  LEU n 
1 66  ALA n 
1 67  GLU n 
1 68  GLY n 
1 69  LEU n 
1 70  LEU n 
1 71  ASN n 
1 72  GLN n 
1 73  ILE n 
1 74  LYS n 
1 75  GLN n 
1 76  MET n 
1 77  SER n 
1 78  HIS n 
1 79  ALA n 
1 80  GLU n 
1 81  GLN n 
1 82  LEU n 
1 83  GLN n 
1 84  VAL n 
1 85  MET n 
1 86  ARG n 
1 87  ASP n 
1 88  LEU n 
1 89  ALA n 
1 90  ALA n 
1 91  LYS n 
1 92  ASN n 
1 93  ASN n 
1 94  THR n 
1 95  GLN n 
1 96  VAL n 
1 97  SER n 
1 98  ARG n 
1 99  SER n 
1 100 TYR n 
1 101 GLY n 
1 102 ILE n 
1 103 LEU n 
1 104 SER n 
1 105 ASN n 
1 106 ASN n 
1 107 THR n 
1 108 LYS n 
1 109 LEU n 
1 110 ALA n 
1 111 PHE n 
1 112 TRP n 
1 113 TYR n 
1 114 GLU n 
1 115 LEU n 
1 116 SER n 
1 117 GLU n 
1 118 LEU n 
1 119 MET n 
1 120 VAL n 
1 121 LYS n 
1 122 GLY n 
1 123 PHE n 
1 124 VAL n 
1 125 VAL n 
1 126 PRO n 
1 127 VAL n 
1 128 PRO n 
1 129 THR n 
1 130 ASP n 
1 131 TYR n 
1 132 LYS n 
1 133 ILE n 
1 134 SER n 
1 135 ARG n 
1 136 ASP n 
1 137 GLY n 
1 138 SER n 
1 139 GLN n 
1 140 VAL n 
1 141 LEU n 
1 142 GLU n 
1 143 ALA n 
1 144 LEU n 
1 145 LYS n 
1 146 GLY n 
1 147 LEU n 
1 148 ASP n 
1 149 PHE n 
1 150 CYS n 
1 151 GLN n 
1 152 GLN n 
1 153 ILE n 
1 154 THR n 
1 155 VAL n 
1 156 LEU n 
1 157 ARG n 
1 158 LYS n 
1 159 VAL n 
1 160 VAL n 
1 161 ALA n 
1 162 ASP n 
1 163 MET n 
1 164 GLY n 
1 165 VAL n 
1 166 ASP n 
1 167 PRO n 
1 168 LEU n 
1 169 ALA n 
# 
_entity_src_gen.entity_id                          1 
_entity_src_gen.pdbx_src_id                        1 
_entity_src_gen.pdbx_alt_source_flag               sample 
_entity_src_gen.pdbx_seq_type                      'Biological sequence' 
_entity_src_gen.pdbx_beg_seq_num                   1 
_entity_src_gen.pdbx_end_seq_num                   169 
_entity_src_gen.gene_src_common_name               ? 
_entity_src_gen.gene_src_genus                     ? 
_entity_src_gen.pdbx_gene_src_gene                 all4941 
_entity_src_gen.gene_src_species                   ? 
_entity_src_gen.gene_src_strain                    ? 
_entity_src_gen.gene_src_tissue                    ? 
_entity_src_gen.gene_src_tissue_fraction           ? 
_entity_src_gen.gene_src_details                   ? 
_entity_src_gen.pdbx_gene_src_fragment             ? 
_entity_src_gen.pdbx_gene_src_scientific_name      'Nostoc sp. (strain PCC 7120 / SAG 25.82 / UTEX 2576)' 
_entity_src_gen.pdbx_gene_src_ncbi_taxonomy_id     103690 
_entity_src_gen.pdbx_gene_src_variant              ? 
_entity_src_gen.pdbx_gene_src_cell_line            ? 
_entity_src_gen.pdbx_gene_src_atcc                 ? 
_entity_src_gen.pdbx_gene_src_organ                ? 
_entity_src_gen.pdbx_gene_src_organelle            ? 
_entity_src_gen.pdbx_gene_src_cell                 ? 
_entity_src_gen.pdbx_gene_src_cellular_location    ? 
_entity_src_gen.host_org_common_name               ? 
_entity_src_gen.pdbx_host_org_scientific_name      'Escherichia coli BL21(DE3)' 
_entity_src_gen.pdbx_host_org_ncbi_taxonomy_id     469008 
_entity_src_gen.host_org_genus                     ? 
_entity_src_gen.pdbx_host_org_gene                 ? 
_entity_src_gen.pdbx_host_org_organ                ? 
_entity_src_gen.host_org_species                   ? 
_entity_src_gen.pdbx_host_org_tissue               ? 
_entity_src_gen.pdbx_host_org_tissue_fraction      ? 
_entity_src_gen.pdbx_host_org_strain               ? 
_entity_src_gen.pdbx_host_org_variant              ? 
_entity_src_gen.pdbx_host_org_cell_line            ? 
_entity_src_gen.pdbx_host_org_atcc                 ? 
_entity_src_gen.pdbx_host_org_culture_collection   ? 
_entity_src_gen.pdbx_host_org_cell                 ? 
_entity_src_gen.pdbx_host_org_organelle            ? 
_entity_src_gen.pdbx_host_org_cellular_location    ? 
_entity_src_gen.pdbx_host_org_vector_type          ? 
_entity_src_gen.pdbx_host_org_vector               ? 
_entity_src_gen.host_org_details                   ? 
_entity_src_gen.expression_system_id               ? 
_entity_src_gen.plasmid_name                       ? 
_entity_src_gen.plasmid_details                    ? 
_entity_src_gen.pdbx_description                   ? 
# 
loop_
_chem_comp.id 
_chem_comp.type 
_chem_comp.mon_nstd_flag 
_chem_comp.name 
_chem_comp.pdbx_synonyms 
_chem_comp.formula 
_chem_comp.formula_weight 
ALA 'L-peptide linking' y ALANINE         ? 'C3 H7 N O2'     89.093  
ARG 'L-peptide linking' y ARGININE        ? 'C6 H15 N4 O2 1' 175.209 
ASN 'L-peptide linking' y ASPARAGINE      ? 'C4 H8 N2 O3'    132.118 
ASP 'L-peptide linking' y 'ASPARTIC ACID' ? 'C4 H7 N O4'     133.103 
CYS 'L-peptide linking' y CYSTEINE        ? 'C3 H7 N O2 S'   121.158 
GLN 'L-peptide linking' y GLUTAMINE       ? 'C5 H10 N2 O3'   146.144 
GLU 'L-peptide linking' y 'GLUTAMIC ACID' ? 'C5 H9 N O4'     147.129 
GLY 'peptide linking'   y GLYCINE         ? 'C2 H5 N O2'     75.067  
HIS 'L-peptide linking' y HISTIDINE       ? 'C6 H10 N3 O2 1' 156.162 
ILE 'L-peptide linking' y ISOLEUCINE      ? 'C6 H13 N O2'    131.173 
LEU 'L-peptide linking' y LEUCINE         ? 'C6 H13 N O2'    131.173 
LYS 'L-peptide linking' y LYSINE          ? 'C6 H15 N2 O2 1' 147.195 
MET 'L-peptide linking' y METHIONINE      ? 'C5 H11 N O2 S'  149.211 
PHE 'L-peptide linking' y PHENYLALANINE   ? 'C9 H11 N O2'    165.189 
PRO 'L-peptide linking' y PROLINE         ? 'C5 H9 N O2'     115.130 
SER 'L-peptide linking' y SERINE          ? 'C3 H7 N O3'     105.093 
THR 'L-peptide linking' y THREONINE       ? 'C4 H9 N O3'     119.119 
TRP 'L-peptide linking' y TRYPTOPHAN      ? 'C11 H12 N2 O2'  204.225 
TYR 'L-peptide linking' y TYROSINE        ? 'C9 H11 N O3'    181.189 
VAL 'L-peptide linking' y VALINE          ? 'C5 H11 N O2'    117.146 
# 
loop_
_pdbx_poly_seq_scheme.asym_id 
_pdbx_poly_seq_scheme.entity_id 
_pdbx_poly_seq_scheme.seq_id 
_pdbx_poly_seq_scheme.mon_id 
_pdbx_poly_seq_scheme.ndb_seq_num 
_pdbx_poly_seq_scheme.pdb_seq_num 
_pdbx_poly_seq_scheme.auth_seq_num 
_pdbx_poly_seq_scheme.pdb_mon_id 
_pdbx_poly_seq_scheme.auth_mon_id 
_pdbx_poly_seq_scheme.pdb_strand_id 
_pdbx_poly_seq_scheme.pdb_ins_code 
_pdbx_poly_seq_scheme.hetero 
A 1 1   THR 1   3   ?   ?   ?   A . n 
A 1 2   PHE 2   4   ?   ?   ?   A . n 
A 1 3   THR 3   5   ?   ?   ?   A . n 
A 1 4   SER 4   6   ?   ?   ?   A . n 
A 1 5   ASP 5   7   ?   ?   ?   A . n 
A 1 6   SER 6   8   ?   ?   ?   A . n 
A 1 7   ALA 7   9   ?   ?   ?   A . n 
A 1 8   SER 8   10  ?   ?   ?   A . n 
A 1 9   THR 9   11  ?   ?   ?   A . n 
A 1 10  ARG 10  12  ?   ?   ?   A . n 
A 1 11  PHE 11  13  13  PHE PHE A . n 
A 1 12  SER 12  14  14  SER SER A . n 
A 1 13  GLN 13  15  15  GLN GLN A . n 
A 1 14  ALA 14  16  16  ALA ALA A . n 
A 1 15  PHE 15  17  17  PHE PHE A . n 
A 1 16  GLY 16  18  18  GLY GLY A . n 
A 1 17  ILE 17  19  19  ILE ILE A . n 
A 1 18  GLN 18  20  20  GLN GLN A . n 
A 1 19  THR 19  21  21  THR THR A . n 
A 1 20  GLY 20  22  22  GLY GLY A . n 
A 1 21  ASP 21  23  23  ASP ASP A . n 
A 1 22  ALA 22  24  24  ALA ALA A . n 
A 1 23  VAL 23  25  25  VAL VAL A . n 
A 1 24  ALA 24  26  26  ALA ALA A . n 
A 1 25  SER 25  27  27  SER SER A . n 
A 1 26  THR 26  28  28  THR THR A . n 
A 1 27  ILE 27  29  29  ILE ILE A . n 
A 1 28  THR 28  30  30  THR THR A . n 
A 1 29  VAL 29  31  31  VAL VAL A . n 
A 1 30  PHE 30  32  32  PHE PHE A . n 
A 1 31  GLN 31  33  33  GLN GLN A . n 
A 1 32  ALA 32  34  34  ALA ALA A . n 
A 1 33  LEU 33  35  35  LEU LEU A . n 
A 1 34  SER 34  36  36  SER SER A . n 
A 1 35  ILE 35  37  37  ILE ILE A . n 
A 1 36  ASP 36  38  38  ASP ASP A . n 
A 1 37  ASP 37  39  39  ASP ASP A . n 
A 1 38  GLN 38  40  40  GLN GLN A . n 
A 1 39  LEU 39  41  41  LEU LEU A . n 
A 1 40  ALA 40  42  42  ALA ALA A . n 
A 1 41  VAL 41  43  43  VAL VAL A . n 
A 1 42  LEU 42  44  44  LEU LEU A . n 
A 1 43  TRP 43  45  45  TRP TRP A . n 
A 1 44  TYR 44  46  46  TYR TYR A . n 
A 1 45  ALA 45  47  47  ALA ALA A . n 
A 1 46  TYR 46  48  48  TYR TYR A . n 
A 1 47  THR 47  49  49  THR THR A . n 
A 1 48  GLU 48  50  50  GLU GLU A . n 
A 1 49  MET 49  51  51  MET MET A . n 
A 1 50  GLY 50  52  52  GLY GLY A . n 
A 1 51  ARG 51  53  53  ARG ARG A . n 
A 1 52  SER 52  54  54  SER SER A . n 
A 1 53  ILE 53  55  55  ILE ILE A . n 
A 1 54  THR 54  56  56  THR THR A . n 
A 1 55  PRO 55  57  57  PRO PRO A . n 
A 1 56  ALA 56  58  58  ALA ALA A . n 
A 1 57  ALA 57  59  ?   ?   ?   A . n 
A 1 58  THR 58  60  ?   ?   ?   A . n 
A 1 59  GLY 59  61  ?   ?   ?   A . n 
A 1 60  ALA 60  62  ?   ?   ?   A . n 
A 1 61  ALA 61  63  ?   ?   ?   A . n 
A 1 62  ARG 62  64  ?   ?   ?   A . n 
A 1 63  LEU 63  65  ?   ?   ?   A . n 
A 1 64  GLN 64  66  ?   ?   ?   A . n 
A 1 65  LEU 65  67  ?   ?   ?   A . n 
A 1 66  ALA 66  68  68  ALA ALA A . n 
A 1 67  GLU 67  69  69  GLU GLU A . n 
A 1 68  GLY 68  70  70  GLY GLY A . n 
A 1 69  LEU 69  71  71  LEU LEU A . n 
A 1 70  LEU 70  72  72  LEU LEU A . n 
A 1 71  ASN 71  73  73  ASN ASN A . n 
A 1 72  GLN 72  74  74  GLN GLN A . n 
A 1 73  ILE 73  75  75  ILE ILE A . n 
A 1 74  LYS 74  76  76  LYS LYS A . n 
A 1 75  GLN 75  77  77  GLN GLN A . n 
A 1 76  MET 76  78  78  MET MET A . n 
A 1 77  SER 77  79  79  SER SER A . n 
A 1 78  HIS 78  80  80  HIS HIS A . n 
A 1 79  ALA 79  81  81  ALA ALA A . n 
A 1 80  GLU 80  82  82  GLU GLU A . n 
A 1 81  GLN 81  83  83  GLN GLN A . n 
A 1 82  LEU 82  84  84  LEU LEU A . n 
A 1 83  GLN 83  85  85  GLN GLN A . n 
A 1 84  VAL 84  86  86  VAL VAL A . n 
A 1 85  MET 85  87  87  MET MET A . n 
A 1 86  ARG 86  88  88  ARG ARG A . n 
A 1 87  ASP 87  89  89  ASP ASP A . n 
A 1 88  LEU 88  90  90  LEU LEU A . n 
A 1 89  ALA 89  91  91  ALA ALA A . n 
A 1 90  ALA 90  92  92  ALA ALA A . n 
A 1 91  LYS 91  93  93  LYS LYS A . n 
A 1 92  ASN 92  94  94  ASN ASN A . n 
A 1 93  ASN 93  95  95  ASN ASN A . n 
A 1 94  THR 94  96  96  THR THR A . n 
A 1 95  GLN 95  97  97  GLN GLN A . n 
A 1 96  VAL 96  98  98  VAL VAL A . n 
A 1 97  SER 97  99  99  SER SER A . n 
A 1 98  ARG 98  100 100 ARG ARG A . n 
A 1 99  SER 99  101 101 SER SER A . n 
A 1 100 TYR 100 102 102 TYR TYR A . n 
A 1 101 GLY 101 103 103 GLY GLY A . n 
A 1 102 ILE 102 104 104 ILE ILE A . n 
A 1 103 LEU 103 105 105 LEU LEU A . n 
A 1 104 SER 104 106 106 SER SER A . n 
A 1 105 ASN 105 107 107 ASN ASN A . n 
A 1 106 ASN 106 108 108 ASN ASN A . n 
A 1 107 THR 107 109 109 THR THR A . n 
A 1 108 LYS 108 110 110 LYS LYS A . n 
A 1 109 LEU 109 111 111 LEU LEU A . n 
A 1 110 ALA 110 112 112 ALA ALA A . n 
A 1 111 PHE 111 113 113 PHE PHE A . n 
A 1 112 TRP 112 114 114 TRP TRP A . n 
A 1 113 TYR 113 115 115 TYR TYR A . n 
A 1 114 GLU 114 116 116 GLU GLU A . n 
A 1 115 LEU 115 117 117 LEU LEU A . n 
A 1 116 SER 116 118 118 SER SER A . n 
A 1 117 GLU 117 119 119 GLU GLU A . n 
A 1 118 LEU 118 120 120 LEU LEU A . n 
A 1 119 MET 119 121 121 MET MET A . n 
A 1 120 VAL 120 122 122 VAL VAL A . n 
A 1 121 LYS 121 123 123 LYS LYS A . n 
A 1 122 GLY 122 124 124 GLY GLY A . n 
A 1 123 PHE 123 125 125 PHE PHE A . n 
A 1 124 VAL 124 126 126 VAL VAL A . n 
A 1 125 VAL 125 127 127 VAL VAL A . n 
A 1 126 PRO 126 128 128 PRO PRO A . n 
A 1 127 VAL 127 129 129 VAL VAL A . n 
A 1 128 PRO 128 130 130 PRO PRO A . n 
A 1 129 THR 129 131 131 THR THR A . n 
A 1 130 ASP 130 132 132 ASP ASP A . n 
A 1 131 TYR 131 133 133 TYR TYR A . n 
A 1 132 LYS 132 134 134 LYS LYS A . n 
A 1 133 ILE 133 135 135 ILE ILE A . n 
A 1 134 SER 134 136 136 SER SER A . n 
A 1 135 ARG 135 137 137 ARG ARG A . n 
A 1 136 ASP 136 138 138 ASP ASP A . n 
A 1 137 GLY 137 139 139 GLY GLY A . n 
A 1 138 SER 138 140 140 SER SER A . n 
A 1 139 GLN 139 141 141 GLN GLN A . n 
A 1 140 VAL 140 142 142 VAL VAL A . n 
A 1 141 LEU 141 143 143 LEU LEU A . n 
A 1 142 GLU 142 144 144 GLU GLU A . n 
A 1 143 ALA 143 145 145 ALA ALA A . n 
A 1 144 LEU 144 146 146 LEU LEU A . n 
A 1 145 LYS 145 147 147 LYS LYS A . n 
A 1 146 GLY 146 148 148 GLY GLY A . n 
A 1 147 LEU 147 149 149 LEU LEU A . n 
A 1 148 ASP 148 150 150 ASP ASP A . n 
A 1 149 PHE 149 151 151 PHE PHE A . n 
A 1 150 CYS 150 152 152 CYS CYS A . n 
A 1 151 GLN 151 153 153 GLN GLN A . n 
A 1 152 GLN 152 154 154 GLN GLN A . n 
A 1 153 ILE 153 155 155 ILE ILE A . n 
A 1 154 THR 154 156 156 THR THR A . n 
A 1 155 VAL 155 157 157 VAL VAL A . n 
A 1 156 LEU 156 158 158 LEU LEU A . n 
A 1 157 ARG 157 159 159 ARG ARG A . n 
A 1 158 LYS 158 160 160 LYS LYS A . n 
A 1 159 VAL 159 161 161 VAL VAL A . n 
A 1 160 VAL 160 162 162 VAL VAL A . n 
A 1 161 ALA 161 163 163 ALA ALA A . n 
A 1 162 ASP 162 164 164 ASP ASP A . n 
A 1 163 MET 163 165 165 MET MET A . n 
A 1 164 GLY 164 166 166 GLY GLY A . n 
A 1 165 VAL 165 167 167 VAL VAL A . n 
A 1 166 ASP 166 168 168 ASP ASP A . n 
A 1 167 PRO 167 169 169 PRO PRO A . n 
A 1 168 LEU 168 170 170 LEU LEU A . n 
A 1 169 ALA 169 171 171 ALA ALA A . n 
# 
loop_
_software.citation_id 
_software.classification 
_software.compiler_name 
_software.compiler_version 
_software.contact_author 
_software.contact_author_email 
_software.date 
_software.description 
_software.dependencies 
_software.hardware 
_software.language 
_software.location 
_software.mods 
_software.name 
_software.os 
_software.os_version 
_software.type 
_software.version 
_software.pdbx_ordinal 
? refinement       ? ? ? ? ? ? ? ? ? ? ? PHENIX    ? ? ? '(1.20.1_4487: ???)' 1 
? 'data reduction' ? ? ? ? ? ? ? ? ? ? ? XDS       ? ? ? .                    2 
? 'data scaling'   ? ? ? ? ? ? ? ? ? ? ? pointless ? ? ? .                    3 
? phasing          ? ? ? ? ? ? ? ? ? ? ? PHASER    ? ? ? .                    4 
# 
_cell.angle_alpha                  90.00 
_cell.angle_alpha_esd              ? 
_cell.angle_beta                   90.00 
_cell.angle_beta_esd               ? 
_cell.angle_gamma                  90.00 
_cell.angle_gamma_esd              ? 
_cell.entry_id                     9H41 
_cell.details                      ? 
_cell.formula_units_Z              ? 
_cell.length_a                     60.871 
_cell.length_a_esd                 ? 
_cell.length_b                     60.871 
_cell.length_b_esd                 ? 
_cell.length_c                     112.389 
_cell.length_c_esd                 ? 
_cell.volume                       ? 
_cell.volume_esd                   ? 
_cell.Z_PDB                        8 
_cell.reciprocal_angle_alpha       ? 
_cell.reciprocal_angle_beta        ? 
_cell.reciprocal_angle_gamma       ? 
_cell.reciprocal_angle_alpha_esd   ? 
_cell.reciprocal_angle_beta_esd    ? 
_cell.reciprocal_angle_gamma_esd   ? 
_cell.reciprocal_length_a          ? 
_cell.reciprocal_length_b          ? 
_cell.reciprocal_length_c          ? 
_cell.reciprocal_length_a_esd      ? 
_cell.reciprocal_length_b_esd      ? 
_cell.reciprocal_length_c_esd      ? 
_cell.pdbx_unique_axis             ? 
_cell.pdbx_esd_method              ? 
# 
_symmetry.entry_id                         9H41 
_symmetry.cell_setting                     ? 
_symmetry.Int_Tables_number                96 
_symmetry.space_group_name_Hall            ? 
_symmetry.space_group_name_H-M             'P 43 21 2' 
_symmetry.pdbx_full_space_group_name_H-M   ? 
# 
_exptl.absorpt_coefficient_mu     ? 
_exptl.absorpt_correction_T_max   ? 
_exptl.absorpt_correction_T_min   ? 
_exptl.absorpt_correction_type    ? 
_exptl.absorpt_process_details    ? 
_exptl.entry_id                   9H41 
_exptl.crystals_number            1 
_exptl.details                    ? 
_exptl.method                     'X-RAY DIFFRACTION' 
_exptl.method_details             ? 
# 
_exptl_crystal.colour                       ? 
_exptl_crystal.density_diffrn               ? 
_exptl_crystal.density_Matthews             2.7 
_exptl_crystal.density_method               ? 
_exptl_crystal.density_percent_sol          56.35 
_exptl_crystal.description                  ? 
_exptl_crystal.F_000                        ? 
_exptl_crystal.id                           1 
_exptl_crystal.preparation                  ? 
_exptl_crystal.size_max                     ? 
_exptl_crystal.size_mid                     ? 
_exptl_crystal.size_min                     ? 
_exptl_crystal.size_rad                     ? 
_exptl_crystal.colour_lustre                ? 
_exptl_crystal.colour_modifier              ? 
_exptl_crystal.colour_primary               ? 
_exptl_crystal.density_meas                 ? 
_exptl_crystal.density_meas_esd             ? 
_exptl_crystal.density_meas_gt              ? 
_exptl_crystal.density_meas_lt              ? 
_exptl_crystal.density_meas_temp            ? 
_exptl_crystal.density_meas_temp_esd        ? 
_exptl_crystal.density_meas_temp_gt         ? 
_exptl_crystal.density_meas_temp_lt         ? 
_exptl_crystal.pdbx_crystal_image_url       ? 
_exptl_crystal.pdbx_crystal_image_format    ? 
_exptl_crystal.pdbx_mosaicity               ? 
_exptl_crystal.pdbx_mosaicity_esd           ? 
_exptl_crystal.pdbx_mosaic_method           ? 
_exptl_crystal.pdbx_mosaic_block_size       ? 
_exptl_crystal.pdbx_mosaic_block_size_esd   ? 
# 
_exptl_crystal_grow.apparatus       ? 
_exptl_crystal_grow.atmosphere      ? 
_exptl_crystal_grow.crystal_id      1 
_exptl_crystal_grow.details         ? 
_exptl_crystal_grow.method          'VAPOR DIFFUSION, HANGING DROP' 
_exptl_crystal_grow.method_ref      ? 
_exptl_crystal_grow.pH              8.5 
_exptl_crystal_grow.pressure        ? 
_exptl_crystal_grow.pressure_esd    ? 
_exptl_crystal_grow.seeding         ? 
_exptl_crystal_grow.seeding_ref     ? 
_exptl_crystal_grow.temp_details    ? 
_exptl_crystal_grow.temp_esd        ? 
_exptl_crystal_grow.time            ? 
_exptl_crystal_grow.pdbx_details    
;0.08M Tris pH 8.5, 1.6M Ammonium dihydrogen phosphate,
20% v/v Glycerol
;
_exptl_crystal_grow.pdbx_pH_range   ? 
_exptl_crystal_grow.temp            293 
# 
_diffrn.ambient_environment              ? 
_diffrn.ambient_temp                     100 
_diffrn.ambient_temp_details             ? 
_diffrn.ambient_temp_esd                 ? 
_diffrn.crystal_id                       1 
_diffrn.crystal_support                  ? 
_diffrn.crystal_treatment                ? 
_diffrn.details                          ? 
_diffrn.id                               1 
_diffrn.ambient_pressure                 ? 
_diffrn.ambient_pressure_esd             ? 
_diffrn.ambient_pressure_gt              ? 
_diffrn.ambient_pressure_lt              ? 
_diffrn.ambient_temp_gt                  ? 
_diffrn.ambient_temp_lt                  ? 
_diffrn.pdbx_serial_crystal_experiment   N 
# 
_diffrn_detector.details                      ? 
_diffrn_detector.detector                     PIXEL 
_diffrn_detector.diffrn_id                    1 
_diffrn_detector.type                         'DECTRIS PILATUS 6M' 
_diffrn_detector.area_resol_mean              ? 
_diffrn_detector.dtime                        ? 
_diffrn_detector.pdbx_frames_total            ? 
_diffrn_detector.pdbx_collection_time_total   ? 
_diffrn_detector.pdbx_collection_date         2024-09-15 
_diffrn_detector.pdbx_frequency               ? 
_diffrn_detector.id                           ? 
_diffrn_detector.number_of_axes               ? 
# 
_diffrn_radiation.collimation                      ? 
_diffrn_radiation.diffrn_id                        1 
_diffrn_radiation.filter_edge                      ? 
_diffrn_radiation.inhomogeneity                    ? 
_diffrn_radiation.monochromator                    ? 
_diffrn_radiation.polarisn_norm                    ? 
_diffrn_radiation.polarisn_ratio                   ? 
_diffrn_radiation.probe                            ? 
_diffrn_radiation.type                             ? 
_diffrn_radiation.xray_symbol                      ? 
_diffrn_radiation.wavelength_id                    1 
_diffrn_radiation.pdbx_monochromatic_or_laue_m_l   M 
_diffrn_radiation.pdbx_wavelength_list             ? 
_diffrn_radiation.pdbx_wavelength                  ? 
_diffrn_radiation.pdbx_diffrn_protocol             'SINGLE WAVELENGTH' 
_diffrn_radiation.pdbx_analyzer                    ? 
_diffrn_radiation.pdbx_scattering_type             x-ray 
# 
_diffrn_radiation_wavelength.id           1 
_diffrn_radiation_wavelength.wavelength   0.9655 
_diffrn_radiation_wavelength.wt           1.0 
# 
_diffrn_source.current                     ? 
_diffrn_source.details                     ? 
_diffrn_source.diffrn_id                   1 
_diffrn_source.power                       ? 
_diffrn_source.size                        ? 
_diffrn_source.source                      SYNCHROTRON 
_diffrn_source.target                      ? 
_diffrn_source.type                        'ESRF BEAMLINE MASSIF-1' 
_diffrn_source.voltage                     ? 
_diffrn_source.take-off_angle              ? 
_diffrn_source.pdbx_wavelength_list        0.9655 
_diffrn_source.pdbx_wavelength             ? 
_diffrn_source.pdbx_synchrotron_beamline   MASSIF-1 
_diffrn_source.pdbx_synchrotron_site       ESRF 
# 
_reflns.B_iso_Wilson_estimate                          ? 
_reflns.entry_id                                       9H41 
_reflns.data_reduction_details                         ? 
_reflns.data_reduction_method                          ? 
_reflns.d_resolution_high                              3.09 
_reflns.d_resolution_low                               9.97 
_reflns.details                                        ? 
_reflns.limit_h_max                                    ? 
_reflns.limit_h_min                                    ? 
_reflns.limit_k_max                                    ? 
_reflns.limit_k_min                                    ? 
_reflns.limit_l_max                                    ? 
_reflns.limit_l_min                                    ? 
_reflns.number_all                                     ? 
_reflns.number_obs                                     40807 
_reflns.observed_criterion                             ? 
_reflns.observed_criterion_F_max                       ? 
_reflns.observed_criterion_F_min                       ? 
_reflns.observed_criterion_I_max                       ? 
_reflns.observed_criterion_I_min                       ? 
_reflns.observed_criterion_sigma_F                     ? 
_reflns.observed_criterion_sigma_I                     ? 
_reflns.percent_possible_obs                           96.1 
_reflns.R_free_details                                 ? 
_reflns.Rmerge_F_all                                   ? 
_reflns.Rmerge_F_obs                                   ? 
_reflns.Friedel_coverage                               ? 
_reflns.number_gt                                      ? 
_reflns.threshold_expression                           ? 
_reflns.pdbx_redundancy                                10.1 
_reflns.pdbx_netI_over_av_sigmaI                       ? 
_reflns.pdbx_netI_over_sigmaI                          11.9 
_reflns.pdbx_res_netI_over_av_sigmaI_2                 ? 
_reflns.pdbx_res_netI_over_sigmaI_2                    ? 
_reflns.pdbx_chi_squared                               ? 
_reflns.pdbx_scaling_rejects                           ? 
_reflns.pdbx_d_res_high_opt                            ? 
_reflns.pdbx_d_res_low_opt                             ? 
_reflns.pdbx_d_res_opt_method                          ? 
_reflns.phase_calculation_details                      ? 
_reflns.pdbx_Rrim_I_all                                ? 
_reflns.pdbx_Rpim_I_all                                ? 
_reflns.pdbx_d_opt                                     ? 
_reflns.pdbx_number_measured_all                       ? 
_reflns.pdbx_diffrn_id                                 1 
_reflns.pdbx_ordinal                                   1 
_reflns.pdbx_CC_half                                   0.994 
_reflns.pdbx_CC_star                                   ? 
_reflns.pdbx_R_split                                   ? 
_reflns.pdbx_Rmerge_I_obs                              0.14 
_reflns.pdbx_Rmerge_I_all                              ? 
_reflns.pdbx_Rsym_value                                ? 
_reflns.pdbx_CC_split_method                           ? 
_reflns.pdbx_aniso_diffraction_limit_axis_1_ortho[1]   ? 
_reflns.pdbx_aniso_diffraction_limit_axis_1_ortho[2]   ? 
_reflns.pdbx_aniso_diffraction_limit_axis_1_ortho[3]   ? 
_reflns.pdbx_aniso_diffraction_limit_axis_2_ortho[1]   ? 
_reflns.pdbx_aniso_diffraction_limit_axis_2_ortho[2]   ? 
_reflns.pdbx_aniso_diffraction_limit_axis_2_ortho[3]   ? 
_reflns.pdbx_aniso_diffraction_limit_axis_3_ortho[1]   ? 
_reflns.pdbx_aniso_diffraction_limit_axis_3_ortho[2]   ? 
_reflns.pdbx_aniso_diffraction_limit_axis_3_ortho[3]   ? 
_reflns.pdbx_aniso_diffraction_limit_1                 ? 
_reflns.pdbx_aniso_diffraction_limit_2                 ? 
_reflns.pdbx_aniso_diffraction_limit_3                 ? 
_reflns.pdbx_aniso_B_tensor_eigenvector_1_ortho[1]     ? 
_reflns.pdbx_aniso_B_tensor_eigenvector_1_ortho[2]     ? 
_reflns.pdbx_aniso_B_tensor_eigenvector_1_ortho[3]     ? 
_reflns.pdbx_aniso_B_tensor_eigenvector_2_ortho[1]     ? 
_reflns.pdbx_aniso_B_tensor_eigenvector_2_ortho[2]     ? 
_reflns.pdbx_aniso_B_tensor_eigenvector_2_ortho[3]     ? 
_reflns.pdbx_aniso_B_tensor_eigenvector_3_ortho[1]     ? 
_reflns.pdbx_aniso_B_tensor_eigenvector_3_ortho[2]     ? 
_reflns.pdbx_aniso_B_tensor_eigenvector_3_ortho[3]     ? 
_reflns.pdbx_aniso_B_tensor_eigenvalue_1               ? 
_reflns.pdbx_aniso_B_tensor_eigenvalue_2               ? 
_reflns.pdbx_aniso_B_tensor_eigenvalue_3               ? 
_reflns.pdbx_orthogonalization_convention              ? 
_reflns.pdbx_percent_possible_ellipsoidal              ? 
_reflns.pdbx_percent_possible_spherical                ? 
_reflns.pdbx_percent_possible_ellipsoidal_anomalous    ? 
_reflns.pdbx_percent_possible_spherical_anomalous      ? 
_reflns.pdbx_redundancy_anomalous                      ? 
_reflns.pdbx_CC_half_anomalous                         ? 
_reflns.pdbx_absDiff_over_sigma_anomalous              ? 
_reflns.pdbx_percent_possible_anomalous                ? 
_reflns.pdbx_observed_signal_threshold                 ? 
_reflns.pdbx_signal_type                               ? 
_reflns.pdbx_signal_details                            ? 
_reflns.pdbx_signal_software_id                        ? 
# 
_reflns_shell.d_res_high                                    3.09 
_reflns_shell.d_res_low                                     3.34 
_reflns_shell.meanI_over_sigI_all                           ? 
_reflns_shell.meanI_over_sigI_obs                           ? 
_reflns_shell.number_measured_all                           ? 
_reflns_shell.number_measured_obs                           ? 
_reflns_shell.number_possible                               ? 
_reflns_shell.number_unique_all                             ? 
_reflns_shell.number_unique_obs                             4175 
_reflns_shell.percent_possible_obs                          ? 
_reflns_shell.Rmerge_F_all                                  ? 
_reflns_shell.Rmerge_F_obs                                  ? 
_reflns_shell.meanI_over_sigI_gt                            ? 
_reflns_shell.meanI_over_uI_all                             ? 
_reflns_shell.meanI_over_uI_gt                              ? 
_reflns_shell.number_measured_gt                            ? 
_reflns_shell.number_unique_gt                              ? 
_reflns_shell.percent_possible_gt                           ? 
_reflns_shell.Rmerge_F_gt                                   ? 
_reflns_shell.Rmerge_I_gt                                   ? 
_reflns_shell.pdbx_redundancy                               ? 
_reflns_shell.pdbx_chi_squared                              ? 
_reflns_shell.pdbx_netI_over_sigmaI_all                     ? 
_reflns_shell.pdbx_netI_over_sigmaI_obs                     ? 
_reflns_shell.pdbx_Rrim_I_all                               ? 
_reflns_shell.pdbx_Rpim_I_all                               ? 
_reflns_shell.pdbx_rejects                                  ? 
_reflns_shell.pdbx_ordinal                                  1 
_reflns_shell.pdbx_diffrn_id                                1 
_reflns_shell.pdbx_CC_half                                  0.943 
_reflns_shell.pdbx_CC_star                                  ? 
_reflns_shell.pdbx_R_split                                  ? 
_reflns_shell.percent_possible_all                          ? 
_reflns_shell.Rmerge_I_all                                  ? 
_reflns_shell.Rmerge_I_obs                                  ? 
_reflns_shell.pdbx_Rsym_value                               ? 
_reflns_shell.pdbx_percent_possible_ellipsoidal             ? 
_reflns_shell.pdbx_percent_possible_spherical               ? 
_reflns_shell.pdbx_percent_possible_ellipsoidal_anomalous   ? 
_reflns_shell.pdbx_percent_possible_spherical_anomalous     ? 
_reflns_shell.pdbx_redundancy_anomalous                     ? 
_reflns_shell.pdbx_CC_half_anomalous                        ? 
_reflns_shell.pdbx_absDiff_over_sigma_anomalous             ? 
_reflns_shell.pdbx_percent_possible_anomalous               ? 
# 
_refine.aniso_B[1][1]                            ? 
_refine.aniso_B[1][2]                            ? 
_refine.aniso_B[1][3]                            ? 
_refine.aniso_B[2][2]                            ? 
_refine.aniso_B[2][3]                            ? 
_refine.aniso_B[3][3]                            ? 
_refine.B_iso_max                                ? 
_refine.B_iso_mean                               ? 
_refine.B_iso_min                                ? 
_refine.correlation_coeff_Fo_to_Fc               ? 
_refine.correlation_coeff_Fo_to_Fc_free          ? 
_refine.details                                  ? 
_refine.diff_density_max                         ? 
_refine.diff_density_max_esd                     ? 
_refine.diff_density_min                         ? 
_refine.diff_density_min_esd                     ? 
_refine.diff_density_rms                         ? 
_refine.diff_density_rms_esd                     ? 
_refine.entry_id                                 9H41 
_refine.pdbx_refine_id                           'X-RAY DIFFRACTION' 
_refine.ls_abs_structure_details                 ? 
_refine.ls_abs_structure_Flack                   ? 
_refine.ls_abs_structure_Flack_esd               ? 
_refine.ls_abs_structure_Rogers                  ? 
_refine.ls_abs_structure_Rogers_esd              ? 
_refine.ls_d_res_high                            3.09 
_refine.ls_d_res_low                             9.97 
_refine.ls_extinction_coef                       ? 
_refine.ls_extinction_coef_esd                   ? 
_refine.ls_extinction_expression                 ? 
_refine.ls_extinction_method                     ? 
_refine.ls_goodness_of_fit_all                   ? 
_refine.ls_goodness_of_fit_all_esd               ? 
_refine.ls_goodness_of_fit_obs                   ? 
_refine.ls_goodness_of_fit_obs_esd               ? 
_refine.ls_hydrogen_treatment                    ? 
_refine.ls_matrix_type                           ? 
_refine.ls_number_constraints                    ? 
_refine.ls_number_parameters                     ? 
_refine.ls_number_reflns_all                     ? 
_refine.ls_number_reflns_obs                     7010 
_refine.ls_number_reflns_R_free                  347 
_refine.ls_number_reflns_R_work                  ? 
_refine.ls_number_restraints                     ? 
_refine.ls_percent_reflns_obs                    98.12 
_refine.ls_percent_reflns_R_free                 4.95 
_refine.ls_R_factor_all                          ? 
_refine.ls_R_factor_obs                          0.2039 
_refine.ls_R_factor_R_free                       0.2425 
_refine.ls_R_factor_R_free_error                 ? 
_refine.ls_R_factor_R_free_error_details         ? 
_refine.ls_R_factor_R_work                       0.2018 
_refine.ls_R_Fsqd_factor_obs                     ? 
_refine.ls_R_I_factor_obs                        ? 
_refine.ls_redundancy_reflns_all                 ? 
_refine.ls_redundancy_reflns_obs                 ? 
_refine.ls_restrained_S_all                      ? 
_refine.ls_restrained_S_obs                      ? 
_refine.ls_shift_over_esd_max                    ? 
_refine.ls_shift_over_esd_mean                   ? 
_refine.ls_structure_factor_coef                 ? 
_refine.ls_weighting_details                     ? 
_refine.ls_weighting_scheme                      ? 
_refine.ls_wR_factor_all                         ? 
_refine.ls_wR_factor_obs                         ? 
_refine.ls_wR_factor_R_free                      ? 
_refine.ls_wR_factor_R_work                      ? 
_refine.occupancy_max                            ? 
_refine.occupancy_min                            ? 
_refine.solvent_model_details                    'FLAT BULK SOLVENT MODEL' 
_refine.solvent_model_param_bsol                 ? 
_refine.solvent_model_param_ksol                 ? 
_refine.pdbx_R_complete                          ? 
_refine.ls_R_factor_gt                           ? 
_refine.ls_goodness_of_fit_gt                    ? 
_refine.ls_goodness_of_fit_ref                   ? 
_refine.ls_shift_over_su_max                     ? 
_refine.ls_shift_over_su_max_lt                  ? 
_refine.ls_shift_over_su_mean                    ? 
_refine.ls_shift_over_su_mean_lt                 ? 
_refine.pdbx_ls_sigma_I                          ? 
_refine.pdbx_ls_sigma_F                          1.34 
_refine.pdbx_ls_sigma_Fsqd                       ? 
_refine.pdbx_data_cutoff_high_absF               ? 
_refine.pdbx_data_cutoff_high_rms_absF           ? 
_refine.pdbx_data_cutoff_low_absF                ? 
_refine.pdbx_isotropic_thermal_model             ? 
_refine.pdbx_ls_cross_valid_method               'FREE R-VALUE' 
_refine.pdbx_method_to_determine_struct          'MOLECULAR REPLACEMENT' 
_refine.pdbx_starting_model                      ? 
_refine.pdbx_stereochemistry_target_values       ML 
_refine.pdbx_R_Free_selection_details            ? 
_refine.pdbx_stereochem_target_val_spec_case     ? 
_refine.pdbx_overall_ESU_R                       ? 
_refine.pdbx_overall_ESU_R_Free                  ? 
_refine.pdbx_solvent_vdw_probe_radii             1.10 
_refine.pdbx_solvent_ion_probe_radii             ? 
_refine.pdbx_solvent_shrinkage_radii             0.90 
_refine.pdbx_real_space_R                        ? 
_refine.pdbx_density_correlation                 ? 
_refine.pdbx_pd_number_of_powder_patterns        ? 
_refine.pdbx_pd_number_of_points                 ? 
_refine.pdbx_pd_meas_number_of_points            ? 
_refine.pdbx_pd_proc_ls_prof_R_factor            ? 
_refine.pdbx_pd_proc_ls_prof_wR_factor           ? 
_refine.pdbx_pd_Marquardt_correlation_coeff      ? 
_refine.pdbx_pd_Fsqrd_R_factor                   ? 
_refine.pdbx_pd_ls_matrix_band_width             ? 
_refine.pdbx_overall_phase_error                 23.62 
_refine.pdbx_overall_SU_R_free_Cruickshank_DPI   ? 
_refine.pdbx_overall_SU_R_free_Blow_DPI          ? 
_refine.pdbx_overall_SU_R_Blow_DPI               ? 
_refine.pdbx_TLS_residual_ADP_flag               ? 
_refine.pdbx_diffrn_id                           1 
_refine.overall_SU_B                             ? 
_refine.overall_SU_ML                            0.26 
_refine.overall_SU_R_Cruickshank_DPI             ? 
_refine.overall_SU_R_free                        ? 
_refine.overall_FOM_free_R_set                   ? 
_refine.overall_FOM_work_R_set                   ? 
_refine.pdbx_average_fsc_overall                 ? 
_refine.pdbx_average_fsc_work                    ? 
_refine.pdbx_average_fsc_free                    ? 
# 
_refine_hist.pdbx_refine_id                   'X-RAY DIFFRACTION' 
_refine_hist.cycle_id                         LAST 
_refine_hist.details                          ? 
_refine_hist.d_res_high                       3.09 
_refine_hist.d_res_low                        9.97 
_refine_hist.number_atoms_solvent             0 
_refine_hist.number_atoms_total               1160 
_refine_hist.number_reflns_all                ? 
_refine_hist.number_reflns_obs                ? 
_refine_hist.number_reflns_R_free             ? 
_refine_hist.number_reflns_R_work             ? 
_refine_hist.R_factor_all                     ? 
_refine_hist.R_factor_obs                     ? 
_refine_hist.R_factor_R_free                  ? 
_refine_hist.R_factor_R_work                  ? 
_refine_hist.pdbx_number_residues_total       ? 
_refine_hist.pdbx_B_iso_mean_ligand           ? 
_refine_hist.pdbx_B_iso_mean_solvent          ? 
_refine_hist.pdbx_number_atoms_protein        1160 
_refine_hist.pdbx_number_atoms_nucleic_acid   0 
_refine_hist.pdbx_number_atoms_ligand         0 
_refine_hist.pdbx_number_atoms_lipid          ? 
_refine_hist.pdbx_number_atoms_carb           ? 
_refine_hist.pdbx_pseudo_atom_details         ? 
# 
loop_
_refine_ls_restr.pdbx_refine_id 
_refine_ls_restr.criterion 
_refine_ls_restr.dev_ideal 
_refine_ls_restr.dev_ideal_target 
_refine_ls_restr.number 
_refine_ls_restr.rejects 
_refine_ls_restr.type 
_refine_ls_restr.weight 
_refine_ls_restr.pdbx_restraint_function 
'X-RAY DIFFRACTION' ? 0.010 ? ?   ? f_bond_d           ? ? 
'X-RAY DIFFRACTION' ? 1.161 ? ?   ? f_angle_d          ? ? 
'X-RAY DIFFRACTION' ? 6.163 ? 158 ? f_dihedral_angle_d ? ? 
'X-RAY DIFFRACTION' ? 0.074 ? 188 ? f_chiral_restr     ? ? 
'X-RAY DIFFRACTION' ? 0.007 ? 203 ? f_plane_restr      ? ? 
# 
loop_
_refine_ls_shell.pdbx_refine_id 
_refine_ls_shell.d_res_high 
_refine_ls_shell.d_res_low 
_refine_ls_shell.number_reflns_all 
_refine_ls_shell.number_reflns_obs 
_refine_ls_shell.number_reflns_R_free 
_refine_ls_shell.number_reflns_R_work 
_refine_ls_shell.percent_reflns_obs 
_refine_ls_shell.percent_reflns_R_free 
_refine_ls_shell.R_factor_all 
_refine_ls_shell.R_factor_obs 
_refine_ls_shell.R_factor_R_free_error 
_refine_ls_shell.R_factor_R_work 
_refine_ls_shell.redundancy_reflns_all 
_refine_ls_shell.redundancy_reflns_obs 
_refine_ls_shell.wR_factor_all 
_refine_ls_shell.wR_factor_obs 
_refine_ls_shell.wR_factor_R_free 
_refine_ls_shell.wR_factor_R_work 
_refine_ls_shell.pdbx_R_complete 
_refine_ls_shell.pdbx_total_number_of_bins_used 
_refine_ls_shell.pdbx_phase_error 
_refine_ls_shell.pdbx_fsc_work 
_refine_ls_shell.pdbx_fsc_free 
_refine_ls_shell.R_factor_R_free 
'X-RAY DIFFRACTION' 3.09 3.86 . . 179 3257 96.00  . . . . 0.2308 . . . . . . . . . . . 0.2624 
'X-RAY DIFFRACTION' 3.86 9.97 . . 168 3406 100.00 . . . . 0.1837 . . . . . . . . . . . 0.2292 
# 
_struct.entry_id                     9H41 
_struct.title                        'Apo-Helical Carotenoid Protein 4 (HCP4) from Anabaena G152C mutant' 
_struct.pdbx_model_details           ? 
_struct.pdbx_formula_weight          ? 
_struct.pdbx_formula_weight_method   ? 
_struct.pdbx_model_type_details      ? 
_struct.pdbx_CASP_flag               N 
# 
_struct_keywords.entry_id        9H41 
_struct_keywords.text            
'Non photochemical quenching Orange carotenoid binding protein Cyanobacteria Phycobilisome Photoprotection, PHOTOSYNTHESIS' 
_struct_keywords.pdbx_keywords   PHOTOSYNTHESIS 
# 
_struct_asym.id                            A 
_struct_asym.pdbx_blank_PDB_chainid_flag   N 
_struct_asym.pdbx_modified                 N 
_struct_asym.entity_id                     1 
_struct_asym.details                       ? 
# 
_struct_ref.id                         1 
_struct_ref.db_name                    UNP 
_struct_ref.db_code                    CROTO_NOSS1 
_struct_ref.pdbx_db_accession          Q8YMJ2 
_struct_ref.pdbx_db_isoform            ? 
_struct_ref.entity_id                  1 
_struct_ref.pdbx_seq_one_letter_code   
;TFTSDSASTRFSQAFGIQTGDAVASTITVFQALSIDDQLAVLWYAYTEMGRSITPAATGAARLQLAEGLLNQIKQMSHAE
QLQVMRDLAAKNNTQVSRSYGILSNNTKLAFWYELSELMVKGFVVPVPTDYKISRDGSQVLEALKGLDFGQQITVLRKVV
ADMGVDPLA
;
_struct_ref.pdbx_align_begin           2 
# 
_struct_ref_seq.align_id                      1 
_struct_ref_seq.ref_id                        1 
_struct_ref_seq.pdbx_PDB_id_code              9H41 
_struct_ref_seq.pdbx_strand_id                A 
_struct_ref_seq.seq_align_beg                 1 
_struct_ref_seq.pdbx_seq_align_beg_ins_code   ? 
_struct_ref_seq.seq_align_end                 169 
_struct_ref_seq.pdbx_seq_align_end_ins_code   ? 
_struct_ref_seq.pdbx_db_accession             Q8YMJ2 
_struct_ref_seq.db_align_beg                  2 
_struct_ref_seq.pdbx_db_align_beg_ins_code    ? 
_struct_ref_seq.db_align_end                  170 
_struct_ref_seq.pdbx_db_align_end_ins_code    ? 
_struct_ref_seq.pdbx_auth_seq_align_beg       3 
_struct_ref_seq.pdbx_auth_seq_align_end       171 
# 
_struct_ref_seq_dif.align_id                     1 
_struct_ref_seq_dif.pdbx_pdb_id_code             9H41 
_struct_ref_seq_dif.mon_id                       CYS 
_struct_ref_seq_dif.pdbx_pdb_strand_id           A 
_struct_ref_seq_dif.seq_num                      150 
_struct_ref_seq_dif.pdbx_pdb_ins_code            ? 
_struct_ref_seq_dif.pdbx_seq_db_name             UNP 
_struct_ref_seq_dif.pdbx_seq_db_accession_code   Q8YMJ2 
_struct_ref_seq_dif.db_mon_id                    GLY 
_struct_ref_seq_dif.pdbx_seq_db_seq_num          151 
_struct_ref_seq_dif.details                      'engineered mutation' 
_struct_ref_seq_dif.pdbx_auth_seq_num            152 
_struct_ref_seq_dif.pdbx_ordinal                 1 
# 
loop_
_pdbx_struct_assembly.id 
_pdbx_struct_assembly.details 
_pdbx_struct_assembly.method_details 
_pdbx_struct_assembly.oligomeric_details 
_pdbx_struct_assembly.oligomeric_count 
1 author_defined_assembly   ?    monomeric 1 
2 software_defined_assembly PISA dimeric   2 
# 
loop_
_pdbx_struct_assembly_prop.biol_id 
_pdbx_struct_assembly_prop.type 
_pdbx_struct_assembly_prop.value 
_pdbx_struct_assembly_prop.details 
1 'ABSA (A^2)' 0     ? 
1 MORE         0     ? 
1 'SSA (A^2)'  8140  ? 
2 'ABSA (A^2)' 840   ? 
2 MORE         -12   ? 
2 'SSA (A^2)'  15440 ? 
# 
loop_
_pdbx_struct_assembly_gen.assembly_id 
_pdbx_struct_assembly_gen.oper_expression 
_pdbx_struct_assembly_gen.asym_id_list 
1 1   A 
2 1,2 A 
# 
_pdbx_struct_assembly_auth_evidence.id                     1 
_pdbx_struct_assembly_auth_evidence.assembly_id            1 
_pdbx_struct_assembly_auth_evidence.experimental_support   none 
_pdbx_struct_assembly_auth_evidence.details                ? 
# 
loop_
_pdbx_struct_oper_list.id 
_pdbx_struct_oper_list.type 
_pdbx_struct_oper_list.name 
_pdbx_struct_oper_list.symmetry_operation 
_pdbx_struct_oper_list.matrix[1][1] 
_pdbx_struct_oper_list.matrix[1][2] 
_pdbx_struct_oper_list.matrix[1][3] 
_pdbx_struct_oper_list.vector[1] 
_pdbx_struct_oper_list.matrix[2][1] 
_pdbx_struct_oper_list.matrix[2][2] 
_pdbx_struct_oper_list.matrix[2][3] 
_pdbx_struct_oper_list.vector[2] 
_pdbx_struct_oper_list.matrix[3][1] 
_pdbx_struct_oper_list.matrix[3][2] 
_pdbx_struct_oper_list.matrix[3][3] 
_pdbx_struct_oper_list.vector[3] 
1 'identity operation'         1_555 x,y,z        1.0000000000 0.0000000000  0.0000000000 0.0000000000 0.0000000000  1.0000000000  0.0000000000  0.0000000000  0.0000000000 0.0000000000  1.0000000000  0.0000000000   
2 'crystal symmetry operation' 8_555 -y,-x,-z+1/2 0.7955887289 -0.1570509374 0.5851269756 9.9565231767 -0.1570509374 -0.9862635600 -0.0511780557 18.2800069919 0.5851269756 -0.0511780557 -0.8093251689 -25.6473025308 
# 
loop_
_struct_conf.conf_type_id 
_struct_conf.id 
_struct_conf.pdbx_PDB_helix_id 
_struct_conf.beg_label_comp_id 
_struct_conf.beg_label_asym_id 
_struct_conf.beg_label_seq_id 
_struct_conf.pdbx_beg_PDB_ins_code 
_struct_conf.end_label_comp_id 
_struct_conf.end_label_asym_id 
_struct_conf.end_label_seq_id 
_struct_conf.pdbx_end_PDB_ins_code 
_struct_conf.beg_auth_comp_id 
_struct_conf.beg_auth_asym_id 
_struct_conf.beg_auth_seq_id 
_struct_conf.end_auth_comp_id 
_struct_conf.end_auth_asym_id 
_struct_conf.end_auth_seq_id 
_struct_conf.pdbx_PDB_helix_class 
_struct_conf.details 
_struct_conf.pdbx_PDB_helix_length 
HELX_P HELX_P1 AA1 ALA A 22  ? ALA A 32  ? ALA A 24  ALA A 34  1 ? 11 
HELX_P HELX_P2 AA2 SER A 34  ? GLY A 50  ? SER A 36  GLY A 52  1 ? 17 
HELX_P HELX_P3 AA3 GLU A 67  ? GLN A 75  ? GLU A 69  GLN A 77  1 ? 9  
HELX_P HELX_P4 AA4 SER A 77  ? ALA A 90  ? SER A 79  ALA A 92  1 ? 14 
HELX_P HELX_P5 AA5 THR A 94  ? ILE A 102 ? THR A 96  ILE A 104 1 ? 9  
HELX_P HELX_P6 AA6 SER A 104 ? LYS A 121 ? SER A 106 LYS A 123 1 ? 18 
HELX_P HELX_P7 AA7 SER A 134 ? GLY A 146 ? SER A 136 GLY A 148 1 ? 13 
HELX_P HELX_P8 AA8 ASP A 148 ? ASP A 162 ? ASP A 150 ASP A 164 1 ? 15 
# 
_struct_conf_type.id          HELX_P 
_struct_conf_type.criteria    ? 
_struct_conf_type.reference   ? 
# 
_struct_conn.id                            disulf1 
_struct_conn.conn_type_id                  disulf 
_struct_conn.pdbx_leaving_atom_flag        ? 
_struct_conn.pdbx_PDB_id                   ? 
_struct_conn.ptnr1_label_asym_id           A 
_struct_conn.ptnr1_label_comp_id           CYS 
_struct_conn.ptnr1_label_seq_id            150 
_struct_conn.ptnr1_label_atom_id           SG 
_struct_conn.pdbx_ptnr1_label_alt_id       ? 
_struct_conn.pdbx_ptnr1_PDB_ins_code       ? 
_struct_conn.pdbx_ptnr1_standard_comp_id   ? 
_struct_conn.ptnr1_symmetry                1_555 
_struct_conn.ptnr2_label_asym_id           A 
_struct_conn.ptnr2_label_comp_id           CYS 
_struct_conn.ptnr2_label_seq_id            150 
_struct_conn.ptnr2_label_atom_id           SG 
_struct_conn.pdbx_ptnr2_label_alt_id       ? 
_struct_conn.pdbx_ptnr2_PDB_ins_code       ? 
_struct_conn.ptnr1_auth_asym_id            A 
_struct_conn.ptnr1_auth_comp_id            CYS 
_struct_conn.ptnr1_auth_seq_id             152 
_struct_conn.ptnr2_auth_asym_id            A 
_struct_conn.ptnr2_auth_comp_id            CYS 
_struct_conn.ptnr2_auth_seq_id             152 
_struct_conn.ptnr2_symmetry                8_555 
_struct_conn.pdbx_ptnr3_label_atom_id      ? 
_struct_conn.pdbx_ptnr3_label_seq_id       ? 
_struct_conn.pdbx_ptnr3_label_comp_id      ? 
_struct_conn.pdbx_ptnr3_label_asym_id      ? 
_struct_conn.pdbx_ptnr3_label_alt_id       ? 
_struct_conn.pdbx_ptnr3_PDB_ins_code       ? 
_struct_conn.details                       ? 
_struct_conn.pdbx_dist_value               2.051 
_struct_conn.pdbx_value_order              ? 
_struct_conn.pdbx_role                     ? 
# 
_struct_conn_type.id          disulf 
_struct_conn_type.criteria    ? 
_struct_conn_type.reference   ? 
# 
_pdbx_modification_feature.ordinal                            1 
_pdbx_modification_feature.label_comp_id                      CYS 
_pdbx_modification_feature.label_asym_id                      A 
_pdbx_modification_feature.label_seq_id                       150 
_pdbx_modification_feature.label_alt_id                       ? 
_pdbx_modification_feature.modified_residue_label_comp_id     CYS 
_pdbx_modification_feature.modified_residue_label_asym_id     A 
_pdbx_modification_feature.modified_residue_label_seq_id      150 
_pdbx_modification_feature.modified_residue_label_alt_id      ? 
_pdbx_modification_feature.auth_comp_id                       CYS 
_pdbx_modification_feature.auth_asym_id                       A 
_pdbx_modification_feature.auth_seq_id                        152 
_pdbx_modification_feature.PDB_ins_code                       ? 
_pdbx_modification_feature.symmetry                           1_555 
_pdbx_modification_feature.modified_residue_auth_comp_id      CYS 
_pdbx_modification_feature.modified_residue_auth_asym_id      A 
_pdbx_modification_feature.modified_residue_auth_seq_id       152 
_pdbx_modification_feature.modified_residue_PDB_ins_code      ? 
_pdbx_modification_feature.modified_residue_symmetry          8_555 
_pdbx_modification_feature.comp_id_linking_atom               SG 
_pdbx_modification_feature.modified_residue_id_linking_atom   SG 
_pdbx_modification_feature.modified_residue_id                . 
_pdbx_modification_feature.ref_pcm_id                         . 
_pdbx_modification_feature.ref_comp_id                        . 
_pdbx_modification_feature.type                               None 
_pdbx_modification_feature.category                           'Disulfide bridge' 
# 
_pdbx_entry_details.entry_id                   9H41 
_pdbx_entry_details.compound_details           ? 
_pdbx_entry_details.source_details             ? 
_pdbx_entry_details.nonpolymer_details         ? 
_pdbx_entry_details.sequence_details           ? 
_pdbx_entry_details.has_ligand_of_interest     ? 
_pdbx_entry_details.has_protein_modification   Y 
# 
_pdbx_validate_symm_contact.id                1 
_pdbx_validate_symm_contact.PDB_model_num     1 
_pdbx_validate_symm_contact.auth_atom_id_1    O 
_pdbx_validate_symm_contact.auth_asym_id_1    A 
_pdbx_validate_symm_contact.auth_comp_id_1    THR 
_pdbx_validate_symm_contact.auth_seq_id_1     49 
_pdbx_validate_symm_contact.PDB_ins_code_1    ? 
_pdbx_validate_symm_contact.label_alt_id_1    ? 
_pdbx_validate_symm_contact.site_symmetry_1   1_555 
_pdbx_validate_symm_contact.auth_atom_id_2    NH1 
_pdbx_validate_symm_contact.auth_asym_id_2    A 
_pdbx_validate_symm_contact.auth_comp_id_2    ARG 
_pdbx_validate_symm_contact.auth_seq_id_2     100 
_pdbx_validate_symm_contact.PDB_ins_code_2    ? 
_pdbx_validate_symm_contact.label_alt_id_2    ? 
_pdbx_validate_symm_contact.site_symmetry_2   6_545 
_pdbx_validate_symm_contact.dist              2.14 
# 
loop_
_pdbx_validate_torsion.id 
_pdbx_validate_torsion.PDB_model_num 
_pdbx_validate_torsion.auth_comp_id 
_pdbx_validate_torsion.auth_asym_id 
_pdbx_validate_torsion.auth_seq_id 
_pdbx_validate_torsion.PDB_ins_code 
_pdbx_validate_torsion.label_alt_id 
_pdbx_validate_torsion.phi 
_pdbx_validate_torsion.psi 
1 1 ALA A 16  ? ? -108.52 49.84   
2 1 ILE A 19  ? ? -88.06  -152.53 
3 1 ALA A 24  ? ? 62.90   -53.58  
4 1 PRO A 57  ? ? -42.90  154.22  
5 1 VAL A 129 ? ? 65.21   156.52  
# 
loop_
_pdbx_unobs_or_zero_occ_residues.id 
_pdbx_unobs_or_zero_occ_residues.PDB_model_num 
_pdbx_unobs_or_zero_occ_residues.polymer_flag 
_pdbx_unobs_or_zero_occ_residues.occupancy_flag 
_pdbx_unobs_or_zero_occ_residues.auth_asym_id 
_pdbx_unobs_or_zero_occ_residues.auth_comp_id 
_pdbx_unobs_or_zero_occ_residues.auth_seq_id 
_pdbx_unobs_or_zero_occ_residues.PDB_ins_code 
_pdbx_unobs_or_zero_occ_residues.label_asym_id 
_pdbx_unobs_or_zero_occ_residues.label_comp_id 
_pdbx_unobs_or_zero_occ_residues.label_seq_id 
1  1 Y 1 A THR 3  ? A THR 1  
2  1 Y 1 A PHE 4  ? A PHE 2  
3  1 Y 1 A THR 5  ? A THR 3  
4  1 Y 1 A SER 6  ? A SER 4  
5  1 Y 1 A ASP 7  ? A ASP 5  
6  1 Y 1 A SER 8  ? A SER 6  
7  1 Y 1 A ALA 9  ? A ALA 7  
8  1 Y 1 A SER 10 ? A SER 8  
9  1 Y 1 A THR 11 ? A THR 9  
10 1 Y 1 A ARG 12 ? A ARG 10 
11 1 Y 1 A ALA 59 ? A ALA 57 
12 1 Y 1 A THR 60 ? A THR 58 
13 1 Y 1 A GLY 61 ? A GLY 59 
14 1 Y 1 A ALA 62 ? A ALA 60 
15 1 Y 1 A ALA 63 ? A ALA 61 
16 1 Y 1 A ARG 64 ? A ARG 62 
17 1 Y 1 A LEU 65 ? A LEU 63 
18 1 Y 1 A GLN 66 ? A GLN 64 
19 1 Y 1 A LEU 67 ? A LEU 65 
# 
loop_
_chem_comp_atom.comp_id 
_chem_comp_atom.atom_id 
_chem_comp_atom.type_symbol 
_chem_comp_atom.pdbx_aromatic_flag 
_chem_comp_atom.pdbx_stereo_config 
_chem_comp_atom.pdbx_ordinal 
ALA N    N N N 1   
ALA CA   C N S 2   
ALA C    C N N 3   
ALA O    O N N 4   
ALA CB   C N N 5   
ALA OXT  O N N 6   
ALA H    H N N 7   
ALA H2   H N N 8   
ALA HA   H N N 9   
ALA HB1  H N N 10  
ALA HB2  H N N 11  
ALA HB3  H N N 12  
ALA HXT  H N N 13  
ARG N    N N N 14  
ARG CA   C N S 15  
ARG C    C N N 16  
ARG O    O N N 17  
ARG CB   C N N 18  
ARG CG   C N N 19  
ARG CD   C N N 20  
ARG NE   N N N 21  
ARG CZ   C N N 22  
ARG NH1  N N N 23  
ARG NH2  N N N 24  
ARG OXT  O N N 25  
ARG H    H N N 26  
ARG H2   H N N 27  
ARG HA   H N N 28  
ARG HB2  H N N 29  
ARG HB3  H N N 30  
ARG HG2  H N N 31  
ARG HG3  H N N 32  
ARG HD2  H N N 33  
ARG HD3  H N N 34  
ARG HE   H N N 35  
ARG HH11 H N N 36  
ARG HH12 H N N 37  
ARG HH21 H N N 38  
ARG HH22 H N N 39  
ARG HXT  H N N 40  
ASN N    N N N 41  
ASN CA   C N S 42  
ASN C    C N N 43  
ASN O    O N N 44  
ASN CB   C N N 45  
ASN CG   C N N 46  
ASN OD1  O N N 47  
ASN ND2  N N N 48  
ASN OXT  O N N 49  
ASN H    H N N 50  
ASN H2   H N N 51  
ASN HA   H N N 52  
ASN HB2  H N N 53  
ASN HB3  H N N 54  
ASN HD21 H N N 55  
ASN HD22 H N N 56  
ASN HXT  H N N 57  
ASP N    N N N 58  
ASP CA   C N S 59  
ASP C    C N N 60  
ASP O    O N N 61  
ASP CB   C N N 62  
ASP CG   C N N 63  
ASP OD1  O N N 64  
ASP OD2  O N N 65  
ASP OXT  O N N 66  
ASP H    H N N 67  
ASP H2   H N N 68  
ASP HA   H N N 69  
ASP HB2  H N N 70  
ASP HB3  H N N 71  
ASP HD2  H N N 72  
ASP HXT  H N N 73  
CYS N    N N N 74  
CYS CA   C N R 75  
CYS C    C N N 76  
CYS O    O N N 77  
CYS CB   C N N 78  
CYS SG   S N N 79  
CYS OXT  O N N 80  
CYS H    H N N 81  
CYS H2   H N N 82  
CYS HA   H N N 83  
CYS HB2  H N N 84  
CYS HB3  H N N 85  
CYS HG   H N N 86  
CYS HXT  H N N 87  
GLN N    N N N 88  
GLN CA   C N S 89  
GLN C    C N N 90  
GLN O    O N N 91  
GLN CB   C N N 92  
GLN CG   C N N 93  
GLN CD   C N N 94  
GLN OE1  O N N 95  
GLN NE2  N N N 96  
GLN OXT  O N N 97  
GLN H    H N N 98  
GLN H2   H N N 99  
GLN HA   H N N 100 
GLN HB2  H N N 101 
GLN HB3  H N N 102 
GLN HG2  H N N 103 
GLN HG3  H N N 104 
GLN HE21 H N N 105 
GLN HE22 H N N 106 
GLN HXT  H N N 107 
GLU N    N N N 108 
GLU CA   C N S 109 
GLU C    C N N 110 
GLU O    O N N 111 
GLU CB   C N N 112 
GLU CG   C N N 113 
GLU CD   C N N 114 
GLU OE1  O N N 115 
GLU OE2  O N N 116 
GLU OXT  O N N 117 
GLU H    H N N 118 
GLU H2   H N N 119 
GLU HA   H N N 120 
GLU HB2  H N N 121 
GLU HB3  H N N 122 
GLU HG2  H N N 123 
GLU HG3  H N N 124 
GLU HE2  H N N 125 
GLU HXT  H N N 126 
GLY N    N N N 127 
GLY CA   C N N 128 
GLY C    C N N 129 
GLY O    O N N 130 
GLY OXT  O N N 131 
GLY H    H N N 132 
GLY H2   H N N 133 
GLY HA2  H N N 134 
GLY HA3  H N N 135 
GLY HXT  H N N 136 
HIS N    N N N 137 
HIS CA   C N S 138 
HIS C    C N N 139 
HIS O    O N N 140 
HIS CB   C N N 141 
HIS CG   C Y N 142 
HIS ND1  N Y N 143 
HIS CD2  C Y N 144 
HIS CE1  C Y N 145 
HIS NE2  N Y N 146 
HIS OXT  O N N 147 
HIS H    H N N 148 
HIS H2   H N N 149 
HIS HA   H N N 150 
HIS HB2  H N N 151 
HIS HB3  H N N 152 
HIS HD1  H N N 153 
HIS HD2  H N N 154 
HIS HE1  H N N 155 
HIS HE2  H N N 156 
HIS HXT  H N N 157 
ILE N    N N N 158 
ILE CA   C N S 159 
ILE C    C N N 160 
ILE O    O N N 161 
ILE CB   C N S 162 
ILE CG1  C N N 163 
ILE CG2  C N N 164 
ILE CD1  C N N 165 
ILE OXT  O N N 166 
ILE H    H N N 167 
ILE H2   H N N 168 
ILE HA   H N N 169 
ILE HB   H N N 170 
ILE HG12 H N N 171 
ILE HG13 H N N 172 
ILE HG21 H N N 173 
ILE HG22 H N N 174 
ILE HG23 H N N 175 
ILE HD11 H N N 176 
ILE HD12 H N N 177 
ILE HD13 H N N 178 
ILE HXT  H N N 179 
LEU N    N N N 180 
LEU CA   C N S 181 
LEU C    C N N 182 
LEU O    O N N 183 
LEU CB   C N N 184 
LEU CG   C N N 185 
LEU CD1  C N N 186 
LEU CD2  C N N 187 
LEU OXT  O N N 188 
LEU H    H N N 189 
LEU H2   H N N 190 
LEU HA   H N N 191 
LEU HB2  H N N 192 
LEU HB3  H N N 193 
LEU HG   H N N 194 
LEU HD11 H N N 195 
LEU HD12 H N N 196 
LEU HD13 H N N 197 
LEU HD21 H N N 198 
LEU HD22 H N N 199 
LEU HD23 H N N 200 
LEU HXT  H N N 201 
LYS N    N N N 202 
LYS CA   C N S 203 
LYS C    C N N 204 
LYS O    O N N 205 
LYS CB   C N N 206 
LYS CG   C N N 207 
LYS CD   C N N 208 
LYS CE   C N N 209 
LYS NZ   N N N 210 
LYS OXT  O N N 211 
LYS H    H N N 212 
LYS H2   H N N 213 
LYS HA   H N N 214 
LYS HB2  H N N 215 
LYS HB3  H N N 216 
LYS HG2  H N N 217 
LYS HG3  H N N 218 
LYS HD2  H N N 219 
LYS HD3  H N N 220 
LYS HE2  H N N 221 
LYS HE3  H N N 222 
LYS HZ1  H N N 223 
LYS HZ2  H N N 224 
LYS HZ3  H N N 225 
LYS HXT  H N N 226 
MET N    N N N 227 
MET CA   C N S 228 
MET C    C N N 229 
MET O    O N N 230 
MET CB   C N N 231 
MET CG   C N N 232 
MET SD   S N N 233 
MET CE   C N N 234 
MET OXT  O N N 235 
MET H    H N N 236 
MET H2   H N N 237 
MET HA   H N N 238 
MET HB2  H N N 239 
MET HB3  H N N 240 
MET HG2  H N N 241 
MET HG3  H N N 242 
MET HE1  H N N 243 
MET HE2  H N N 244 
MET HE3  H N N 245 
MET HXT  H N N 246 
PHE N    N N N 247 
PHE CA   C N S 248 
PHE C    C N N 249 
PHE O    O N N 250 
PHE CB   C N N 251 
PHE CG   C Y N 252 
PHE CD1  C Y N 253 
PHE CD2  C Y N 254 
PHE CE1  C Y N 255 
PHE CE2  C Y N 256 
PHE CZ   C Y N 257 
PHE OXT  O N N 258 
PHE H    H N N 259 
PHE H2   H N N 260 
PHE HA   H N N 261 
PHE HB2  H N N 262 
PHE HB3  H N N 263 
PHE HD1  H N N 264 
PHE HD2  H N N 265 
PHE HE1  H N N 266 
PHE HE2  H N N 267 
PHE HZ   H N N 268 
PHE HXT  H N N 269 
PRO N    N N N 270 
PRO CA   C N S 271 
PRO C    C N N 272 
PRO O    O N N 273 
PRO CB   C N N 274 
PRO CG   C N N 275 
PRO CD   C N N 276 
PRO OXT  O N N 277 
PRO H    H N N 278 
PRO HA   H N N 279 
PRO HB2  H N N 280 
PRO HB3  H N N 281 
PRO HG2  H N N 282 
PRO HG3  H N N 283 
PRO HD2  H N N 284 
PRO HD3  H N N 285 
PRO HXT  H N N 286 
SER N    N N N 287 
SER CA   C N S 288 
SER C    C N N 289 
SER O    O N N 290 
SER CB   C N N 291 
SER OG   O N N 292 
SER OXT  O N N 293 
SER H    H N N 294 
SER H2   H N N 295 
SER HA   H N N 296 
SER HB2  H N N 297 
SER HB3  H N N 298 
SER HG   H N N 299 
SER HXT  H N N 300 
THR N    N N N 301 
THR CA   C N S 302 
THR C    C N N 303 
THR O    O N N 304 
THR CB   C N R 305 
THR OG1  O N N 306 
THR CG2  C N N 307 
THR OXT  O N N 308 
THR H    H N N 309 
THR H2   H N N 310 
THR HA   H N N 311 
THR HB   H N N 312 
THR HG1  H N N 313 
THR HG21 H N N 314 
THR HG22 H N N 315 
THR HG23 H N N 316 
THR HXT  H N N 317 
TRP N    N N N 318 
TRP CA   C N S 319 
TRP C    C N N 320 
TRP O    O N N 321 
TRP CB   C N N 322 
TRP CG   C Y N 323 
TRP CD1  C Y N 324 
TRP CD2  C Y N 325 
TRP NE1  N Y N 326 
TRP CE2  C Y N 327 
TRP CE3  C Y N 328 
TRP CZ2  C Y N 329 
TRP CZ3  C Y N 330 
TRP CH2  C Y N 331 
TRP OXT  O N N 332 
TRP H    H N N 333 
TRP H2   H N N 334 
TRP HA   H N N 335 
TRP HB2  H N N 336 
TRP HB3  H N N 337 
TRP HD1  H N N 338 
TRP HE1  H N N 339 
TRP HE3  H N N 340 
TRP HZ2  H N N 341 
TRP HZ3  H N N 342 
TRP HH2  H N N 343 
TRP HXT  H N N 344 
TYR N    N N N 345 
TYR CA   C N S 346 
TYR C    C N N 347 
TYR O    O N N 348 
TYR CB   C N N 349 
TYR CG   C Y N 350 
TYR CD1  C Y N 351 
TYR CD2  C Y N 352 
TYR CE1  C Y N 353 
TYR CE2  C Y N 354 
TYR CZ   C Y N 355 
TYR OH   O N N 356 
TYR OXT  O N N 357 
TYR H    H N N 358 
TYR H2   H N N 359 
TYR HA   H N N 360 
TYR HB2  H N N 361 
TYR HB3  H N N 362 
TYR HD1  H N N 363 
TYR HD2  H N N 364 
TYR HE1  H N N 365 
TYR HE2  H N N 366 
TYR HH   H N N 367 
TYR HXT  H N N 368 
VAL N    N N N 369 
VAL CA   C N S 370 
VAL C    C N N 371 
VAL O    O N N 372 
VAL CB   C N N 373 
VAL CG1  C N N 374 
VAL CG2  C N N 375 
VAL OXT  O N N 376 
VAL H    H N N 377 
VAL H2   H N N 378 
VAL HA   H N N 379 
VAL HB   H N N 380 
VAL HG11 H N N 381 
VAL HG12 H N N 382 
VAL HG13 H N N 383 
VAL HG21 H N N 384 
VAL HG22 H N N 385 
VAL HG23 H N N 386 
VAL HXT  H N N 387 
# 
loop_
_chem_comp_bond.comp_id 
_chem_comp_bond.atom_id_1 
_chem_comp_bond.atom_id_2 
_chem_comp_bond.value_order 
_chem_comp_bond.pdbx_aromatic_flag 
_chem_comp_bond.pdbx_stereo_config 
_chem_comp_bond.pdbx_ordinal 
ALA N   CA   sing N N 1   
ALA N   H    sing N N 2   
ALA N   H2   sing N N 3   
ALA CA  C    sing N N 4   
ALA CA  CB   sing N N 5   
ALA CA  HA   sing N N 6   
ALA C   O    doub N N 7   
ALA C   OXT  sing N N 8   
ALA CB  HB1  sing N N 9   
ALA CB  HB2  sing N N 10  
ALA CB  HB3  sing N N 11  
ALA OXT HXT  sing N N 12  
ARG N   CA   sing N N 13  
ARG N   H    sing N N 14  
ARG N   H2   sing N N 15  
ARG CA  C    sing N N 16  
ARG CA  CB   sing N N 17  
ARG CA  HA   sing N N 18  
ARG C   O    doub N N 19  
ARG C   OXT  sing N N 20  
ARG CB  CG   sing N N 21  
ARG CB  HB2  sing N N 22  
ARG CB  HB3  sing N N 23  
ARG CG  CD   sing N N 24  
ARG CG  HG2  sing N N 25  
ARG CG  HG3  sing N N 26  
ARG CD  NE   sing N N 27  
ARG CD  HD2  sing N N 28  
ARG CD  HD3  sing N N 29  
ARG NE  CZ   sing N N 30  
ARG NE  HE   sing N N 31  
ARG CZ  NH1  sing N N 32  
ARG CZ  NH2  doub N N 33  
ARG NH1 HH11 sing N N 34  
ARG NH1 HH12 sing N N 35  
ARG NH2 HH21 sing N N 36  
ARG NH2 HH22 sing N N 37  
ARG OXT HXT  sing N N 38  
ASN N   CA   sing N N 39  
ASN N   H    sing N N 40  
ASN N   H2   sing N N 41  
ASN CA  C    sing N N 42  
ASN CA  CB   sing N N 43  
ASN CA  HA   sing N N 44  
ASN C   O    doub N N 45  
ASN C   OXT  sing N N 46  
ASN CB  CG   sing N N 47  
ASN CB  HB2  sing N N 48  
ASN CB  HB3  sing N N 49  
ASN CG  OD1  doub N N 50  
ASN CG  ND2  sing N N 51  
ASN ND2 HD21 sing N N 52  
ASN ND2 HD22 sing N N 53  
ASN OXT HXT  sing N N 54  
ASP N   CA   sing N N 55  
ASP N   H    sing N N 56  
ASP N   H2   sing N N 57  
ASP CA  C    sing N N 58  
ASP CA  CB   sing N N 59  
ASP CA  HA   sing N N 60  
ASP C   O    doub N N 61  
ASP C   OXT  sing N N 62  
ASP CB  CG   sing N N 63  
ASP CB  HB2  sing N N 64  
ASP CB  HB3  sing N N 65  
ASP CG  OD1  doub N N 66  
ASP CG  OD2  sing N N 67  
ASP OD2 HD2  sing N N 68  
ASP OXT HXT  sing N N 69  
CYS N   CA   sing N N 70  
CYS N   H    sing N N 71  
CYS N   H2   sing N N 72  
CYS CA  C    sing N N 73  
CYS CA  CB   sing N N 74  
CYS CA  HA   sing N N 75  
CYS C   O    doub N N 76  
CYS C   OXT  sing N N 77  
CYS CB  SG   sing N N 78  
CYS CB  HB2  sing N N 79  
CYS CB  HB3  sing N N 80  
CYS SG  HG   sing N N 81  
CYS OXT HXT  sing N N 82  
GLN N   CA   sing N N 83  
GLN N   H    sing N N 84  
GLN N   H2   sing N N 85  
GLN CA  C    sing N N 86  
GLN CA  CB   sing N N 87  
GLN CA  HA   sing N N 88  
GLN C   O    doub N N 89  
GLN C   OXT  sing N N 90  
GLN CB  CG   sing N N 91  
GLN CB  HB2  sing N N 92  
GLN CB  HB3  sing N N 93  
GLN CG  CD   sing N N 94  
GLN CG  HG2  sing N N 95  
GLN CG  HG3  sing N N 96  
GLN CD  OE1  doub N N 97  
GLN CD  NE2  sing N N 98  
GLN NE2 HE21 sing N N 99  
GLN NE2 HE22 sing N N 100 
GLN OXT HXT  sing N N 101 
GLU N   CA   sing N N 102 
GLU N   H    sing N N 103 
GLU N   H2   sing N N 104 
GLU CA  C    sing N N 105 
GLU CA  CB   sing N N 106 
GLU CA  HA   sing N N 107 
GLU C   O    doub N N 108 
GLU C   OXT  sing N N 109 
GLU CB  CG   sing N N 110 
GLU CB  HB2  sing N N 111 
GLU CB  HB3  sing N N 112 
GLU CG  CD   sing N N 113 
GLU CG  HG2  sing N N 114 
GLU CG  HG3  sing N N 115 
GLU CD  OE1  doub N N 116 
GLU CD  OE2  sing N N 117 
GLU OE2 HE2  sing N N 118 
GLU OXT HXT  sing N N 119 
GLY N   CA   sing N N 120 
GLY N   H    sing N N 121 
GLY N   H2   sing N N 122 
GLY CA  C    sing N N 123 
GLY CA  HA2  sing N N 124 
GLY CA  HA3  sing N N 125 
GLY C   O    doub N N 126 
GLY C   OXT  sing N N 127 
GLY OXT HXT  sing N N 128 
HIS N   CA   sing N N 129 
HIS N   H    sing N N 130 
HIS N   H2   sing N N 131 
HIS CA  C    sing N N 132 
HIS CA  CB   sing N N 133 
HIS CA  HA   sing N N 134 
HIS C   O    doub N N 135 
HIS C   OXT  sing N N 136 
HIS CB  CG   sing N N 137 
HIS CB  HB2  sing N N 138 
HIS CB  HB3  sing N N 139 
HIS CG  ND1  sing Y N 140 
HIS CG  CD2  doub Y N 141 
HIS ND1 CE1  doub Y N 142 
HIS ND1 HD1  sing N N 143 
HIS CD2 NE2  sing Y N 144 
HIS CD2 HD2  sing N N 145 
HIS CE1 NE2  sing Y N 146 
HIS CE1 HE1  sing N N 147 
HIS NE2 HE2  sing N N 148 
HIS OXT HXT  sing N N 149 
ILE N   CA   sing N N 150 
ILE N   H    sing N N 151 
ILE N   H2   sing N N 152 
ILE CA  C    sing N N 153 
ILE CA  CB   sing N N 154 
ILE CA  HA   sing N N 155 
ILE C   O    doub N N 156 
ILE C   OXT  sing N N 157 
ILE CB  CG1  sing N N 158 
ILE CB  CG2  sing N N 159 
ILE CB  HB   sing N N 160 
ILE CG1 CD1  sing N N 161 
ILE CG1 HG12 sing N N 162 
ILE CG1 HG13 sing N N 163 
ILE CG2 HG21 sing N N 164 
ILE CG2 HG22 sing N N 165 
ILE CG2 HG23 sing N N 166 
ILE CD1 HD11 sing N N 167 
ILE CD1 HD12 sing N N 168 
ILE CD1 HD13 sing N N 169 
ILE OXT HXT  sing N N 170 
LEU N   CA   sing N N 171 
LEU N   H    sing N N 172 
LEU N   H2   sing N N 173 
LEU CA  C    sing N N 174 
LEU CA  CB   sing N N 175 
LEU CA  HA   sing N N 176 
LEU C   O    doub N N 177 
LEU C   OXT  sing N N 178 
LEU CB  CG   sing N N 179 
LEU CB  HB2  sing N N 180 
LEU CB  HB3  sing N N 181 
LEU CG  CD1  sing N N 182 
LEU CG  CD2  sing N N 183 
LEU CG  HG   sing N N 184 
LEU CD1 HD11 sing N N 185 
LEU CD1 HD12 sing N N 186 
LEU CD1 HD13 sing N N 187 
LEU CD2 HD21 sing N N 188 
LEU CD2 HD22 sing N N 189 
LEU CD2 HD23 sing N N 190 
LEU OXT HXT  sing N N 191 
LYS N   CA   sing N N 192 
LYS N   H    sing N N 193 
LYS N   H2   sing N N 194 
LYS CA  C    sing N N 195 
LYS CA  CB   sing N N 196 
LYS CA  HA   sing N N 197 
LYS C   O    doub N N 198 
LYS C   OXT  sing N N 199 
LYS CB  CG   sing N N 200 
LYS CB  HB2  sing N N 201 
LYS CB  HB3  sing N N 202 
LYS CG  CD   sing N N 203 
LYS CG  HG2  sing N N 204 
LYS CG  HG3  sing N N 205 
LYS CD  CE   sing N N 206 
LYS CD  HD2  sing N N 207 
LYS CD  HD3  sing N N 208 
LYS CE  NZ   sing N N 209 
LYS CE  HE2  sing N N 210 
LYS CE  HE3  sing N N 211 
LYS NZ  HZ1  sing N N 212 
LYS NZ  HZ2  sing N N 213 
LYS NZ  HZ3  sing N N 214 
LYS OXT HXT  sing N N 215 
MET N   CA   sing N N 216 
MET N   H    sing N N 217 
MET N   H2   sing N N 218 
MET CA  C    sing N N 219 
MET CA  CB   sing N N 220 
MET CA  HA   sing N N 221 
MET C   O    doub N N 222 
MET C   OXT  sing N N 223 
MET CB  CG   sing N N 224 
MET CB  HB2  sing N N 225 
MET CB  HB3  sing N N 226 
MET CG  SD   sing N N 227 
MET CG  HG2  sing N N 228 
MET CG  HG3  sing N N 229 
MET SD  CE   sing N N 230 
MET CE  HE1  sing N N 231 
MET CE  HE2  sing N N 232 
MET CE  HE3  sing N N 233 
MET OXT HXT  sing N N 234 
PHE N   CA   sing N N 235 
PHE N   H    sing N N 236 
PHE N   H2   sing N N 237 
PHE CA  C    sing N N 238 
PHE CA  CB   sing N N 239 
PHE CA  HA   sing N N 240 
PHE C   O    doub N N 241 
PHE C   OXT  sing N N 242 
PHE CB  CG   sing N N 243 
PHE CB  HB2  sing N N 244 
PHE CB  HB3  sing N N 245 
PHE CG  CD1  doub Y N 246 
PHE CG  CD2  sing Y N 247 
PHE CD1 CE1  sing Y N 248 
PHE CD1 HD1  sing N N 249 
PHE CD2 CE2  doub Y N 250 
PHE CD2 HD2  sing N N 251 
PHE CE1 CZ   doub Y N 252 
PHE CE1 HE1  sing N N 253 
PHE CE2 CZ   sing Y N 254 
PHE CE2 HE2  sing N N 255 
PHE CZ  HZ   sing N N 256 
PHE OXT HXT  sing N N 257 
PRO N   CA   sing N N 258 
PRO N   CD   sing N N 259 
PRO N   H    sing N N 260 
PRO CA  C    sing N N 261 
PRO CA  CB   sing N N 262 
PRO CA  HA   sing N N 263 
PRO C   O    doub N N 264 
PRO C   OXT  sing N N 265 
PRO CB  CG   sing N N 266 
PRO CB  HB2  sing N N 267 
PRO CB  HB3  sing N N 268 
PRO CG  CD   sing N N 269 
PRO CG  HG2  sing N N 270 
PRO CG  HG3  sing N N 271 
PRO CD  HD2  sing N N 272 
PRO CD  HD3  sing N N 273 
PRO OXT HXT  sing N N 274 
SER N   CA   sing N N 275 
SER N   H    sing N N 276 
SER N   H2   sing N N 277 
SER CA  C    sing N N 278 
SER CA  CB   sing N N 279 
SER CA  HA   sing N N 280 
SER C   O    doub N N 281 
SER C   OXT  sing N N 282 
SER CB  OG   sing N N 283 
SER CB  HB2  sing N N 284 
SER CB  HB3  sing N N 285 
SER OG  HG   sing N N 286 
SER OXT HXT  sing N N 287 
THR N   CA   sing N N 288 
THR N   H    sing N N 289 
THR N   H2   sing N N 290 
THR CA  C    sing N N 291 
THR CA  CB   sing N N 292 
THR CA  HA   sing N N 293 
THR C   O    doub N N 294 
THR C   OXT  sing N N 295 
THR CB  OG1  sing N N 296 
THR CB  CG2  sing N N 297 
THR CB  HB   sing N N 298 
THR OG1 HG1  sing N N 299 
THR CG2 HG21 sing N N 300 
THR CG2 HG22 sing N N 301 
THR CG2 HG23 sing N N 302 
THR OXT HXT  sing N N 303 
TRP N   CA   sing N N 304 
TRP N   H    sing N N 305 
TRP N   H2   sing N N 306 
TRP CA  C    sing N N 307 
TRP CA  CB   sing N N 308 
TRP CA  HA   sing N N 309 
TRP C   O    doub N N 310 
TRP C   OXT  sing N N 311 
TRP CB  CG   sing N N 312 
TRP CB  HB2  sing N N 313 
TRP CB  HB3  sing N N 314 
TRP CG  CD1  doub Y N 315 
TRP CG  CD2  sing Y N 316 
TRP CD1 NE1  sing Y N 317 
TRP CD1 HD1  sing N N 318 
TRP CD2 CE2  doub Y N 319 
TRP CD2 CE3  sing Y N 320 
TRP NE1 CE2  sing Y N 321 
TRP NE1 HE1  sing N N 322 
TRP CE2 CZ2  sing Y N 323 
TRP CE3 CZ3  doub Y N 324 
TRP CE3 HE3  sing N N 325 
TRP CZ2 CH2  doub Y N 326 
TRP CZ2 HZ2  sing N N 327 
TRP CZ3 CH2  sing Y N 328 
TRP CZ3 HZ3  sing N N 329 
TRP CH2 HH2  sing N N 330 
TRP OXT HXT  sing N N 331 
TYR N   CA   sing N N 332 
TYR N   H    sing N N 333 
TYR N   H2   sing N N 334 
TYR CA  C    sing N N 335 
TYR CA  CB   sing N N 336 
TYR CA  HA   sing N N 337 
TYR C   O    doub N N 338 
TYR C   OXT  sing N N 339 
TYR CB  CG   sing N N 340 
TYR CB  HB2  sing N N 341 
TYR CB  HB3  sing N N 342 
TYR CG  CD1  doub Y N 343 
TYR CG  CD2  sing Y N 344 
TYR CD1 CE1  sing Y N 345 
TYR CD1 HD1  sing N N 346 
TYR CD2 CE2  doub Y N 347 
TYR CD2 HD2  sing N N 348 
TYR CE1 CZ   doub Y N 349 
TYR CE1 HE1  sing N N 350 
TYR CE2 CZ   sing Y N 351 
TYR CE2 HE2  sing N N 352 
TYR CZ  OH   sing N N 353 
TYR OH  HH   sing N N 354 
TYR OXT HXT  sing N N 355 
VAL N   CA   sing N N 356 
VAL N   H    sing N N 357 
VAL N   H2   sing N N 358 
VAL CA  C    sing N N 359 
VAL CA  CB   sing N N 360 
VAL CA  HA   sing N N 361 
VAL C   O    doub N N 362 
VAL C   OXT  sing N N 363 
VAL CB  CG1  sing N N 364 
VAL CB  CG2  sing N N 365 
VAL CB  HB   sing N N 366 
VAL CG1 HG11 sing N N 367 
VAL CG1 HG12 sing N N 368 
VAL CG1 HG13 sing N N 369 
VAL CG2 HG21 sing N N 370 
VAL CG2 HG22 sing N N 371 
VAL CG2 HG23 sing N N 372 
VAL OXT HXT  sing N N 373 
# 
_pdbx_audit_support.funding_organization   'Israel Science Foundation' 
_pdbx_audit_support.country                Israel 
_pdbx_audit_support.grant_number           1596/21 
_pdbx_audit_support.ordinal                1 
# 
_pdbx_initial_refinement_model.id               1 
_pdbx_initial_refinement_model.entity_id_list   ? 
_pdbx_initial_refinement_model.type             'experimental model' 
_pdbx_initial_refinement_model.source_name      PDB 
_pdbx_initial_refinement_model.accession_code   8QX5 
_pdbx_initial_refinement_model.details          ? 
# 
_atom_sites.entry_id                    9H41 
_atom_sites.Cartn_transf_matrix[1][1]   ? 
_atom_sites.Cartn_transf_matrix[1][2]   ? 
_atom_sites.Cartn_transf_matrix[1][3]   ? 
_atom_sites.Cartn_transf_matrix[2][1]   ? 
_atom_sites.Cartn_transf_matrix[2][2]   ? 
_atom_sites.Cartn_transf_matrix[2][3]   ? 
_atom_sites.Cartn_transf_matrix[3][1]   ? 
_atom_sites.Cartn_transf_matrix[3][2]   ? 
_atom_sites.Cartn_transf_matrix[3][3]   ? 
_atom_sites.Cartn_transf_vector[1]      ? 
_atom_sites.Cartn_transf_vector[2]      ? 
_atom_sites.Cartn_transf_vector[3]      ? 
_atom_sites.Cartn_transform_axes        ? 
_atom_sites.fract_transf_matrix[1][1]   0.01338154 
_atom_sites.fract_transf_matrix[1][2]   -0.00776361 
_atom_sites.fract_transf_matrix[1][3]   -0.00552629 
_atom_sites.fract_transf_matrix[2][1]   -0.00863191 
_atom_sites.fract_transf_matrix[2][2]   -0.00583820 
_atom_sites.fract_transf_matrix[2][3]   -0.01269979 
_atom_sites.fract_transf_matrix[3][1]   0.00218701 
_atom_sites.fract_transf_matrix[3][2]   0.00717583 
_atom_sites.fract_transf_matrix[3][3]   -0.00478527 
_atom_sites.fract_transf_vector[1]      0.024189 
_atom_sites.fract_transf_vector[2]      -0.157238 
_atom_sites.fract_transf_vector[3]      0.112170 
_atom_sites.solution_primary            ? 
_atom_sites.solution_secondary          ? 
_atom_sites.solution_hydrogens          ? 
_atom_sites.special_details             ? 
# 
loop_
_atom_type.symbol 
C 
N 
O 
S 
# 
loop_
_atom_site.group_PDB 
_atom_site.id 
_atom_site.type_symbol 
_atom_site.label_atom_id 
_atom_site.label_alt_id 
_atom_site.label_comp_id 
_atom_site.label_asym_id 
_atom_site.label_entity_id 
_atom_site.label_seq_id 
_atom_site.pdbx_PDB_ins_code 
_atom_site.Cartn_x 
_atom_site.Cartn_y 
_atom_site.Cartn_z 
_atom_site.occupancy 
_atom_site.B_iso_or_equiv 
_atom_site.pdbx_formal_charge 
_atom_site.auth_seq_id 
_atom_site.auth_comp_id 
_atom_site.auth_asym_id 
_atom_site.auth_atom_id 
_atom_site.pdbx_PDB_model_num 
ATOM 1    N N   . PHE A 1 11  ? -4.370  -3.095  -30.853 1.00 49.74 ? 13  PHE A N   1 
ATOM 2    C CA  . PHE A 1 11  ? -4.599  -2.600  -32.233 1.00 56.22 ? 13  PHE A CA  1 
ATOM 3    C C   . PHE A 1 11  ? -3.837  -3.469  -33.227 1.00 57.35 ? 13  PHE A C   1 
ATOM 4    O O   . PHE A 1 11  ? -2.746  -3.948  -32.893 1.00 53.36 ? 13  PHE A O   1 
ATOM 5    C CB  . PHE A 1 11  ? -4.179  -1.136  -32.384 1.00 53.27 ? 13  PHE A CB  1 
ATOM 6    C CG  . PHE A 1 11  ? -5.135  -0.305  -33.199 1.00 58.07 ? 13  PHE A CG  1 
ATOM 7    C CD1 . PHE A 1 11  ? -5.798  -0.852  -34.285 1.00 70.20 ? 13  PHE A CD1 1 
ATOM 8    C CD2 . PHE A 1 11  ? -5.383  1.017   -32.875 1.00 65.90 ? 13  PHE A CD2 1 
ATOM 9    C CE1 . PHE A 1 11  ? -6.684  -0.094  -35.032 1.00 79.18 ? 13  PHE A CE1 1 
ATOM 10   C CE2 . PHE A 1 11  ? -6.269  1.774   -33.622 1.00 70.81 ? 13  PHE A CE2 1 
ATOM 11   C CZ  . PHE A 1 11  ? -6.917  1.219   -34.699 1.00 73.02 ? 13  PHE A CZ  1 
ATOM 12   N N   . SER A 1 12  ? -4.415  -3.659  -34.413 1.00 61.82 ? 14  SER A N   1 
ATOM 13   C CA  . SER A 1 12  ? -3.755  -4.464  -35.467 1.00 53.54 ? 14  SER A CA  1 
ATOM 14   C C   . SER A 1 12  ? -2.448  -3.778  -35.854 1.00 55.85 ? 14  SER A C   1 
ATOM 15   O O   . SER A 1 12  ? -1.640  -4.418  -36.543 1.00 55.77 ? 14  SER A O   1 
ATOM 16   C CB  . SER A 1 12  ? -4.672  -4.650  -36.634 1.00 51.30 ? 14  SER A CB  1 
ATOM 17   O OG  . SER A 1 12  ? -5.585  -5.708  -36.389 1.00 63.02 ? 14  SER A OG  1 
ATOM 18   N N   . GLN A 1 13  ? -2.226  -2.549  -35.379 1.00 30.00 ? 15  GLN A N   1 
ATOM 19   C CA  . GLN A 1 13  ? -0.918  -1.885  -35.620 1.00 30.00 ? 15  GLN A CA  1 
ATOM 20   C C   . GLN A 1 13  ? 0.112   -2.547  -34.697 1.00 30.00 ? 15  GLN A C   1 
ATOM 21   O O   . GLN A 1 13  ? 0.543   -1.894  -33.729 1.00 30.00 ? 15  GLN A O   1 
ATOM 22   C CB  . GLN A 1 13  ? -1.027  -0.381  -35.363 1.00 30.00 ? 15  GLN A CB  1 
ATOM 23   C CG  . GLN A 1 13  ? 0.243   0.391   -35.691 1.00 30.00 ? 15  GLN A CG  1 
ATOM 24   C CD  . GLN A 1 13  ? 0.353   0.734   -37.156 1.00 30.00 ? 15  GLN A CD  1 
ATOM 25   O OE1 . GLN A 1 13  ? 1.395   1.179   -37.633 1.00 30.00 ? 15  GLN A OE1 1 
ATOM 26   N NE2 . GLN A 1 13  ? -0.730  0.526   -37.888 1.00 30.00 ? 15  GLN A NE2 1 
ATOM 27   N N   . ALA A 1 14  ? 0.458   -3.809  -34.968 1.00 68.60 ? 16  ALA A N   1 
ATOM 28   C CA  . ALA A 1 14  ? 1.405   -4.547  -34.100 1.00 56.59 ? 16  ALA A CA  1 
ATOM 29   C C   . ALA A 1 14  ? 2.739   -4.719  -34.831 1.00 68.88 ? 16  ALA A C   1 
ATOM 30   O O   . ALA A 1 14  ? 3.249   -5.854  -34.876 1.00 51.46 ? 16  ALA A O   1 
ATOM 31   C CB  . ALA A 1 14  ? 0.809   -5.878  -33.713 1.00 31.00 ? 16  ALA A CB  1 
ATOM 32   N N   . PHE A 1 15  ? 3.279   -3.627  -35.378 1.00 66.58 ? 17  PHE A N   1 
ATOM 33   C CA  . PHE A 1 15  ? 4.552   -3.685  -36.129 1.00 41.24 ? 17  PHE A CA  1 
ATOM 34   C C   . PHE A 1 15  ? 5.636   -3.847  -35.073 1.00 40.31 ? 17  PHE A C   1 
ATOM 35   O O   . PHE A 1 15  ? 6.817   -3.743  -35.410 1.00 50.74 ? 17  PHE A O   1 
ATOM 36   C CB  . PHE A 1 15  ? 4.729   -2.397  -36.926 1.00 32.87 ? 17  PHE A CB  1 
ATOM 37   C CG  . PHE A 1 15  ? 3.768   -2.212  -38.070 1.00 36.48 ? 17  PHE A CG  1 
ATOM 38   C CD1 . PHE A 1 15  ? 2.436   -1.921  -37.839 1.00 36.60 ? 17  PHE A CD1 1 
ATOM 39   C CD2 . PHE A 1 15  ? 4.202   -2.316  -39.379 1.00 35.71 ? 17  PHE A CD2 1 
ATOM 40   C CE1 . PHE A 1 15  ? 1.558   -1.749  -38.895 1.00 36.99 ? 17  PHE A CE1 1 
ATOM 41   C CE2 . PHE A 1 15  ? 3.324   -2.142  -40.434 1.00 29.96 ? 17  PHE A CE2 1 
ATOM 42   C CZ  . PHE A 1 15  ? 2.003   -1.858  -40.190 1.00 27.85 ? 17  PHE A CZ  1 
ATOM 43   N N   . GLY A 1 16  ? 5.226   -4.076  -33.824 1.00 39.62 ? 18  GLY A N   1 
ATOM 44   C CA  . GLY A 1 16  ? 6.174   -4.275  -32.715 1.00 34.94 ? 18  GLY A CA  1 
ATOM 45   C C   . GLY A 1 16  ? 6.177   -3.063  -31.825 1.00 36.73 ? 18  GLY A C   1 
ATOM 46   O O   . GLY A 1 16  ? 7.241   -2.746  -31.275 1.00 43.05 ? 18  GLY A O   1 
ATOM 47   N N   . ILE A 1 17  ? 5.021   -2.405  -31.678 1.00 40.30 ? 19  ILE A N   1 
ATOM 48   C CA  . ILE A 1 17  ? 4.943   -1.141  -30.904 1.00 41.21 ? 19  ILE A CA  1 
ATOM 49   C C   . ILE A 1 17  ? 4.689   -1.519  -29.443 1.00 49.97 ? 19  ILE A C   1 
ATOM 50   O O   . ILE A 1 17  ? 5.207   -2.559  -28.978 1.00 61.85 ? 19  ILE A O   1 
ATOM 51   C CB  . ILE A 1 17  ? 3.833   -0.215  -31.440 1.00 30.00 ? 19  ILE A CB  1 
ATOM 52   C CG1 . ILE A 1 17  ? 4.174   0.263   -32.853 1.00 30.00 ? 19  ILE A CG1 1 
ATOM 53   C CG2 . ILE A 1 17  ? 3.629   0.967   -30.506 1.00 30.00 ? 19  ILE A CG2 1 
ATOM 54   C CD1 . ILE A 1 17  ? 3.028   0.957   -33.553 1.00 30.00 ? 19  ILE A CD1 1 
ATOM 55   N N   . GLN A 1 18  ? 4.041   -0.620  -28.689 1.00 51.10 ? 20  GLN A N   1 
ATOM 56   C CA  . GLN A 1 18  ? 3.873   -0.861  -27.232 1.00 57.97 ? 20  GLN A CA  1 
ATOM 57   C C   . GLN A 1 18  ? 3.245   -2.190  -26.817 1.00 75.62 ? 20  GLN A C   1 
ATOM 58   O O   . GLN A 1 18  ? 2.642   -2.865  -27.675 1.00 80.43 ? 20  GLN A O   1 
ATOM 59   C CB  . GLN A 1 18  ? 3.027   0.238   -26.598 1.00 64.73 ? 20  GLN A CB  1 
ATOM 60   C CG  . GLN A 1 18  ? 1.544   0.164   -26.947 1.00 79.49 ? 20  GLN A CG  1 
ATOM 61   C CD  . GLN A 1 18  ? 0.682   -0.349  -25.814 1.00 85.10 ? 20  GLN A CD  1 
ATOM 62   O OE1 . GLN A 1 18  ? 0.564   0.279   -24.756 1.00 79.48 ? 20  GLN A OE1 1 
ATOM 63   N NE2 . GLN A 1 18  ? 0.066   -1.502  -26.028 1.00 76.24 ? 20  GLN A NE2 1 
ATOM 64   N N   . THR A 1 19  ? 3.370   -2.529  -25.534 1.00 82.52 ? 21  THR A N   1 
ATOM 65   C CA  . THR A 1 19  ? 2.779   -3.776  -25.012 1.00 86.54 ? 21  THR A CA  1 
ATOM 66   C C   . THR A 1 19  ? 2.044   -3.464  -23.728 1.00 87.95 ? 21  THR A C   1 
ATOM 67   O O   . THR A 1 19  ? 1.590   -4.427  -23.077 1.00 96.28 ? 21  THR A O   1 
ATOM 68   C CB  . THR A 1 19  ? 3.854   -4.839  -24.790 1.00 85.94 ? 21  THR A CB  1 
ATOM 69   O OG1 . THR A 1 19  ? 5.061   -4.352  -25.370 1.00 82.31 ? 21  THR A OG1 1 
ATOM 70   C CG2 . THR A 1 19  ? 3.492   -6.165  -25.433 1.00 68.68 ? 21  THR A CG2 1 
ATOM 71   N N   . GLY A 1 20  ? 1.934   -2.185  -23.350 1.00 75.88 ? 22  GLY A N   1 
ATOM 72   C CA  . GLY A 1 20  ? 1.121   -1.849  -22.167 1.00 72.75 ? 22  GLY A CA  1 
ATOM 73   C C   . GLY A 1 20  ? 1.748   -0.806  -21.267 1.00 67.94 ? 22  GLY A C   1 
ATOM 74   O O   . GLY A 1 20  ? 2.660   -0.098  -21.736 1.00 69.32 ? 22  GLY A O   1 
ATOM 75   N N   . ASP A 1 21  ? 1.276   -0.715  -20.017 1.00 57.59 ? 23  ASP A N   1 
ATOM 76   C CA  . ASP A 1 21  ? 1.777   0.325   -19.081 1.00 49.74 ? 23  ASP A CA  1 
ATOM 77   C C   . ASP A 1 21  ? 2.731   -0.300  -18.064 1.00 46.85 ? 23  ASP A C   1 
ATOM 78   O O   . ASP A 1 21  ? 3.586   0.457   -17.576 1.00 55.26 ? 23  ASP A O   1 
ATOM 79   C CB  . ASP A 1 21  ? 0.645   1.103   -18.427 1.00 43.91 ? 23  ASP A CB  1 
ATOM 80   C CG  . ASP A 1 21  ? 1.016   2.430   -17.784 1.00 45.19 ? 23  ASP A CG  1 
ATOM 81   O OD1 . ASP A 1 21  ? 2.110   2.944   -18.081 1.00 51.29 ? 23  ASP A OD1 1 
ATOM 82   O OD2 . ASP A 1 21  ? 0.202   2.944   -16.993 1.00 47.98 ? 23  ASP A OD2 1 
ATOM 83   N N   . ALA A 1 22  ? 2.610   -1.599  -17.783 1.00 37.95 ? 24  ALA A N   1 
ATOM 84   C CA  . ALA A 1 22  ? 3.455   -2.226  -16.734 1.00 44.46 ? 24  ALA A CA  1 
ATOM 85   C C   . ALA A 1 22  ? 3.142   -1.589  -15.385 1.00 44.19 ? 24  ALA A C   1 
ATOM 86   O O   . ALA A 1 22  ? 2.859   -2.326  -14.433 1.00 43.62 ? 24  ALA A O   1 
ATOM 87   C CB  . ALA A 1 22  ? 4.918   -2.118  -17.057 1.00 32.58 ? 24  ALA A CB  1 
ATOM 88   N N   . VAL A 1 23  ? 3.215   -0.269  -15.297 1.00 42.47 ? 25  VAL A N   1 
ATOM 89   C CA  . VAL A 1 23  ? 2.780   0.398   -14.044 1.00 38.12 ? 25  VAL A CA  1 
ATOM 90   C C   . VAL A 1 23  ? 1.288   0.102   -13.899 1.00 41.87 ? 25  VAL A C   1 
ATOM 91   O O   . VAL A 1 23  ? 0.878   -0.276  -12.802 1.00 40.67 ? 25  VAL A O   1 
ATOM 92   C CB  . VAL A 1 23  ? 3.063   1.910   -14.074 1.00 38.21 ? 25  VAL A CB  1 
ATOM 93   C CG1 . VAL A 1 23  ? 2.401   2.631   -12.914 1.00 26.90 ? 25  VAL A CG1 1 
ATOM 94   C CG2 . VAL A 1 23  ? 4.550   2.204   -14.114 1.00 38.93 ? 25  VAL A CG2 1 
ATOM 95   N N   . ALA A 1 24  ? 0.513   0.222   -14.981 1.00 42.33 ? 26  ALA A N   1 
ATOM 96   C CA  . ALA A 1 24  ? -0.892  -0.128  -14.840 1.00 36.83 ? 26  ALA A CA  1 
ATOM 97   C C   . ALA A 1 24  ? -1.051  -1.619  -14.577 1.00 38.19 ? 26  ALA A C   1 
ATOM 98   O O   . ALA A 1 24  ? -1.852  -2.018  -13.726 1.00 40.57 ? 26  ALA A O   1 
ATOM 99   C CB  . ALA A 1 24  ? -1.694  0.301   -16.063 1.00 32.62 ? 26  ALA A CB  1 
ATOM 100  N N   . SER A 1 25  ? -0.273  -2.457  -15.264 1.00 35.67 ? 27  SER A N   1 
ATOM 101  C CA  . SER A 1 25  ? -0.402  -3.898  -15.058 1.00 37.42 ? 27  SER A CA  1 
ATOM 102  C C   . SER A 1 25  ? -0.176  -4.263  -13.598 1.00 35.09 ? 27  SER A C   1 
ATOM 103  O O   . SER A 1 25  ? -0.947  -5.031  -13.012 1.00 32.29 ? 27  SER A O   1 
ATOM 104  C CB  . SER A 1 25  ? 0.578   -4.645  -15.956 1.00 43.49 ? 27  SER A CB  1 
ATOM 105  O OG  . SER A 1 25  ? 0.339   -4.325  -17.316 1.00 63.90 ? 27  SER A OG  1 
ATOM 106  N N   . THR A 1 26  ? 0.874   -3.700  -12.989 1.00 38.22 ? 28  THR A N   1 
ATOM 107  C CA  . THR A 1 26  ? 1.180   -3.983  -11.590 1.00 35.10 ? 28  THR A CA  1 
ATOM 108  C C   . THR A 1 26  ? 0.058   -3.513  -10.671 1.00 31.06 ? 28  THR A C   1 
ATOM 109  O O   . THR A 1 26  ? -0.343  -4.227  -9.746  1.00 26.76 ? 28  THR A O   1 
ATOM 110  C CB  . THR A 1 26  ? 2.498   -3.315  -11.206 1.00 32.11 ? 28  THR A CB  1 
ATOM 111  O OG1 . THR A 1 26  ? 3.454   -3.537  -12.241 1.00 33.41 ? 28  THR A OG1 1 
ATOM 112  C CG2 . THR A 1 26  ? 3.030   -3.897  -9.926  1.00 30.56 ? 28  THR A CG2 1 
ATOM 113  N N   . ILE A 1 27  ? -0.455  -2.309  -10.905 1.00 29.88 ? 29  ILE A N   1 
ATOM 114  C CA  . ILE A 1 27  ? -1.578  -1.848  -10.106 1.00 30.38 ? 29  ILE A CA  1 
ATOM 115  C C   . ILE A 1 27  ? -2.733  -2.827  -10.219 1.00 29.37 ? 29  ILE A C   1 
ATOM 116  O O   . ILE A 1 27  ? -3.373  -3.169  -9.220  1.00 33.74 ? 29  ILE A O   1 
ATOM 117  C CB  . ILE A 1 27  ? -1.979  -0.423  -10.517 1.00 23.89 ? 29  ILE A CB  1 
ATOM 118  C CG1 . ILE A 1 27  ? -0.872  0.532   -10.114 1.00 25.03 ? 29  ILE A CG1 1 
ATOM 119  C CG2 . ILE A 1 27  ? -3.253  -0.018  -9.837  1.00 19.66 ? 29  ILE A CG2 1 
ATOM 120  C CD1 . ILE A 1 27  ? -0.865  1.775   -10.880 1.00 28.69 ? 29  ILE A CD1 1 
ATOM 121  N N   . THR A 1 28  ? -2.990  -3.330  -11.422 1.00 27.56 ? 30  THR A N   1 
ATOM 122  C CA  . THR A 1 28  ? -4.086  -4.276  -11.572 1.00 30.11 ? 30  THR A CA  1 
ATOM 123  C C   . THR A 1 28  ? -3.800  -5.551  -10.793 1.00 29.10 ? 30  THR A C   1 
ATOM 124  O O   . THR A 1 28  ? -4.607  -5.971  -9.957  1.00 33.50 ? 30  THR A O   1 
ATOM 125  C CB  . THR A 1 28  ? -4.357  -4.594  -13.052 1.00 36.26 ? 30  THR A CB  1 
ATOM 126  O OG1 . THR A 1 28  ? -4.432  -3.390  -13.831 1.00 37.93 ? 30  THR A OG1 1 
ATOM 127  C CG2 . THR A 1 28  ? -5.677  -5.319  -13.193 1.00 31.14 ? 30  THR A CG2 1 
ATOM 128  N N   . VAL A 1 29  ? -2.647  -6.174  -11.035 1.00 26.61 ? 31  VAL A N   1 
ATOM 129  C CA  . VAL A 1 29  ? -2.400  -7.456  -10.390 1.00 25.99 ? 31  VAL A CA  1 
ATOM 130  C C   . VAL A 1 29  ? -2.318  -7.270  -8.891  1.00 32.07 ? 31  VAL A C   1 
ATOM 131  O O   . VAL A 1 29  ? -2.638  -8.189  -8.126  1.00 36.72 ? 31  VAL A O   1 
ATOM 132  C CB  . VAL A 1 29  ? -1.126  -8.124  -10.932 1.00 25.84 ? 31  VAL A CB  1 
ATOM 133  C CG1 . VAL A 1 29  ? -1.361  -8.635  -12.331 1.00 30.16 ? 31  VAL A CG1 1 
ATOM 134  C CG2 . VAL A 1 29  ? 0.046   -7.181  -10.877 1.00 28.83 ? 31  VAL A CG2 1 
ATOM 135  N N   . PHE A 1 30  ? -1.892  -6.086  -8.444  1.00 34.29 ? 32  PHE A N   1 
ATOM 136  C CA  . PHE A 1 30  ? -1.884  -5.803  -7.018  1.00 28.83 ? 32  PHE A CA  1 
ATOM 137  C C   . PHE A 1 30  ? -3.298  -5.857  -6.477  1.00 31.51 ? 32  PHE A C   1 
ATOM 138  O O   . PHE A 1 30  ? -3.608  -6.637  -5.571  1.00 33.27 ? 32  PHE A O   1 
ATOM 139  C CB  . PHE A 1 30  ? -1.280  -4.428  -6.739  1.00 28.57 ? 32  PHE A CB  1 
ATOM 140  C CG  . PHE A 1 30  ? -1.307  -4.059  -5.283  1.00 32.99 ? 32  PHE A CG  1 
ATOM 141  C CD1 . PHE A 1 30  ? -0.294  -4.483  -4.430  1.00 30.86 ? 32  PHE A CD1 1 
ATOM 142  C CD2 . PHE A 1 30  ? -2.389  -3.367  -4.744  1.00 30.80 ? 32  PHE A CD2 1 
ATOM 143  C CE1 . PHE A 1 30  ? -0.322  -4.164  -3.078  1.00 27.18 ? 32  PHE A CE1 1 
ATOM 144  C CE2 . PHE A 1 30  ? -2.432  -3.064  -3.397  1.00 27.76 ? 32  PHE A CE2 1 
ATOM 145  C CZ  . PHE A 1 30  ? -1.396  -3.459  -2.562  1.00 27.99 ? 32  PHE A CZ  1 
ATOM 146  N N   . GLN A 1 31  ? -4.175  -5.030  -7.049  1.00 33.68 ? 33  GLN A N   1 
ATOM 147  C CA  . GLN A 1 31  ? -5.547  -4.877  -6.591  1.00 31.41 ? 33  GLN A CA  1 
ATOM 148  C C   . GLN A 1 31  ? -6.401  -6.125  -6.789  1.00 31.76 ? 33  GLN A C   1 
ATOM 149  O O   . GLN A 1 31  ? -7.520  -6.173  -6.268  1.00 30.65 ? 33  GLN A O   1 
ATOM 150  C CB  . GLN A 1 31  ? -6.153  -3.664  -7.282  1.00 24.43 ? 33  GLN A CB  1 
ATOM 151  C CG  . GLN A 1 31  ? -5.433  -2.420  -6.815  1.00 31.63 ? 33  GLN A CG  1 
ATOM 152  C CD  . GLN A 1 31  ? -5.885  -1.156  -7.500  1.00 39.69 ? 33  GLN A CD  1 
ATOM 153  O OE1 . GLN A 1 31  ? -6.036  -1.128  -8.715  1.00 37.42 ? 33  GLN A OE1 1 
ATOM 154  N NE2 . GLN A 1 31  ? -6.103  -0.087  -6.712  1.00 43.13 ? 33  GLN A NE2 1 
ATOM 155  N N   . ALA A 1 32  ? -5.896  -7.137  -7.489  1.00 30.20 ? 34  ALA A N   1 
ATOM 156  C CA  . ALA A 1 32  ? -6.537  -8.439  -7.524  1.00 28.97 ? 34  ALA A CA  1 
ATOM 157  C C   . ALA A 1 32  ? -6.096  -9.345  -6.379  1.00 33.26 ? 34  ALA A C   1 
ATOM 158  O O   . ALA A 1 32  ? -6.435  -10.529 -6.379  1.00 38.36 ? 34  ALA A O   1 
ATOM 159  C CB  . ALA A 1 32  ? -6.250  -9.129  -8.851  1.00 30.96 ? 34  ALA A CB  1 
ATOM 160  N N   . LEU A 1 33  ? -5.344  -8.831  -5.416  1.00 33.81 ? 35  LEU A N   1 
ATOM 161  C CA  . LEU A 1 33  ? -4.796  -9.653  -4.348  1.00 32.14 ? 35  LEU A CA  1 
ATOM 162  C C   . LEU A 1 33  ? -5.716  -9.600  -3.140  1.00 30.95 ? 35  LEU A C   1 
ATOM 163  O O   . LEU A 1 33  ? -6.525  -8.677  -2.991  1.00 30.61 ? 35  LEU A O   1 
ATOM 164  C CB  . LEU A 1 33  ? -3.397  -9.169  -3.950  1.00 33.03 ? 35  LEU A CB  1 
ATOM 165  C CG  . LEU A 1 33  ? -2.162  -9.550  -4.769  1.00 31.94 ? 35  LEU A CG  1 
ATOM 166  C CD1 . LEU A 1 33  ? -0.931  -8.996  -4.067  1.00 28.40 ? 35  LEU A CD1 1 
ATOM 167  C CD2 . LEU A 1 33  ? -2.047  -11.063 -4.965  1.00 31.40 ? 35  LEU A CD2 1 
ATOM 168  N N   . SER A 1 34  ? -5.569  -10.597 -2.265  1.00 27.88 ? 36  SER A N   1 
ATOM 169  C CA  . SER A 1 34  ? -6.303  -10.588 -1.008  1.00 27.17 ? 36  SER A CA  1 
ATOM 170  C C   . SER A 1 34  ? -5.884  -9.375  -0.171  1.00 29.99 ? 36  SER A C   1 
ATOM 171  O O   . SER A 1 34  ? -4.919  -8.682  -0.483  1.00 38.97 ? 36  SER A O   1 
ATOM 172  C CB  . SER A 1 34  ? -6.067  -11.896 -0.252  1.00 31.35 ? 36  SER A CB  1 
ATOM 173  O OG  . SER A 1 34  ? -4.880  -11.868 0.517   1.00 35.34 ? 36  SER A OG  1 
ATOM 174  N N   . ILE A 1 35  ? -6.628  -9.095  0.897   1.00 27.74 ? 37  ILE A N   1 
ATOM 175  C CA  . ILE A 1 35  ? -6.260  -7.959  1.739   1.00 25.25 ? 37  ILE A CA  1 
ATOM 176  C C   . ILE A 1 35  ? -4.883  -8.184  2.356   1.00 26.04 ? 37  ILE A C   1 
ATOM 177  O O   . ILE A 1 35  ? -4.007  -7.315  2.275   1.00 25.15 ? 37  ILE A O   1 
ATOM 178  C CB  . ILE A 1 35  ? -7.333  -7.696  2.814   1.00 27.07 ? 37  ILE A CB  1 
ATOM 179  C CG1 . ILE A 1 35  ? -8.648  -7.154  2.225   1.00 22.49 ? 37  ILE A CG1 1 
ATOM 180  C CG2 . ILE A 1 35  ? -6.815  -6.703  3.837   1.00 26.57 ? 37  ILE A CG2 1 
ATOM 181  C CD1 . ILE A 1 35  ? -8.503  -6.152  1.090   1.00 23.61 ? 37  ILE A CD1 1 
ATOM 182  N N   . ASP A 1 36  ? -4.660  -9.369  2.953   1.00 27.39 ? 38  ASP A N   1 
ATOM 183  C CA  . ASP A 1 36  ? -3.393  -9.642  3.642   1.00 29.87 ? 38  ASP A CA  1 
ATOM 184  C C   . ASP A 1 36  ? -2.212  -9.548  2.695   1.00 32.46 ? 38  ASP A C   1 
ATOM 185  O O   . ASP A 1 36  ? -1.167  -8.972  3.031   1.00 30.70 ? 38  ASP A O   1 
ATOM 186  C CB  . ASP A 1 36  ? -3.389  -11.028 4.274   1.00 32.95 ? 38  ASP A CB  1 
ATOM 187  C CG  . ASP A 1 36  ? -4.327  -11.155 5.431   1.00 39.24 ? 38  ASP A CG  1 
ATOM 188  O OD1 . ASP A 1 36  ? -4.911  -10.129 5.861   1.00 37.75 ? 38  ASP A OD1 1 
ATOM 189  O OD2 . ASP A 1 36  ? -4.455  -12.303 5.921   1.00 43.63 ? 38  ASP A OD2 1 
ATOM 190  N N   . ASP A 1 37  ? -2.343  -10.179 1.528   1.00 29.23 ? 39  ASP A N   1 
ATOM 191  C CA  . ASP A 1 37  ? -1.348  -10.046 0.480   1.00 27.01 ? 39  ASP A CA  1 
ATOM 192  C C   . ASP A 1 37  ? -1.057  -8.580  0.188   1.00 26.42 ? 39  ASP A C   1 
ATOM 193  O O   . ASP A 1 37  ? 0.105   -8.164  0.149   1.00 30.70 ? 39  ASP A O   1 
ATOM 194  C CB  . ASP A 1 37  ? -1.845  -10.762 -0.770  1.00 31.93 ? 39  ASP A CB  1 
ATOM 195  C CG  . ASP A 1 37  ? -1.523  -12.244 -0.766  1.00 35.70 ? 39  ASP A CG  1 
ATOM 196  O OD1 . ASP A 1 37  ? -0.731  -12.706 0.097   1.00 33.97 ? 39  ASP A OD1 1 
ATOM 197  O OD2 . ASP A 1 37  ? -2.100  -12.942 -1.631  1.00 39.80 ? 39  ASP A OD2 1 
ATOM 198  N N   . GLN A 1 38  ? -2.106  -7.774  0.002   1.00 25.07 ? 40  GLN A N   1 
ATOM 199  C CA  . GLN A 1 38  ? -1.910  -6.354  -0.274  1.00 24.39 ? 40  GLN A CA  1 
ATOM 200  C C   . GLN A 1 38  ? -1.198  -5.657  0.871   1.00 27.06 ? 40  GLN A C   1 
ATOM 201  O O   . GLN A 1 38  ? -0.275  -4.865  0.649   1.00 25.83 ? 40  GLN A O   1 
ATOM 202  C CB  . GLN A 1 38  ? -3.245  -5.678  -0.549  1.00 26.50 ? 40  GLN A CB  1 
ATOM 203  C CG  . GLN A 1 38  ? -3.844  -6.130  -1.852  1.00 32.64 ? 40  GLN A CG  1 
ATOM 204  C CD  . GLN A 1 38  ? -5.159  -5.482  -2.145  1.00 30.40 ? 40  GLN A CD  1 
ATOM 205  O OE1 . GLN A 1 38  ? -5.467  -4.404  -1.618  1.00 28.57 ? 40  GLN A OE1 1 
ATOM 206  N NE2 . GLN A 1 38  ? -5.968  -6.143  -2.978  1.00 29.69 ? 40  GLN A NE2 1 
ATOM 207  N N   . LEU A 1 39  ? -1.623  -5.925  2.105   1.00 28.60 ? 41  LEU A N   1 
ATOM 208  C CA  . LEU A 1 39  ? -0.917  -5.373  3.251   1.00 24.61 ? 41  LEU A CA  1 
ATOM 209  C C   . LEU A 1 39  ? 0.533   -5.828  3.254   1.00 28.91 ? 41  LEU A C   1 
ATOM 210  O O   . LEU A 1 39  ? 1.454   -5.008  3.345   1.00 29.93 ? 41  LEU A O   1 
ATOM 211  C CB  . LEU A 1 39  ? -1.626  -5.774  4.539   1.00 25.76 ? 41  LEU A CB  1 
ATOM 212  C CG  . LEU A 1 39  ? -2.752  -4.820  4.919   1.00 25.86 ? 41  LEU A CG  1 
ATOM 213  C CD1 . LEU A 1 39  ? -2.162  -3.461  5.005   1.00 31.30 ? 41  LEU A CD1 1 
ATOM 214  C CD2 . LEU A 1 39  ? -3.831  -4.784  3.917   1.00 27.90 ? 41  LEU A CD2 1 
ATOM 215  N N   . ALA A 1 40  ? 0.754   -7.136  3.113   1.00 30.14 ? 42  ALA A N   1 
ATOM 216  C CA  . ALA A 1 40  ? 2.113   -7.662  3.054   1.00 29.44 ? 42  ALA A CA  1 
ATOM 217  C C   . ALA A 1 40  ? 2.935   -6.957  1.986   1.00 28.01 ? 42  ALA A C   1 
ATOM 218  O O   . ALA A 1 40  ? 3.960   -6.336  2.287   1.00 33.33 ? 42  ALA A O   1 
ATOM 219  C CB  . ALA A 1 40  ? 2.082   -9.163  2.796   1.00 29.29 ? 42  ALA A CB  1 
ATOM 220  N N   . VAL A 1 41  ? 2.490   -7.043  0.725   1.00 25.52 ? 43  VAL A N   1 
ATOM 221  C CA  . VAL A 1 41  ? 3.229   -6.455  -0.393  1.00 25.22 ? 43  VAL A CA  1 
ATOM 222  C C   . VAL A 1 41  ? 3.527   -5.000  -0.121  1.00 25.60 ? 43  VAL A C   1 
ATOM 223  O O   . VAL A 1 41  ? 4.602   -4.498  -0.474  1.00 27.25 ? 43  VAL A O   1 
ATOM 224  C CB  . VAL A 1 41  ? 2.446   -6.624  -1.716  1.00 23.22 ? 43  VAL A CB  1 
ATOM 225  C CG1 . VAL A 1 41  ? 2.971   -5.689  -2.788  1.00 19.28 ? 43  VAL A CG1 1 
ATOM 226  C CG2 . VAL A 1 41  ? 2.538   -8.049  -2.192  1.00 25.58 ? 43  VAL A CG2 1 
ATOM 227  N N   . LEU A 1 42  ? 2.606   -4.307  0.547   1.00 23.16 ? 44  LEU A N   1 
ATOM 228  C CA  . LEU A 1 42  ? 2.779   -2.877  0.737   1.00 24.50 ? 44  LEU A CA  1 
ATOM 229  C C   . LEU A 1 42  ? 3.967   -2.585  1.633   1.00 27.91 ? 44  LEU A C   1 
ATOM 230  O O   . LEU A 1 42  ? 4.827   -1.773  1.284   1.00 31.98 ? 44  LEU A O   1 
ATOM 231  C CB  . LEU A 1 42  ? 1.508   -2.268  1.300   1.00 26.82 ? 44  LEU A CB  1 
ATOM 232  C CG  . LEU A 1 42  ? 0.608   -1.772  0.181   1.00 26.01 ? 44  LEU A CG  1 
ATOM 233  C CD1 . LEU A 1 42  ? -0.543  -0.986  0.787   1.00 24.29 ? 44  LEU A CD1 1 
ATOM 234  C CD2 . LEU A 1 42  ? 1.422   -0.942  -0.813  1.00 16.98 ? 44  LEU A CD2 1 
ATOM 235  N N   . TRP A 1 43  ? 4.064   -3.255  2.776   1.00 29.60 ? 45  TRP A N   1 
ATOM 236  C CA  . TRP A 1 43  ? 5.156   -2.871  3.658   1.00 33.94 ? 45  TRP A CA  1 
ATOM 237  C C   . TRP A 1 43  ? 6.493   -3.477  3.276   1.00 35.94 ? 45  TRP A C   1 
ATOM 238  O O   . TRP A 1 43  ? 7.521   -2.913  3.655   1.00 39.68 ? 45  TRP A O   1 
ATOM 239  C CB  . TRP A 1 43  ? 4.782   -3.139  5.113   1.00 34.41 ? 45  TRP A CB  1 
ATOM 240  C CG  . TRP A 1 43  ? 4.946   -4.469  5.699   1.00 33.78 ? 45  TRP A CG  1 
ATOM 241  C CD1 . TRP A 1 43  ? 4.241   -5.592  5.364   1.00 42.98 ? 45  TRP A CD1 1 
ATOM 242  C CD2 . TRP A 1 43  ? 5.686   -4.800  6.883   1.00 31.57 ? 45  TRP A CD2 1 
ATOM 243  N NE1 . TRP A 1 43  ? 4.566   -6.635  6.221   1.00 49.81 ? 45  TRP A NE1 1 
ATOM 244  C CE2 . TRP A 1 43  ? 5.444   -6.173  7.164   1.00 37.94 ? 45  TRP A CE2 1 
ATOM 245  C CE3 . TRP A 1 43  ? 6.557   -4.092  7.699   1.00 28.65 ? 45  TRP A CE3 1 
ATOM 246  C CZ2 . TRP A 1 43  ? 6.042   -6.841  8.219   1.00 29.22 ? 45  TRP A CZ2 1 
ATOM 247  C CZ3 . TRP A 1 43  ? 7.146   -4.754  8.755   1.00 39.96 ? 45  TRP A CZ3 1 
ATOM 248  C CH2 . TRP A 1 43  ? 6.890   -6.119  9.005   1.00 39.61 ? 45  TRP A CH2 1 
ATOM 249  N N   . TYR A 1 44  ? 6.531   -4.547  2.482   1.00 32.77 ? 46  TYR A N   1 
ATOM 250  C CA  . TYR A 1 44  ? 7.807   -4.904  1.877   1.00 28.81 ? 46  TYR A CA  1 
ATOM 251  C C   . TYR A 1 44  ? 8.289   -3.748  1.003   1.00 30.37 ? 46  TYR A C   1 
ATOM 252  O O   . TYR A 1 44  ? 9.397   -3.224  1.184   1.00 28.83 ? 46  TYR A O   1 
ATOM 253  C CB  . TYR A 1 44  ? 7.677   -6.201  1.063   1.00 33.24 ? 46  TYR A CB  1 
ATOM 254  C CG  . TYR A 1 44  ? 9.018   -6.758  0.582   1.00 34.65 ? 46  TYR A CG  1 
ATOM 255  C CD1 . TYR A 1 44  ? 9.750   -6.105  -0.396  1.00 33.44 ? 46  TYR A CD1 1 
ATOM 256  C CD2 . TYR A 1 44  ? 9.548   -7.930  1.119   1.00 27.75 ? 46  TYR A CD2 1 
ATOM 257  C CE1 . TYR A 1 44  ? 10.965  -6.577  -0.809  1.00 34.34 ? 46  TYR A CE1 1 
ATOM 258  C CE2 . TYR A 1 44  ? 10.757  -8.409  0.701   1.00 27.51 ? 46  TYR A CE2 1 
ATOM 259  C CZ  . TYR A 1 44  ? 11.463  -7.723  -0.266  1.00 33.78 ? 46  TYR A CZ  1 
ATOM 260  O OH  . TYR A 1 44  ? 12.680  -8.169  -0.719  1.00 42.00 ? 46  TYR A OH  1 
ATOM 261  N N   . ALA A 1 45  ? 7.419   -3.292  0.094   1.00 33.85 ? 47  ALA A N   1 
ATOM 262  C CA  . ALA A 1 45  ? 7.722   -2.227  -0.855  1.00 31.06 ? 47  ALA A CA  1 
ATOM 263  C C   . ALA A 1 45  ? 7.856   -0.848  -0.198  1.00 33.58 ? 47  ALA A C   1 
ATOM 264  O O   . ALA A 1 45  ? 8.351   0.087   -0.830  1.00 35.45 ? 47  ALA A O   1 
ATOM 265  C CB  . ALA A 1 45  ? 6.635   -2.208  -1.933  1.00 19.70 ? 47  ALA A CB  1 
ATOM 266  N N   . TYR A 1 46  ? 7.421   -0.676  1.038   1.00 32.29 ? 48  TYR A N   1 
ATOM 267  C CA  . TYR A 1 46  ? 7.629   0.603   1.694   1.00 28.29 ? 48  TYR A CA  1 
ATOM 268  C C   . TYR A 1 46  ? 8.849   0.580   2.599   1.00 34.94 ? 48  TYR A C   1 
ATOM 269  O O   . TYR A 1 46  ? 9.648   1.519   2.566   1.00 38.44 ? 48  TYR A O   1 
ATOM 270  C CB  . TYR A 1 46  ? 6.375   0.986   2.474   1.00 31.49 ? 48  TYR A CB  1 
ATOM 271  C CG  . TYR A 1 46  ? 5.433   1.807   1.631   1.00 31.31 ? 48  TYR A CG  1 
ATOM 272  C CD1 . TYR A 1 46  ? 5.649   3.154   1.424   1.00 30.08 ? 48  TYR A CD1 1 
ATOM 273  C CD2 . TYR A 1 46  ? 4.389   1.204   0.949   1.00 31.21 ? 48  TYR A CD2 1 
ATOM 274  C CE1 . TYR A 1 46  ? 4.800   3.897   0.624   1.00 29.89 ? 48  TYR A CE1 1 
ATOM 275  C CE2 . TYR A 1 46  ? 3.546   1.931   0.143   1.00 30.89 ? 48  TYR A CE2 1 
ATOM 276  C CZ  . TYR A 1 46  ? 3.756   3.282   -0.022  1.00 29.80 ? 48  TYR A CZ  1 
ATOM 277  O OH  . TYR A 1 46  ? 2.906   4.013   -0.836  1.00 31.14 ? 48  TYR A OH  1 
ATOM 278  N N   . THR A 1 47  ? 9.018   -0.491  3.383   1.00 32.53 ? 49  THR A N   1 
ATOM 279  C CA  . THR A 1 47  ? 10.295  -0.767  4.030   1.00 26.64 ? 49  THR A CA  1 
ATOM 280  C C   . THR A 1 47  ? 11.465  -0.580  3.084   1.00 34.85 ? 49  THR A C   1 
ATOM 281  O O   . THR A 1 47  ? 12.522  -0.088  3.497   1.00 35.59 ? 49  THR A O   1 
ATOM 282  C CB  . THR A 1 47  ? 10.334  -2.196  4.552   1.00 30.88 ? 49  THR A CB  1 
ATOM 283  O OG1 . THR A 1 47  ? 9.118   -2.481  5.239   1.00 48.80 ? 49  THR A OG1 1 
ATOM 284  C CG2 . THR A 1 47  ? 11.496  -2.396  5.497   1.00 33.45 ? 49  THR A CG2 1 
ATOM 285  N N   . GLU A 1 48  ? 11.332  -1.001  1.817   1.00 36.27 ? 50  GLU A N   1 
ATOM 286  C CA  . GLU A 1 48  ? 12.516  -0.887  0.971   1.00 34.60 ? 50  GLU A CA  1 
ATOM 287  C C   . GLU A 1 48  ? 12.646  0.521   0.388   1.00 35.98 ? 50  GLU A C   1 
ATOM 288  O O   . GLU A 1 48  ? 13.717  1.136   0.490   1.00 34.70 ? 50  GLU A O   1 
ATOM 289  C CB  . GLU A 1 48  ? 12.555  -1.986  -0.104  1.00 26.41 ? 50  GLU A CB  1 
ATOM 290  C CG  . GLU A 1 48  ? 11.587  -1.951  -1.254  1.00 34.24 ? 50  GLU A CG  1 
ATOM 291  C CD  . GLU A 1 48  ? 11.898  -3.063  -2.284  1.00 38.45 ? 50  GLU A CD  1 
ATOM 292  O OE1 . GLU A 1 48  ? 12.552  -4.059  -1.897  1.00 37.36 ? 50  GLU A OE1 1 
ATOM 293  O OE2 . GLU A 1 48  ? 11.501  -2.951  -3.471  1.00 38.57 ? 50  GLU A OE2 1 
ATOM 294  N N   . MET A 1 49  ? 11.559  1.073   -0.168  1.00 35.09 ? 51  MET A N   1 
ATOM 295  C CA  . MET A 1 49  ? 11.591  2.452   -0.650  1.00 29.43 ? 51  MET A CA  1 
ATOM 296  C C   . MET A 1 49  ? 12.088  3.402   0.419   1.00 33.79 ? 51  MET A C   1 
ATOM 297  O O   . MET A 1 49  ? 12.848  4.335   0.131   1.00 34.91 ? 51  MET A O   1 
ATOM 298  C CB  . MET A 1 49  ? 10.213  2.873   -1.133  1.00 30.70 ? 51  MET A CB  1 
ATOM 299  C CG  . MET A 1 49  ? 9.940   2.402   -2.534  1.00 30.73 ? 51  MET A CG  1 
ATOM 300  S SD  . MET A 1 49  ? 10.651  3.630   -3.628  1.00 43.07 ? 51  MET A SD  1 
ATOM 301  C CE  . MET A 1 49  ? 10.892  2.701   -5.133  1.00 31.53 ? 51  MET A CE  1 
ATOM 302  N N   . GLY A 1 50  ? 11.701  3.159   1.662   1.00 31.30 ? 52  GLY A N   1 
ATOM 303  C CA  . GLY A 1 50  ? 12.248  3.943   2.747   1.00 31.10 ? 52  GLY A CA  1 
ATOM 304  C C   . GLY A 1 50  ? 11.761  5.363   2.635   1.00 37.03 ? 52  GLY A C   1 
ATOM 305  O O   . GLY A 1 50  ? 10.553  5.615   2.537   1.00 43.31 ? 52  GLY A O   1 
ATOM 306  N N   . ARG A 1 51  ? 12.713  6.301   2.611   1.00 39.91 ? 53  ARG A N   1 
ATOM 307  C CA  . ARG A 1 51  ? 12.443  7.735   2.579   1.00 44.73 ? 53  ARG A CA  1 
ATOM 308  C C   . ARG A 1 51  ? 12.477  8.320   1.177   1.00 46.22 ? 53  ARG A C   1 
ATOM 309  O O   . ARG A 1 51  ? 12.424  9.542   1.028   1.00 56.65 ? 53  ARG A O   1 
ATOM 310  C CB  . ARG A 1 51  ? 13.443  8.476   3.472   1.00 42.10 ? 53  ARG A CB  1 
ATOM 311  C CG  . ARG A 1 51  ? 12.819  8.978   4.736   1.00 52.55 ? 53  ARG A CG  1 
ATOM 312  C CD  . ARG A 1 51  ? 13.836  9.213   5.811   1.00 60.18 ? 53  ARG A CD  1 
ATOM 313  N NE  . ARG A 1 51  ? 13.305  10.052  6.876   1.00 72.32 ? 53  ARG A NE  1 
ATOM 314  C CZ  . ARG A 1 51  ? 13.983  10.371  7.968   1.00 80.34 ? 53  ARG A CZ  1 
ATOM 315  N NH1 . ARG A 1 51  ? 15.200  9.893   8.188   1.00 68.21 ? 53  ARG A NH1 1 
ATOM 316  N NH2 . ARG A 1 51  ? 13.416  11.165  8.873   1.00 87.57 ? 53  ARG A NH2 1 
ATOM 317  N N   . SER A 1 52  ? 12.559  7.490   0.149   1.00 43.67 ? 54  SER A N   1 
ATOM 318  C CA  . SER A 1 52  ? 12.720  7.987   -1.205  1.00 44.02 ? 54  SER A CA  1 
ATOM 319  C C   . SER A 1 52  ? 11.396  8.259   -1.906  1.00 50.20 ? 54  SER A C   1 
ATOM 320  O O   . SER A 1 52  ? 11.401  8.813   -3.011  1.00 58.54 ? 54  SER A O   1 
ATOM 321  C CB  . SER A 1 52  ? 13.564  6.999   -2.009  1.00 46.78 ? 54  SER A CB  1 
ATOM 322  O OG  . SER A 1 52  ? 14.788  6.762   -1.325  1.00 52.80 ? 54  SER A OG  1 
ATOM 323  N N   . ILE A 1 53  ? 10.294  7.914   -1.247  1.00 46.78 ? 55  ILE A N   1 
ATOM 324  C CA  . ILE A 1 53  ? 8.942   8.093   -1.845  1.00 58.20 ? 55  ILE A CA  1 
ATOM 325  C C   . ILE A 1 53  ? 8.518   9.553   -1.672  1.00 64.58 ? 55  ILE A C   1 
ATOM 326  O O   . ILE A 1 53  ? 8.170   10.183  -2.684  1.00 67.60 ? 55  ILE A O   1 
ATOM 327  C CB  . ILE A 1 53  ? 7.943   7.106   -1.207  1.00 53.59 ? 55  ILE A CB  1 
ATOM 328  C CG1 . ILE A 1 53  ? 8.650   6.109   -0.289  1.00 59.27 ? 55  ILE A CG1 1 
ATOM 329  C CG2 . ILE A 1 53  ? 7.115   6.402   -2.272  1.00 37.09 ? 55  ILE A CG2 1 
ATOM 330  C CD1 . ILE A 1 53  ? 7.866   5.752   0.947   1.00 56.04 ? 55  ILE A CD1 1 
ATOM 331  N N   . THR A 1 54  ? 8.534   10.062  -0.442  1.00 64.14 ? 56  THR A N   1 
ATOM 332  C CA  . THR A 1 54  ? 8.223   11.491  -0.186  1.00 70.21 ? 56  THR A CA  1 
ATOM 333  C C   . THR A 1 54  ? 9.498   12.159  0.330   1.00 75.59 ? 56  THR A C   1 
ATOM 334  O O   . THR A 1 54  ? 10.440  11.420  0.645   1.00 75.61 ? 56  THR A O   1 
ATOM 335  C CB  . THR A 1 54  ? 7.063   11.611  0.807   1.00 65.86 ? 56  THR A CB  1 
ATOM 336  O OG1 . THR A 1 54  ? 6.283   12.763  0.482   1.00 62.65 ? 56  THR A OG1 1 
ATOM 337  C CG2 . THR A 1 54  ? 7.531   11.690  2.245   1.00 59.38 ? 56  THR A CG2 1 
ATOM 338  N N   . PRO A 1 55  ? 9.601   13.503  0.413   1.00 85.10 ? 57  PRO A N   1 
ATOM 339  C CA  . PRO A 1 55  ? 10.779  14.146  1.012   1.00 83.01 ? 57  PRO A CA  1 
ATOM 340  C C   . PRO A 1 55  ? 11.223  13.435  2.301   1.00 82.19 ? 57  PRO A C   1 
ATOM 341  O O   . PRO A 1 55  ? 10.398  12.813  2.940   1.00 79.83 ? 57  PRO A O   1 
ATOM 342  C CB  . PRO A 1 55  ? 10.253  15.549  1.322   1.00 67.65 ? 57  PRO A CB  1 
ATOM 343  C CG  . PRO A 1 55  ? 8.781   15.329  1.582   1.00 70.95 ? 57  PRO A CG  1 
ATOM 344  C CD  . PRO A 1 55  ? 8.363   14.261  0.591   1.00 75.29 ? 57  PRO A CD  1 
ATOM 345  N N   . ALA A 1 56  ? 12.505  13.539  2.658   1.00 72.30 ? 58  ALA A N   1 
ATOM 346  C CA  . ALA A 1 56  ? 13.005  12.803  3.844   1.00 77.89 ? 58  ALA A CA  1 
ATOM 347  C C   . ALA A 1 56  ? 11.986  12.925  4.986   1.00 84.24 ? 58  ALA A C   1 
ATOM 348  O O   . ALA A 1 56  ? 11.503  11.867  5.438   1.00 79.06 ? 58  ALA A O   1 
ATOM 349  C CB  . ALA A 1 56  ? 14.374  13.293  4.256   1.00 54.50 ? 58  ALA A CB  1 
ATOM 350  N N   . ALA A 1 66  ? -2.198  13.254  9.609   1.00 41.81 ? 68  ALA A N   1 
ATOM 351  C CA  . ALA A 1 66  ? -1.197  12.261  9.206   1.00 42.09 ? 68  ALA A CA  1 
ATOM 352  C C   . ALA A 1 66  ? -0.447  11.758  10.409  1.00 41.05 ? 68  ALA A C   1 
ATOM 353  O O   . ALA A 1 66  ? -0.533  10.598  10.786  1.00 39.08 ? 68  ALA A O   1 
ATOM 354  C CB  . ALA A 1 66  ? -0.221  12.847  8.220   1.00 35.67 ? 68  ALA A CB  1 
ATOM 355  N N   . GLU A 1 67  ? 0.310   12.680  10.997  1.00 50.92 ? 69  GLU A N   1 
ATOM 356  C CA  . GLU A 1 67  ? 1.111   12.394  12.178  1.00 47.08 ? 69  GLU A CA  1 
ATOM 357  C C   . GLU A 1 67  ? 0.254   11.950  13.367  1.00 40.43 ? 69  GLU A C   1 
ATOM 358  O O   . GLU A 1 67  ? 0.747   11.211  14.224  1.00 39.99 ? 69  GLU A O   1 
ATOM 359  C CB  . GLU A 1 67  ? 1.966   13.639  12.481  1.00 49.31 ? 69  GLU A CB  1 
ATOM 360  C CG  . GLU A 1 67  ? 2.634   14.306  11.192  1.00 65.07 ? 69  GLU A CG  1 
ATOM 361  C CD  . GLU A 1 67  ? 1.757   15.326  10.382  1.00 60.47 ? 69  GLU A CD  1 
ATOM 362  O OE1 . GLU A 1 67  ? 0.885   15.995  10.989  1.00 56.51 ? 69  GLU A OE1 1 
ATOM 363  O OE2 . GLU A 1 67  ? 1.962   15.466  9.136   1.00 38.74 ? 69  GLU A OE2 1 
ATOM 364  N N   . GLY A 1 68  ? -1.025  12.337  13.409  1.00 40.01 ? 70  GLY A N   1 
ATOM 365  C CA  . GLY A 1 68  ? -1.937  11.948  14.477  1.00 36.29 ? 70  GLY A CA  1 
ATOM 366  C C   . GLY A 1 68  ? -2.784  10.714  14.193  1.00 40.29 ? 70  GLY A C   1 
ATOM 367  O O   . GLY A 1 68  ? -3.115  9.963   15.119  1.00 36.77 ? 70  GLY A O   1 
ATOM 368  N N   . LEU A 1 69  ? -3.169  10.499  12.924  1.00 36.92 ? 71  LEU A N   1 
ATOM 369  C CA  . LEU A 1 69  ? -3.707  9.195   12.547  1.00 25.35 ? 71  LEU A CA  1 
ATOM 370  C C   . LEU A 1 69  ? -2.738  8.091   12.902  1.00 31.69 ? 71  LEU A C   1 
ATOM 371  O O   . LEU A 1 69  ? -3.150  6.999   13.306  1.00 34.60 ? 71  LEU A O   1 
ATOM 372  C CB  . LEU A 1 69  ? -4.017  9.137   11.056  1.00 27.54 ? 71  LEU A CB  1 
ATOM 373  C CG  . LEU A 1 69  ? -4.545  7.770   10.596  1.00 25.29 ? 71  LEU A CG  1 
ATOM 374  C CD1 . LEU A 1 69  ? -5.852  7.381   11.266  1.00 23.16 ? 71  LEU A CD1 1 
ATOM 375  C CD2 . LEU A 1 69  ? -4.696  7.742   9.066   1.00 23.37 ? 71  LEU A CD2 1 
ATOM 376  N N   . LEU A 1 70  ? -1.440  8.359   12.747  1.00 33.71 ? 72  LEU A N   1 
ATOM 377  C CA  . LEU A 1 70  ? -0.447  7.350   13.062  1.00 29.17 ? 72  LEU A CA  1 
ATOM 378  C C   . LEU A 1 70  ? -0.471  7.037   14.537  1.00 30.65 ? 72  LEU A C   1 
ATOM 379  O O   . LEU A 1 70  ? -0.408  5.867   14.930  1.00 31.13 ? 72  LEU A O   1 
ATOM 380  C CB  . LEU A 1 70  ? 0.930   7.820   12.623  1.00 30.99 ? 72  LEU A CB  1 
ATOM 381  C CG  . LEU A 1 70  ? 1.125   7.475   11.148  1.00 32.98 ? 72  LEU A CG  1 
ATOM 382  C CD1 . LEU A 1 70  ? 2.316   8.231   10.586  1.00 32.34 ? 72  LEU A CD1 1 
ATOM 383  C CD2 . LEU A 1 70  ? 1.257   5.963   10.945  1.00 28.98 ? 72  LEU A CD2 1 
ATOM 384  N N   . ASN A 1 71  ? -0.610  8.068   15.373  1.00 32.80 ? 73  ASN A N   1 
ATOM 385  C CA  . ASN A 1 71  ? -0.676  7.804   16.801  1.00 36.09 ? 73  ASN A CA  1 
ATOM 386  C C   . ASN A 1 71  ? -1.847  6.895   17.129  1.00 33.21 ? 73  ASN A C   1 
ATOM 387  O O   . ASN A 1 71  ? -1.693  5.915   17.860  1.00 36.03 ? 73  ASN A O   1 
ATOM 388  C CB  . ASN A 1 71  ? -0.779  9.082   17.611  1.00 35.97 ? 73  ASN A CB  1 
ATOM 389  C CG  . ASN A 1 71  ? -0.553  8.815   19.090  1.00 53.72 ? 73  ASN A CG  1 
ATOM 390  O OD1 . ASN A 1 71  ? -0.022  7.760   19.462  1.00 52.96 ? 73  ASN A OD1 1 
ATOM 391  N ND2 . ASN A 1 71  ? -1.014  9.725   19.943  1.00 66.78 ? 73  ASN A ND2 1 
ATOM 392  N N   . GLN A 1 72  ? -3.021  7.192   16.578  1.00 30.52 ? 74  GLN A N   1 
ATOM 393  C CA  . GLN A 1 72  ? -4.186  6.369   16.881  1.00 32.50 ? 74  GLN A CA  1 
ATOM 394  C C   . GLN A 1 72  ? -3.915  4.910   16.550  1.00 33.08 ? 74  GLN A C   1 
ATOM 395  O O   . GLN A 1 72  ? -4.179  4.015   17.366  1.00 34.07 ? 74  GLN A O   1 
ATOM 396  C CB  . GLN A 1 72  ? -5.417  6.875   16.128  1.00 29.05 ? 74  GLN A CB  1 
ATOM 397  C CG  . GLN A 1 72  ? -6.694  6.175   16.553  1.00 26.97 ? 74  GLN A CG  1 
ATOM 398  C CD  . GLN A 1 72  ? -7.847  6.407   15.603  1.00 24.98 ? 74  GLN A CD  1 
ATOM 399  O OE1 . GLN A 1 72  ? -7.857  7.373   14.849  1.00 27.24 ? 74  GLN A OE1 1 
ATOM 400  N NE2 . GLN A 1 72  ? -8.838  5.527   15.651  1.00 24.44 ? 74  GLN A NE2 1 
ATOM 401  N N   . ILE A 1 73  ? -3.363  4.648   15.362  1.00 31.48 ? 75  ILE A N   1 
ATOM 402  C CA  . ILE A 1 73  ? -3.006  3.277   15.012  1.00 31.91 ? 75  ILE A CA  1 
ATOM 403  C C   . ILE A 1 73  ? -1.894  2.776   15.919  1.00 35.43 ? 75  ILE A C   1 
ATOM 404  O O   . ILE A 1 73  ? -1.965  1.661   16.448  1.00 37.35 ? 75  ILE A O   1 
ATOM 405  C CB  . ILE A 1 73  ? -2.617  3.156   13.524  1.00 34.83 ? 75  ILE A CB  1 
ATOM 406  C CG1 . ILE A 1 73  ? -3.731  3.677   12.608  1.00 32.27 ? 75  ILE A CG1 1 
ATOM 407  C CG2 . ILE A 1 73  ? -2.254  1.708   13.168  1.00 33.94 ? 75  ILE A CG2 1 
ATOM 408  C CD1 . ILE A 1 73  ? -3.454  3.452   11.136  1.00 27.36 ? 75  ILE A CD1 1 
ATOM 409  N N   . LYS A 1 74  ? -0.858  3.604   16.137  1.00 35.47 ? 76  LYS A N   1 
ATOM 410  C CA  . LYS A 1 74  ? 0.312   3.116   16.869  1.00 35.52 ? 76  LYS A CA  1 
ATOM 411  C C   . LYS A 1 74  ? -0.084  2.573   18.231  1.00 30.88 ? 76  LYS A C   1 
ATOM 412  O O   . LYS A 1 74  ? 0.505   1.598   18.704  1.00 31.56 ? 76  LYS A O   1 
ATOM 413  C CB  . LYS A 1 74  ? 1.373   4.211   17.019  1.00 31.49 ? 76  LYS A CB  1 
ATOM 414  C CG  . LYS A 1 74  ? 2.338   3.978   18.182  1.00 33.92 ? 76  LYS A CG  1 
ATOM 415  C CD  . LYS A 1 74  ? 3.518   4.957   18.197  1.00 42.50 ? 76  LYS A CD  1 
ATOM 416  C CE  . LYS A 1 74  ? 3.093   6.428   18.370  1.00 49.12 ? 76  LYS A CE  1 
ATOM 417  N NZ  . LYS A 1 74  ? 4.200   7.409   18.073  1.00 48.50 ? 76  LYS A NZ  1 
ATOM 418  N N   . GLN A 1 75  ? -1.134  3.136   18.823  1.00 34.65 ? 77  GLN A N   1 
ATOM 419  C CA  . GLN A 1 75  ? -1.578  2.825   20.172  1.00 36.88 ? 77  GLN A CA  1 
ATOM 420  C C   . GLN A 1 75  ? -2.781  1.878   20.197  1.00 34.90 ? 77  GLN A C   1 
ATOM 421  O O   . GLN A 1 75  ? -3.488  1.819   21.207  1.00 38.77 ? 77  GLN A O   1 
ATOM 422  C CB  . GLN A 1 75  ? -1.905  4.130   20.896  1.00 34.70 ? 77  GLN A CB  1 
ATOM 423  C CG  . GLN A 1 75  ? -3.195  4.763   20.376  1.00 49.24 ? 77  GLN A CG  1 
ATOM 424  C CD  . GLN A 1 75  ? -3.444  6.161   20.924  1.00 61.14 ? 77  GLN A CD  1 
ATOM 425  O OE1 . GLN A 1 75  ? -2.557  6.766   21.546  1.00 71.85 ? 77  GLN A OE1 1 
ATOM 426  N NE2 . GLN A 1 75  ? -4.665  6.676   20.717  1.00 49.54 ? 77  GLN A NE2 1 
ATOM 427  N N   . MET A 1 76  ? -3.028  1.138   19.118  1.00 34.71 ? 78  MET A N   1 
ATOM 428  C CA  . MET A 1 76  ? -4.113  0.161   19.073  1.00 33.81 ? 78  MET A CA  1 
ATOM 429  C C   . MET A 1 76  ? -3.613  -1.219  19.499  1.00 37.96 ? 78  MET A C   1 
ATOM 430  O O   . MET A 1 76  ? -2.429  -1.542  19.349  1.00 45.08 ? 78  MET A O   1 
ATOM 431  C CB  . MET A 1 76  ? -4.695  0.064   17.663  1.00 29.23 ? 78  MET A CB  1 
ATOM 432  C CG  . MET A 1 76  ? -5.602  1.186   17.274  1.00 27.88 ? 78  MET A CG  1 
ATOM 433  S SD  . MET A 1 76  ? -6.446  0.825   15.731  1.00 32.11 ? 78  MET A SD  1 
ATOM 434  C CE  . MET A 1 76  ? -6.593  2.447   14.978  1.00 27.36 ? 78  MET A CE  1 
ATOM 435  N N   . SER A 1 77  ? -4.523  -2.037  20.031  1.00 33.25 ? 79  SER A N   1 
ATOM 436  C CA  . SER A 1 77  ? -4.196  -3.439  20.260  1.00 31.26 ? 79  SER A CA  1 
ATOM 437  C C   . SER A 1 77  ? -3.967  -4.104  18.917  1.00 36.25 ? 79  SER A C   1 
ATOM 438  O O   . SER A 1 77  ? -4.663  -3.802  17.942  1.00 38.73 ? 79  SER A O   1 
ATOM 439  C CB  . SER A 1 77  ? -5.318  -4.158  21.003  1.00 39.13 ? 79  SER A CB  1 
ATOM 440  O OG  . SER A 1 77  ? -6.366  -4.557  20.130  1.00 31.40 ? 79  SER A OG  1 
ATOM 441  N N   . HIS A 1 78  ? -2.994  -5.021  18.863  1.00 41.22 ? 80  HIS A N   1 
ATOM 442  C CA  . HIS A 1 78  ? -2.518  -5.506  17.567  1.00 37.46 ? 80  HIS A CA  1 
ATOM 443  C C   . HIS A 1 78  ? -3.655  -6.024  16.696  1.00 32.02 ? 80  HIS A C   1 
ATOM 444  O O   . HIS A 1 78  ? -3.621  -5.856  15.473  1.00 33.07 ? 80  HIS A O   1 
ATOM 445  C CB  . HIS A 1 78  ? -1.447  -6.582  17.751  1.00 33.99 ? 80  HIS A CB  1 
ATOM 446  C CG  . HIS A 1 78  ? -0.146  -6.056  18.279  1.00 44.97 ? 80  HIS A CG  1 
ATOM 447  N ND1 . HIS A 1 78  ? 0.948   -6.865  18.504  1.00 50.12 ? 80  HIS A ND1 1 
ATOM 448  C CD2 . HIS A 1 78  ? 0.233   -4.806  18.643  1.00 48.89 ? 80  HIS A CD2 1 
ATOM 449  C CE1 . HIS A 1 78  ? 1.949   -6.135  18.964  1.00 51.92 ? 80  HIS A CE1 1 
ATOM 450  N NE2 . HIS A 1 78  ? 1.539   -4.884  19.063  1.00 49.93 ? 80  HIS A NE2 1 
ATOM 451  N N   . ALA A 1 79  ? -4.688  -6.612  17.300  1.00 29.05 ? 81  ALA A N   1 
ATOM 452  C CA  . ALA A 1 79  ? -5.829  -7.036  16.499  1.00 28.63 ? 81  ALA A CA  1 
ATOM 453  C C   . ALA A 1 79  ? -6.603  -5.851  15.945  1.00 33.97 ? 81  ALA A C   1 
ATOM 454  O O   . ALA A 1 79  ? -7.137  -5.931  14.830  1.00 36.63 ? 81  ALA A O   1 
ATOM 455  C CB  . ALA A 1 79  ? -6.760  -7.923  17.314  1.00 25.57 ? 81  ALA A CB  1 
ATOM 456  N N   . GLU A 1 80  ? -6.693  -4.752  16.701  1.00 31.73 ? 82  GLU A N   1 
ATOM 457  C CA  . GLU A 1 80  ? -7.370  -3.574  16.172  1.00 30.20 ? 82  GLU A CA  1 
ATOM 458  C C   . GLU A 1 80  ? -6.558  -2.943  15.049  1.00 33.01 ? 82  GLU A C   1 
ATOM 459  O O   . GLU A 1 80  ? -7.129  -2.377  14.114  1.00 33.77 ? 82  GLU A O   1 
ATOM 460  C CB  . GLU A 1 80  ? -7.609  -2.555  17.280  1.00 31.93 ? 82  GLU A CB  1 
ATOM 461  C CG  . GLU A 1 80  ? -8.428  -3.072  18.443  1.00 33.55 ? 82  GLU A CG  1 
ATOM 462  C CD  . GLU A 1 80  ? -8.349  -2.139  19.637  1.00 38.34 ? 82  GLU A CD  1 
ATOM 463  O OE1 . GLU A 1 80  ? -7.220  -1.736  19.982  1.00 41.60 ? 82  GLU A OE1 1 
ATOM 464  O OE2 . GLU A 1 80  ? -9.394  -1.836  20.259  1.00 41.40 ? 82  GLU A OE2 1 
ATOM 465  N N   . GLN A 1 81  ? -5.228  -3.020  15.126  1.00 32.01 ? 83  GLN A N   1 
ATOM 466  C CA  . GLN A 1 81  ? -4.400  -2.584  14.008  1.00 28.26 ? 83  GLN A CA  1 
ATOM 467  C C   . GLN A 1 81  ? -4.712  -3.395  12.760  1.00 28.19 ? 83  GLN A C   1 
ATOM 468  O O   . GLN A 1 81  ? -4.957  -2.836  11.685  1.00 28.69 ? 83  GLN A O   1 
ATOM 469  C CB  . GLN A 1 81  ? -2.930  -2.704  14.383  1.00 28.02 ? 83  GLN A CB  1 
ATOM 470  C CG  . GLN A 1 81  ? -2.503  -1.752  15.471  1.00 31.18 ? 83  GLN A CG  1 
ATOM 471  C CD  . GLN A 1 81  ? -1.125  -2.067  16.042  1.00 37.09 ? 83  GLN A CD  1 
ATOM 472  O OE1 . GLN A 1 81  ? -0.646  -3.205  15.965  1.00 38.34 ? 83  GLN A OE1 1 
ATOM 473  N NE2 . GLN A 1 81  ? -0.460  -1.044  16.578  1.00 37.32 ? 83  GLN A NE2 1 
ATOM 474  N N   . LEU A 1 82  ? -4.708  -4.722  12.893  1.00 30.16 ? 84  LEU A N   1 
ATOM 475  C CA  . LEU A 1 82  ? -5.188  -5.606  11.832  1.00 33.31 ? 84  LEU A CA  1 
ATOM 476  C C   . LEU A 1 82  ? -6.520  -5.132  11.278  1.00 34.88 ? 84  LEU A C   1 
ATOM 477  O O   . LEU A 1 82  ? -6.692  -4.971  10.064  1.00 33.88 ? 84  LEU A O   1 
ATOM 478  C CB  . LEU A 1 82  ? -5.338  -7.024  12.377  1.00 32.77 ? 84  LEU A CB  1 
ATOM 479  C CG  . LEU A 1 82  ? -4.197  -7.976  12.084  1.00 33.43 ? 84  LEU A CG  1 
ATOM 480  C CD1 . LEU A 1 82  ? -4.514  -9.297  12.719  1.00 34.34 ? 84  LEU A CD1 1 
ATOM 481  C CD2 . LEU A 1 82  ? -4.060  -8.114  10.573  1.00 40.20 ? 84  LEU A CD2 1 
ATOM 482  N N   . GLN A 1 83  ? -7.481  -4.928  12.172  1.00 30.57 ? 85  GLN A N   1 
ATOM 483  C CA  . GLN A 1 83  ? -8.790  -4.431  11.792  1.00 31.36 ? 85  GLN A CA  1 
ATOM 484  C C   . GLN A 1 83  ? -8.710  -3.219  10.873  1.00 32.84 ? 85  GLN A C   1 
ATOM 485  O O   . GLN A 1 83  ? -9.352  -3.185  9.818   1.00 33.61 ? 85  GLN A O   1 
ATOM 486  C CB  . GLN A 1 83  ? -9.552  -4.099  13.058  1.00 36.00 ? 85  GLN A CB  1 
ATOM 487  C CG  . GLN A 1 83  ? -10.939 -3.719  12.829  1.00 34.84 ? 85  GLN A CG  1 
ATOM 488  C CD  . GLN A 1 83  ? -11.667 -3.639  14.122  1.00 44.32 ? 85  GLN A CD  1 
ATOM 489  O OE1 . GLN A 1 83  ? -11.406 -2.757  14.942  1.00 50.32 ? 85  GLN A OE1 1 
ATOM 490  N NE2 . GLN A 1 83  ? -12.585 -4.576  14.337  1.00 53.51 ? 85  GLN A NE2 1 
ATOM 491  N N   . VAL A 1 84  ? -7.917  -2.215  11.252  1.00 35.88 ? 86  VAL A N   1 
ATOM 492  C CA  . VAL A 1 84  ? -7.937  -0.958  10.508  1.00 34.12 ? 86  VAL A CA  1 
ATOM 493  C C   . VAL A 1 84  ? -7.071  -1.041  9.265   1.00 31.04 ? 86  VAL A C   1 
ATOM 494  O O   . VAL A 1 84  ? -7.337  -0.349  8.273   1.00 29.29 ? 86  VAL A O   1 
ATOM 495  C CB  . VAL A 1 84  ? -7.528  0.228   11.405  1.00 34.09 ? 86  VAL A CB  1 
ATOM 496  C CG1 . VAL A 1 84  ? -8.295  0.182   12.729  1.00 37.86 ? 86  VAL A CG1 1 
ATOM 497  C CG2 . VAL A 1 84  ? -6.025  0.238   11.654  1.00 33.74 ? 86  VAL A CG2 1 
ATOM 498  N N   . MET A 1 85  ? -6.031  -1.875  9.276   1.00 31.30 ? 87  MET A N   1 
ATOM 499  C CA  . MET A 1 85  ? -5.288  -2.062  8.038   1.00 34.05 ? 87  MET A CA  1 
ATOM 500  C C   . MET A 1 85  ? -6.167  -2.739  6.999   1.00 31.46 ? 87  MET A C   1 
ATOM 501  O O   . MET A 1 85  ? -6.307  -2.244  5.876   1.00 31.16 ? 87  MET A O   1 
ATOM 502  C CB  . MET A 1 85  ? -4.011  -2.868  8.279   1.00 30.50 ? 87  MET A CB  1 
ATOM 503  C CG  . MET A 1 85  ? -3.052  -2.217  9.238   1.00 26.35 ? 87  MET A CG  1 
ATOM 504  S SD  . MET A 1 85  ? -2.623  -0.552  8.724   1.00 38.85 ? 87  MET A SD  1 
ATOM 505  C CE  . MET A 1 85  ? -2.059  -0.817  7.060   1.00 33.77 ? 87  MET A CE  1 
ATOM 506  N N   . ARG A 1 86  ? -6.803  -3.851  7.378   1.00 30.93 ? 88  ARG A N   1 
ATOM 507  C CA  . ARG A 1 86  ? -7.743  -4.520  6.487   1.00 29.40 ? 88  ARG A CA  1 
ATOM 508  C C   . ARG A 1 86  ? -8.824  -3.556  6.012   1.00 32.35 ? 88  ARG A C   1 
ATOM 509  O O   . ARG A 1 86  ? -9.217  -3.584  4.840   1.00 34.47 ? 88  ARG A O   1 
ATOM 510  C CB  . ARG A 1 86  ? -8.368  -5.725  7.195   1.00 30.33 ? 88  ARG A CB  1 
ATOM 511  C CG  . ARG A 1 86  ? -7.345  -6.781  7.634   1.00 38.33 ? 88  ARG A CG  1 
ATOM 512  C CD  . ARG A 1 86  ? -7.940  -8.190  7.712   1.00 47.26 ? 88  ARG A CD  1 
ATOM 513  N NE  . ARG A 1 86  ? -7.654  -8.867  8.974   1.00 44.98 ? 88  ARG A NE  1 
ATOM 514  C CZ  . ARG A 1 86  ? -7.092  -10.066 9.071   1.00 42.28 ? 88  ARG A CZ  1 
ATOM 515  N NH1 . ARG A 1 86  ? -6.659  -10.711 8.000   1.00 34.89 ? 88  ARG A NH1 1 
ATOM 516  N NH2 . ARG A 1 86  ? -6.950  -10.625 10.274  1.00 37.67 ? 88  ARG A NH2 1 
ATOM 517  N N   . ASP A 1 87  ? -9.293  -2.672  6.901   1.00 30.50 ? 89  ASP A N   1 
ATOM 518  C CA  . ASP A 1 87  ? -10.305 -1.691  6.519   1.00 27.73 ? 89  ASP A CA  1 
ATOM 519  C C   . ASP A 1 87  ? -9.808  -0.757  5.422   1.00 30.46 ? 89  ASP A C   1 
ATOM 520  O O   . ASP A 1 87  ? -10.544 -0.461  4.472   1.00 29.21 ? 89  ASP A O   1 
ATOM 521  C CB  . ASP A 1 87  ? -10.728 -0.889  7.738   1.00 31.85 ? 89  ASP A CB  1 
ATOM 522  C CG  . ASP A 1 87  ? -11.765 -1.601  8.565   1.00 39.54 ? 89  ASP A CG  1 
ATOM 523  O OD1 . ASP A 1 87  ? -12.202 -2.707  8.147   1.00 35.12 ? 89  ASP A OD1 1 
ATOM 524  O OD2 . ASP A 1 87  ? -12.120 -1.057  9.641   1.00 42.28 ? 89  ASP A OD2 1 
ATOM 525  N N   . LEU A 1 88  ? -8.572  -0.263  5.552   1.00 34.78 ? 90  LEU A N   1 
ATOM 526  C CA  . LEU A 1 88  ? -7.996  0.612   4.534   1.00 27.28 ? 90  LEU A CA  1 
ATOM 527  C C   . LEU A 1 88  ? -7.961  -0.074  3.180   1.00 28.32 ? 90  LEU A C   1 
ATOM 528  O O   . LEU A 1 88  ? -8.407  0.490   2.177   1.00 33.13 ? 90  LEU A O   1 
ATOM 529  C CB  . LEU A 1 88  ? -6.586  1.015   4.937   1.00 29.24 ? 90  LEU A CB  1 
ATOM 530  C CG  . LEU A 1 88  ? -6.458  2.056   6.029   1.00 32.23 ? 90  LEU A CG  1 
ATOM 531  C CD1 . LEU A 1 88  ? -4.996  2.253   6.324   1.00 31.19 ? 90  LEU A CD1 1 
ATOM 532  C CD2 . LEU A 1 88  ? -7.099  3.343   5.561   1.00 32.02 ? 90  LEU A CD2 1 
ATOM 533  N N   . ALA A 1 89  ? -7.432  -1.301  3.141   1.00 27.87 ? 91  ALA A N   1 
ATOM 534  C CA  . ALA A 1 89  ? -7.267  -2.015  1.884   1.00 23.54 ? 91  ALA A CA  1 
ATOM 535  C C   . ALA A 1 89  ? -8.598  -2.395  1.277   1.00 24.61 ? 91  ALA A C   1 
ATOM 536  O O   . ALA A 1 89  ? -8.730  -2.426  0.050   1.00 28.28 ? 91  ALA A O   1 
ATOM 537  C CB  . ALA A 1 89  ? -6.436  -3.267  2.101   1.00 26.37 ? 91  ALA A CB  1 
ATOM 538  N N   . ALA A 1 90  ? -9.580  -2.705  2.111   1.00 26.74 ? 92  ALA A N   1 
ATOM 539  C CA  . ALA A 1 90  ? -10.920 -3.032  1.661   1.00 21.80 ? 92  ALA A CA  1 
ATOM 540  C C   . ALA A 1 90  ? -11.806 -1.802  1.503   1.00 25.41 ? 92  ALA A C   1 
ATOM 541  O O   . ALA A 1 90  ? -13.016 -1.949  1.335   1.00 28.47 ? 92  ALA A O   1 
ATOM 542  C CB  . ALA A 1 90  ? -11.558 -4.016  2.633   1.00 21.16 ? 92  ALA A CB  1 
ATOM 543  N N   . LYS A 1 91  ? -11.235 -0.597  1.578   1.00 26.06 ? 93  LYS A N   1 
ATOM 544  C CA  . LYS A 1 91  ? -11.971 0.655   1.362   1.00 25.51 ? 93  LYS A CA  1 
ATOM 545  C C   . LYS A 1 91  ? -13.222 0.752   2.231   1.00 25.02 ? 93  LYS A C   1 
ATOM 546  O O   . LYS A 1 91  ? -14.201 1.403   1.862   1.00 25.03 ? 93  LYS A O   1 
ATOM 547  C CB  . LYS A 1 91  ? -12.347 0.827   -0.111  1.00 25.63 ? 93  LYS A CB  1 
ATOM 548  C CG  . LYS A 1 91  ? -11.176 1.089   -1.035  1.00 28.61 ? 93  LYS A CG  1 
ATOM 549  C CD  . LYS A 1 91  ? -11.544 2.022   -2.178  1.00 30.61 ? 93  LYS A CD  1 
ATOM 550  C CE  . LYS A 1 91  ? -12.182 3.340   -1.716  1.00 37.49 ? 93  LYS A CE  1 
ATOM 551  N NZ  . LYS A 1 91  ? -11.255 4.527   -1.693  1.00 36.21 ? 93  LYS A NZ  1 
ATOM 552  N N   . ASN A 1 92  ? -13.205 0.103   3.389   1.00 26.66 ? 94  ASN A N   1 
ATOM 553  C CA  . ASN A 1 92  ? -14.374 0.060   4.261   1.00 32.06 ? 94  ASN A CA  1 
ATOM 554  C C   . ASN A 1 92  ? -14.554 1.407   4.962   1.00 28.64 ? 94  ASN A C   1 
ATOM 555  O O   . ASN A 1 92  ? -13.583 1.993   5.441   1.00 30.09 ? 94  ASN A O   1 
ATOM 556  C CB  . ASN A 1 92  ? -14.221 -1.097  5.258   1.00 32.46 ? 94  ASN A CB  1 
ATOM 557  C CG  . ASN A 1 92  ? -15.445 -1.297  6.142   1.00 33.47 ? 94  ASN A CG  1 
ATOM 558  O OD1 . ASN A 1 92  ? -16.586 -1.171  5.692   1.00 37.10 ? 94  ASN A OD1 1 
ATOM 559  N ND2 . ASN A 1 92  ? -15.208 -1.686  7.392   1.00 33.51 ? 94  ASN A ND2 1 
ATOM 560  N N   . ASN A 1 93  ? -15.799 1.902   5.014   1.00 29.20 ? 95  ASN A N   1 
ATOM 561  C CA  . ASN A 1 93  ? -16.096 3.274   5.460   1.00 25.99 ? 95  ASN A CA  1 
ATOM 562  C C   . ASN A 1 93  ? -16.125 3.374   6.987   1.00 26.32 ? 95  ASN A C   1 
ATOM 563  O O   . ASN A 1 93  ? -17.154 3.632   7.608   1.00 21.77 ? 95  ASN A O   1 
ATOM 564  C CB  . ASN A 1 93  ? -17.416 3.755   4.881   1.00 25.24 ? 95  ASN A CB  1 
ATOM 565  C CG  . ASN A 1 93  ? -17.522 5.260   4.865   1.00 23.90 ? 95  ASN A CG  1 
ATOM 566  O OD1 . ASN A 1 93  ? -16.559 5.960   5.146   1.00 28.21 ? 95  ASN A OD1 1 
ATOM 567  N ND2 . ASN A 1 93  ? -18.705 5.765   4.582   1.00 23.43 ? 95  ASN A ND2 1 
ATOM 568  N N   . THR A 1 94  ? -14.945 3.209   7.578   1.00 31.10 ? 96  THR A N   1 
ATOM 569  C CA  . THR A 1 94  ? -14.666 3.296   9.005   1.00 27.90 ? 96  THR A CA  1 
ATOM 570  C C   . THR A 1 94  ? -14.076 4.666   9.333   1.00 30.84 ? 96  THR A C   1 
ATOM 571  O O   . THR A 1 94  ? -13.649 5.398   8.441   1.00 34.51 ? 96  THR A O   1 
ATOM 572  C CB  . THR A 1 94  ? -13.707 2.157   9.381   1.00 34.04 ? 96  THR A CB  1 
ATOM 573  O OG1 . THR A 1 94  ? -14.401 0.909   9.258   1.00 34.88 ? 96  THR A OG1 1 
ATOM 574  C CG2 . THR A 1 94  ? -13.090 2.285   10.782  1.00 45.43 ? 96  THR A CG2 1 
ATOM 575  N N   . GLN A 1 95  ? -14.092 5.029   10.619  1.00 28.11 ? 97  GLN A N   1 
ATOM 576  C CA  . GLN A 1 95  ? -13.445 6.270   11.042  1.00 29.54 ? 97  GLN A CA  1 
ATOM 577  C C   . GLN A 1 95  ? -12.013 6.384   10.508  1.00 35.00 ? 97  GLN A C   1 
ATOM 578  O O   . GLN A 1 95  ? -11.630 7.421   9.953   1.00 35.12 ? 97  GLN A O   1 
ATOM 579  C CB  . GLN A 1 95  ? -13.464 6.380   12.567  1.00 28.81 ? 97  GLN A CB  1 
ATOM 580  C CG  . GLN A 1 95  ? -12.750 7.617   13.086  1.00 30.49 ? 97  GLN A CG  1 
ATOM 581  C CD  . GLN A 1 95  ? -11.344 7.336   13.611  1.00 32.96 ? 97  GLN A CD  1 
ATOM 582  O OE1 . GLN A 1 95  ? -11.059 6.250   14.129  1.00 34.27 ? 97  GLN A OE1 1 
ATOM 583  N NE2 . GLN A 1 95  ? -10.457 8.317   13.473  1.00 33.87 ? 97  GLN A NE2 1 
ATOM 584  N N   . VAL A 1 96  ? -11.209 5.319   10.645  1.00 36.85 ? 98  VAL A N   1 
ATOM 585  C CA  . VAL A 1 96  ? -9.801  5.395   10.239  1.00 30.22 ? 98  VAL A CA  1 
ATOM 586  C C   . VAL A 1 96  ? -9.653  5.488   8.723   1.00 31.05 ? 98  VAL A C   1 
ATOM 587  O O   . VAL A 1 96  ? -8.740  6.158   8.223   1.00 30.10 ? 98  VAL A O   1 
ATOM 588  C CB  . VAL A 1 96  ? -9.026  4.204   10.821  1.00 25.12 ? 98  VAL A CB  1 
ATOM 589  C CG1 . VAL A 1 96  ? -7.687  4.060   10.167  1.00 24.09 ? 98  VAL A CG1 1 
ATOM 590  C CG2 . VAL A 1 96  ? -8.828  4.436   12.283  1.00 31.33 ? 98  VAL A CG2 1 
ATOM 591  N N   . SER A 1 97  ? -10.539 4.841   7.965   1.00 29.90 ? 99  SER A N   1 
ATOM 592  C CA  . SER A 1 97  ? -10.488 4.983   6.517   1.00 27.64 ? 99  SER A CA  1 
ATOM 593  C C   . SER A 1 97  ? -10.848 6.390   6.072   1.00 32.10 ? 99  SER A C   1 
ATOM 594  O O   . SER A 1 97  ? -10.338 6.861   5.049   1.00 33.33 ? 99  SER A O   1 
ATOM 595  C CB  . SER A 1 97  ? -11.432 4.000   5.863   1.00 26.04 ? 99  SER A CB  1 
ATOM 596  O OG  . SER A 1 97  ? -11.142 2.700   6.303   1.00 33.62 ? 99  SER A OG  1 
ATOM 597  N N   . ARG A 1 98  ? -11.736 7.068   6.805   1.00 31.71 ? 100 ARG A N   1 
ATOM 598  C CA  . ARG A 1 98  ? -12.103 8.430   6.446   1.00 28.34 ? 100 ARG A CA  1 
ATOM 599  C C   . ARG A 1 98  ? -11.041 9.417   6.898   1.00 30.42 ? 100 ARG A C   1 
ATOM 600  O O   . ARG A 1 98  ? -10.737 10.373  6.179   1.00 35.69 ? 100 ARG A O   1 
ATOM 601  C CB  . ARG A 1 98  ? -13.446 8.797   7.062   1.00 32.09 ? 100 ARG A CB  1 
ATOM 602  C CG  . ARG A 1 98  ? -14.521 7.793   6.790   1.00 31.22 ? 100 ARG A CG  1 
ATOM 603  C CD  . ARG A 1 98  ? -15.837 8.279   7.282   1.00 25.49 ? 100 ARG A CD  1 
ATOM 604  N NE  . ARG A 1 98  ? -16.691 8.625   6.155   1.00 24.66 ? 100 ARG A NE  1 
ATOM 605  C CZ  . ARG A 1 98  ? -17.299 9.792   6.022   1.00 30.77 ? 100 ARG A CZ  1 
ATOM 606  N NH1 . ARG A 1 98  ? -17.136 10.751  6.914   1.00 28.83 ? 100 ARG A NH1 1 
ATOM 607  N NH2 . ARG A 1 98  ? -18.099 9.999   4.974   1.00 43.85 ? 100 ARG A NH2 1 
ATOM 608  N N   . SER A 1 99  ? -10.480 9.219   8.089   1.00 27.27 ? 101 SER A N   1 
ATOM 609  C CA  . SER A 1 99  ? -9.350  10.046  8.488   1.00 30.01 ? 101 SER A CA  1 
ATOM 610  C C   . SER A 1 99  ? -8.210  9.891   7.502   1.00 35.88 ? 101 SER A C   1 
ATOM 611  O O   . SER A 1 99  ? -7.560  10.879  7.131   1.00 36.73 ? 101 SER A O   1 
ATOM 612  C CB  . SER A 1 99  ? -8.881  9.671   9.887   1.00 31.24 ? 101 SER A CB  1 
ATOM 613  O OG  . SER A 1 99  ? -9.967  9.708   10.788  1.00 41.17 ? 101 SER A OG  1 
ATOM 614  N N   . TYR A 1 100 ? -7.949  8.650   7.070   1.00 33.71 ? 102 TYR A N   1 
ATOM 615  C CA  . TYR A 1 100 ? -6.895  8.403   6.096   1.00 29.08 ? 102 TYR A CA  1 
ATOM 616  C C   . TYR A 1 100 ? -7.281  8.987   4.747   1.00 31.52 ? 102 TYR A C   1 
ATOM 617  O O   . TYR A 1 100 ? -6.505  9.728   4.130   1.00 35.85 ? 102 TYR A O   1 
ATOM 618  C CB  . TYR A 1 100 ? -6.617  6.896   5.990   1.00 29.46 ? 102 TYR A CB  1 
ATOM 619  C CG  . TYR A 1 100 ? -5.726  6.464   4.825   1.00 29.32 ? 102 TYR A CG  1 
ATOM 620  C CD1 . TYR A 1 100 ? -6.266  6.176   3.577   1.00 28.53 ? 102 TYR A CD1 1 
ATOM 621  C CD2 . TYR A 1 100 ? -4.350  6.328   4.987   1.00 24.95 ? 102 TYR A CD2 1 
ATOM 622  C CE1 . TYR A 1 100 ? -5.457  5.785   2.524   1.00 31.57 ? 102 TYR A CE1 1 
ATOM 623  C CE2 . TYR A 1 100 ? -3.535  5.938   3.945   1.00 23.76 ? 102 TYR A CE2 1 
ATOM 624  C CZ  . TYR A 1 100 ? -4.091  5.666   2.709   1.00 31.55 ? 102 TYR A CZ  1 
ATOM 625  O OH  . TYR A 1 100 ? -3.296  5.269   1.644   1.00 30.67 ? 102 TYR A OH  1 
ATOM 626  N N   . GLY A 1 101 ? -8.489  8.684   4.282   1.00 30.22 ? 103 GLY A N   1 
ATOM 627  C CA  . GLY A 1 101 ? -8.889  9.132   2.964   1.00 32.02 ? 103 GLY A CA  1 
ATOM 628  C C   . GLY A 1 101 ? -8.924  10.634  2.813   1.00 29.45 ? 103 GLY A C   1 
ATOM 629  O O   . GLY A 1 101 ? -8.914  11.130  1.681   1.00 31.57 ? 103 GLY A O   1 
ATOM 630  N N   . ILE A 1 102 ? -8.962  11.370  3.929   1.00 27.47 ? 104 ILE A N   1 
ATOM 631  C CA  . ILE A 1 102 ? -9.073  12.824  3.888   1.00 29.69 ? 104 ILE A CA  1 
ATOM 632  C C   . ILE A 1 102 ? -7.707  13.483  3.756   1.00 31.49 ? 104 ILE A C   1 
ATOM 633  O O   . ILE A 1 102 ? -7.619  14.718  3.734   1.00 33.34 ? 104 ILE A O   1 
ATOM 634  C CB  . ILE A 1 102 ? -9.867  13.304  5.130   1.00 31.83 ? 104 ILE A CB  1 
ATOM 635  C CG1 . ILE A 1 102 ? -10.556 14.624  4.880   1.00 30.83 ? 104 ILE A CG1 1 
ATOM 636  C CG2 . ILE A 1 102 ? -9.012  13.444  6.388   1.00 34.99 ? 104 ILE A CG2 1 
ATOM 637  C CD1 . ILE A 1 102 ? -11.562 14.908  5.943   1.00 40.35 ? 104 ILE A CD1 1 
ATOM 638  N N   . LEU A 1 103 ? -6.642  12.690  3.638   1.00 28.47 ? 105 LEU A N   1 
ATOM 639  C CA  . LEU A 1 103 ? -5.267  13.162  3.584   1.00 25.84 ? 105 LEU A CA  1 
ATOM 640  C C   . LEU A 1 103 ? -4.861  13.327  2.124   1.00 31.92 ? 105 LEU A C   1 
ATOM 641  O O   . LEU A 1 103 ? -5.210  12.492  1.281   1.00 35.37 ? 105 LEU A O   1 
ATOM 642  C CB  . LEU A 1 103 ? -4.347  12.137  4.248   1.00 30.83 ? 105 LEU A CB  1 
ATOM 643  C CG  . LEU A 1 103 ? -4.355  11.819  5.752   1.00 30.92 ? 105 LEU A CG  1 
ATOM 644  C CD1 . LEU A 1 103 ? -3.403  10.657  6.010   1.00 29.77 ? 105 LEU A CD1 1 
ATOM 645  C CD2 . LEU A 1 103 ? -4.018  12.997  6.651   1.00 31.53 ? 105 LEU A CD2 1 
ATOM 646  N N   . SER A 1 104 ? -4.111  14.382  1.816   1.00 32.03 ? 106 SER A N   1 
ATOM 647  C CA  . SER A 1 104 ? -3.612  14.527  0.450   1.00 36.20 ? 106 SER A CA  1 
ATOM 648  C C   . SER A 1 104 ? -2.800  13.301  0.037   1.00 37.50 ? 106 SER A C   1 
ATOM 649  O O   . SER A 1 104 ? -2.111  12.690  0.855   1.00 41.40 ? 106 SER A O   1 
ATOM 650  C CB  . SER A 1 104 ? -2.759  15.782  0.332   1.00 41.85 ? 106 SER A CB  1 
ATOM 651  O OG  . SER A 1 104 ? -1.901  15.900  1.448   1.00 41.56 ? 106 SER A OG  1 
ATOM 652  N N   . ASN A 1 105 ? -2.890  12.931  -1.247  1.00 37.00 ? 107 ASN A N   1 
ATOM 653  C CA  . ASN A 1 105 ? -2.225  11.709  -1.704  1.00 34.23 ? 107 ASN A CA  1 
ATOM 654  C C   . ASN A 1 105 ? -0.723  11.720  -1.474  1.00 41.28 ? 107 ASN A C   1 
ATOM 655  O O   . ASN A 1 105 ? -0.128  10.643  -1.390  1.00 47.18 ? 107 ASN A O   1 
ATOM 656  C CB  . ASN A 1 105 ? -2.488  11.421  -3.188  1.00 32.64 ? 107 ASN A CB  1 
ATOM 657  C CG  . ASN A 1 105 ? -3.940  11.079  -3.482  1.00 41.04 ? 107 ASN A CG  1 
ATOM 658  O OD1 . ASN A 1 105 ? -4.810  11.199  -2.621  1.00 55.26 ? 107 ASN A OD1 1 
ATOM 659  N ND2 . ASN A 1 105 ? -4.202  10.627  -4.701  1.00 39.38 ? 107 ASN A ND2 1 
ATOM 660  N N   . ASN A 1 106 ? -0.090  12.894  -1.388  1.00 46.19 ? 108 ASN A N   1 
ATOM 661  C CA  . ASN A 1 106 ? 1.321   12.957  -1.011  1.00 43.25 ? 108 ASN A CA  1 
ATOM 662  C C   . ASN A 1 106 ? 1.530   12.889  0.491   1.00 43.47 ? 108 ASN A C   1 
ATOM 663  O O   . ASN A 1 106 ? 2.657   12.631  0.922   1.00 50.41 ? 108 ASN A O   1 
ATOM 664  C CB  . ASN A 1 106 ? 1.976   14.224  -1.571  1.00 42.59 ? 108 ASN A CB  1 
ATOM 665  C CG  . ASN A 1 106 ? 1.941   14.261  -3.074  1.00 50.37 ? 108 ASN A CG  1 
ATOM 666  O OD1 . ASN A 1 106 ? 2.594   13.448  -3.726  1.00 60.63 ? 108 ASN A OD1 1 
ATOM 667  N ND2 . ASN A 1 106 ? 1.119   15.142  -3.638  1.00 50.69 ? 108 ASN A ND2 1 
ATOM 668  N N   . THR A 1 107 ? 0.487   13.122  1.292   1.00 38.52 ? 109 THR A N   1 
ATOM 669  C CA  . THR A 1 107 ? 0.570   12.786  2.706   1.00 39.37 ? 109 THR A CA  1 
ATOM 670  C C   . THR A 1 107 ? 0.361   11.298  2.939   1.00 37.33 ? 109 THR A C   1 
ATOM 671  O O   . THR A 1 107 ? 0.969   10.722  3.847   1.00 37.65 ? 109 THR A O   1 
ATOM 672  C CB  . THR A 1 107 ? -0.453  13.572  3.507   1.00 39.10 ? 109 THR A CB  1 
ATOM 673  O OG1 . THR A 1 107 ? -0.428  14.929  3.079   1.00 51.60 ? 109 THR A OG1 1 
ATOM 674  C CG2 . THR A 1 107 ? -0.085  13.533  4.955   1.00 38.29 ? 109 THR A CG2 1 
ATOM 675  N N   . LYS A 1 108 ? -0.488  10.664  2.131   1.00 36.06 ? 110 LYS A N   1 
ATOM 676  C CA  . LYS A 1 108 ? -0.588  9.214   2.172   1.00 34.79 ? 110 LYS A CA  1 
ATOM 677  C C   . LYS A 1 108 ? 0.779   8.571   1.980   1.00 36.26 ? 110 LYS A C   1 
ATOM 678  O O   . LYS A 1 108 ? 1.045   7.497   2.532   1.00 35.82 ? 110 LYS A O   1 
ATOM 679  C CB  . LYS A 1 108 ? -1.583  8.742   1.112   1.00 29.71 ? 110 LYS A CB  1 
ATOM 680  C CG  . LYS A 1 108 ? -3.021  9.056   1.490   1.00 31.39 ? 110 LYS A CG  1 
ATOM 681  C CD  . LYS A 1 108 ? -4.001  8.745   0.386   1.00 29.16 ? 110 LYS A CD  1 
ATOM 682  C CE  . LYS A 1 108 ? -5.336  9.389   0.690   1.00 29.45 ? 110 LYS A CE  1 
ATOM 683  N NZ  . LYS A 1 108 ? -6.084  9.741   -0.546  1.00 30.20 ? 110 LYS A NZ  1 
ATOM 684  N N   . LEU A 1 109 ? 1.668   9.233   1.227   1.00 39.68 ? 111 LEU A N   1 
ATOM 685  C CA  . LEU A 1 109 ? 3.018   8.714   1.024   1.00 36.47 ? 111 LEU A CA  1 
ATOM 686  C C   . LEU A 1 109 ? 3.808   8.763   2.318   1.00 33.93 ? 111 LEU A C   1 
ATOM 687  O O   . LEU A 1 109 ? 4.383   7.759   2.741   1.00 34.61 ? 111 LEU A O   1 
ATOM 688  C CB  . LEU A 1 109 ? 3.733   9.509   -0.066  1.00 36.06 ? 111 LEU A CB  1 
ATOM 689  C CG  . LEU A 1 109 ? 3.274   9.245   -1.494  1.00 32.74 ? 111 LEU A CG  1 
ATOM 690  C CD1 . LEU A 1 109 ? 4.149   9.971   -2.491  1.00 39.17 ? 111 LEU A CD1 1 
ATOM 691  C CD2 . LEU A 1 109 ? 3.263   7.762   -1.766  1.00 32.23 ? 111 LEU A CD2 1 
ATOM 692  N N   . ALA A 1 110 ? 3.838   9.925   2.967   1.00 33.07 ? 112 ALA A N   1 
ATOM 693  C CA  . ALA A 1 110 ? 4.577   10.038  4.216   1.00 35.25 ? 112 ALA A CA  1 
ATOM 694  C C   . ALA A 1 110 ? 3.955   9.169   5.300   1.00 33.42 ? 112 ALA A C   1 
ATOM 695  O O   . ALA A 1 110 ? 4.670   8.579   6.118   1.00 34.29 ? 112 ALA A O   1 
ATOM 696  C CB  . ALA A 1 110 ? 4.637   11.495  4.661   1.00 34.86 ? 112 ALA A CB  1 
ATOM 697  N N   . PHE A 1 111 ? 2.624   9.076   5.311   1.00 34.61 ? 113 PHE A N   1 
ATOM 698  C CA  . PHE A 1 111 ? 1.944   8.219   6.279   1.00 35.44 ? 113 PHE A CA  1 
ATOM 699  C C   . PHE A 1 111 ? 2.400   6.773   6.131   1.00 36.76 ? 113 PHE A C   1 
ATOM 700  O O   . PHE A 1 111 ? 2.781   6.119   7.111   1.00 34.05 ? 113 PHE A O   1 
ATOM 701  C CB  . PHE A 1 111 ? 0.426   8.322   6.097   1.00 30.72 ? 113 PHE A CB  1 
ATOM 702  C CG  . PHE A 1 111 ? -0.336  7.220   6.763   1.00 29.23 ? 113 PHE A CG  1 
ATOM 703  C CD1 . PHE A 1 111 ? -0.602  6.028   6.095   1.00 31.18 ? 113 PHE A CD1 1 
ATOM 704  C CD2 . PHE A 1 111 ? -0.794  7.373   8.061   1.00 30.44 ? 113 PHE A CD2 1 
ATOM 705  C CE1 . PHE A 1 111 ? -1.303  5.008   6.714   1.00 29.93 ? 113 PHE A CE1 1 
ATOM 706  C CE2 . PHE A 1 111 ? -1.498  6.360   8.689   1.00 30.94 ? 113 PHE A CE2 1 
ATOM 707  C CZ  . PHE A 1 111 ? -1.759  5.177   8.012   1.00 30.71 ? 113 PHE A CZ  1 
ATOM 708  N N   . TRP A 1 112 ? 2.354   6.253   4.905   1.00 35.18 ? 114 TRP A N   1 
ATOM 709  C CA  . TRP A 1 112 ? 2.731   4.867   4.692   1.00 31.66 ? 114 TRP A CA  1 
ATOM 710  C C   . TRP A 1 112 ? 4.200   4.638   5.020   1.00 37.55 ? 114 TRP A C   1 
ATOM 711  O O   . TRP A 1 112 ? 4.567   3.577   5.540   1.00 39.53 ? 114 TRP A O   1 
ATOM 712  C CB  . TRP A 1 112 ? 2.413   4.459   3.264   1.00 25.59 ? 114 TRP A CB  1 
ATOM 713  C CG  . TRP A 1 112 ? 1.060   3.876   3.168   1.00 27.95 ? 114 TRP A CG  1 
ATOM 714  C CD1 . TRP A 1 112 ? -0.082  4.504   2.764   1.00 30.26 ? 114 TRP A CD1 1 
ATOM 715  C CD2 . TRP A 1 112 ? 0.684   2.543   3.513   1.00 28.15 ? 114 TRP A CD2 1 
ATOM 716  N NE1 . TRP A 1 112 ? -1.145  3.635   2.810   1.00 26.32 ? 114 TRP A NE1 1 
ATOM 717  C CE2 . TRP A 1 112 ? -0.702  2.423   3.268   1.00 26.33 ? 114 TRP A CE2 1 
ATOM 718  C CE3 . TRP A 1 112 ? 1.386   1.430   3.991   1.00 27.55 ? 114 TRP A CE3 1 
ATOM 719  C CZ2 . TRP A 1 112 ? -1.397  1.241   3.490   1.00 26.98 ? 114 TRP A CZ2 1 
ATOM 720  C CZ3 . TRP A 1 112 ? 0.693   0.254   4.214   1.00 26.24 ? 114 TRP A CZ3 1 
ATOM 721  C CH2 . TRP A 1 112 ? -0.684  0.171   3.966   1.00 29.22 ? 114 TRP A CH2 1 
ATOM 722  N N   . TYR A 1 113 ? 5.057   5.623   4.741   1.00 39.73 ? 115 TYR A N   1 
ATOM 723  C CA  . TYR A 1 113 ? 6.460   5.473   5.104   1.00 37.27 ? 115 TYR A CA  1 
ATOM 724  C C   . TYR A 1 113 ? 6.589   5.233   6.598   1.00 37.37 ? 115 TYR A C   1 
ATOM 725  O O   . TYR A 1 113 ? 7.102   4.195   7.030   1.00 37.31 ? 115 TYR A O   1 
ATOM 726  C CB  . TYR A 1 113 ? 7.270   6.696   4.681   1.00 37.76 ? 115 TYR A CB  1 
ATOM 727  C CG  . TYR A 1 113 ? 8.535   6.819   5.479   1.00 41.92 ? 115 TYR A CG  1 
ATOM 728  C CD1 . TYR A 1 113 ? 9.532   5.852   5.383   1.00 44.27 ? 115 TYR A CD1 1 
ATOM 729  C CD2 . TYR A 1 113 ? 8.729   7.882   6.352   1.00 43.88 ? 115 TYR A CD2 1 
ATOM 730  C CE1 . TYR A 1 113 ? 10.690  5.949   6.132   1.00 43.36 ? 115 TYR A CE1 1 
ATOM 731  C CE2 . TYR A 1 113 ? 9.885   7.994   7.096   1.00 42.92 ? 115 TYR A CE2 1 
ATOM 732  C CZ  . TYR A 1 113 ? 10.857  7.025   6.984   1.00 45.46 ? 115 TYR A CZ  1 
ATOM 733  O OH  . TYR A 1 113 ? 12.000  7.128   7.732   1.00 58.23 ? 115 TYR A OH  1 
ATOM 734  N N   . GLU A 1 114 ? 6.077   6.171   7.403   1.00 35.42 ? 116 GLU A N   1 
ATOM 735  C CA  . GLU A 1 114 ? 6.111   6.009   8.851   1.00 34.48 ? 116 GLU A CA  1 
ATOM 736  C C   . GLU A 1 114 ? 5.393   4.748   9.299   1.00 35.22 ? 116 GLU A C   1 
ATOM 737  O O   . GLU A 1 114 ? 5.880   4.047   10.188  1.00 42.22 ? 116 GLU A O   1 
ATOM 738  C CB  . GLU A 1 114 ? 5.506   7.223   9.535   1.00 40.87 ? 116 GLU A CB  1 
ATOM 739  C CG  . GLU A 1 114 ? 6.039   8.519   9.011   1.00 45.06 ? 116 GLU A CG  1 
ATOM 740  C CD  . GLU A 1 114 ? 7.261   8.947   9.785   1.00 62.54 ? 116 GLU A CD  1 
ATOM 741  O OE1 . GLU A 1 114 ? 7.998   8.055   10.287  1.00 64.60 ? 116 GLU A OE1 1 
ATOM 742  O OE2 . GLU A 1 114 ? 7.492   10.170  9.884   1.00 64.48 ? 116 GLU A OE2 1 
ATOM 743  N N   . LEU A 1 115 ? 4.229   4.445   8.717   1.00 33.51 ? 117 LEU A N   1 
ATOM 744  C CA  . LEU A 1 115 ? 3.577   3.173   9.036   1.00 33.83 ? 117 LEU A CA  1 
ATOM 745  C C   . LEU A 1 115 ? 4.519   2.002   8.844   1.00 35.39 ? 117 LEU A C   1 
ATOM 746  O O   . LEU A 1 115 ? 4.556   1.084   9.671   1.00 35.85 ? 117 LEU A O   1 
ATOM 747  C CB  . LEU A 1 115 ? 2.327   2.953   8.189   1.00 33.27 ? 117 LEU A CB  1 
ATOM 748  C CG  . LEU A 1 115 ? 1.389   1.904   8.799   1.00 29.22 ? 117 LEU A CG  1 
ATOM 749  C CD1 . LEU A 1 115 ? 1.146   2.159   10.264  1.00 30.38 ? 117 LEU A CD1 1 
ATOM 750  C CD2 . LEU A 1 115 ? 0.077   1.852   8.049   1.00 32.90 ? 117 LEU A CD2 1 
ATOM 751  N N   . SER A 1 116 ? 5.283   2.011   7.750   1.00 36.56 ? 118 SER A N   1 
ATOM 752  C CA  . SER A 1 116 ? 6.223   0.926   7.508   1.00 36.81 ? 118 SER A CA  1 
ATOM 753  C C   . SER A 1 116 ? 7.288   0.878   8.594   1.00 35.89 ? 118 SER A C   1 
ATOM 754  O O   . SER A 1 116 ? 7.672   -0.204  9.046   1.00 40.73 ? 118 SER A O   1 
ATOM 755  C CB  . SER A 1 116 ? 6.846   1.076   6.120   1.00 38.04 ? 118 SER A CB  1 
ATOM 756  O OG  . SER A 1 116 ? 8.117   1.701   6.177   1.00 42.23 ? 118 SER A OG  1 
ATOM 757  N N   . GLU A 1 117 ? 7.749   2.040   9.059   1.00 33.46 ? 119 GLU A N   1 
ATOM 758  C CA  . GLU A 1 117 ? 8.752   2.059   10.119  1.00 36.14 ? 119 GLU A CA  1 
ATOM 759  C C   . GLU A 1 117 ? 8.188   1.524   11.434  1.00 37.70 ? 119 GLU A C   1 
ATOM 760  O O   . GLU A 1 117 ? 8.885   0.824   12.173  1.00 38.25 ? 119 GLU A O   1 
ATOM 761  C CB  . GLU A 1 117 ? 9.284   3.475   10.305  1.00 40.69 ? 119 GLU A CB  1 
ATOM 762  C CG  . GLU A 1 117 ? 10.021  4.031   9.101   1.00 47.43 ? 119 GLU A CG  1 
ATOM 763  C CD  . GLU A 1 117 ? 11.499  3.714   9.139   1.00 54.09 ? 119 GLU A CD  1 
ATOM 764  O OE1 . GLU A 1 117 ? 12.076  3.830   10.239  1.00 64.08 ? 119 GLU A OE1 1 
ATOM 765  O OE2 . GLU A 1 117 ? 12.084  3.365   8.083   1.00 54.01 ? 119 GLU A OE2 1 
ATOM 766  N N   . LEU A 1 118 ? 6.937   1.863   11.756  1.00 38.32 ? 120 LEU A N   1 
ATOM 767  C CA  . LEU A 1 118 ? 6.304   1.319   12.955  1.00 34.39 ? 120 LEU A CA  1 
ATOM 768  C C   . LEU A 1 118 ? 6.092   -0.176  12.822  1.00 40.06 ? 120 LEU A C   1 
ATOM 769  O O   . LEU A 1 118 ? 6.237   -0.926  13.798  1.00 38.85 ? 120 LEU A O   1 
ATOM 770  C CB  . LEU A 1 118 ? 4.968   2.003   13.196  1.00 28.83 ? 120 LEU A CB  1 
ATOM 771  C CG  . LEU A 1 118 ? 5.092   3.401   13.750  1.00 24.95 ? 120 LEU A CG  1 
ATOM 772  C CD1 . LEU A 1 118 ? 3.816   4.133   13.456  1.00 29.85 ? 120 LEU A CD1 1 
ATOM 773  C CD2 . LEU A 1 118 ? 5.337   3.308   15.231  1.00 30.41 ? 120 LEU A CD2 1 
ATOM 774  N N   . MET A 1 119 ? 5.702   -0.617  11.625  1.00 39.39 ? 121 MET A N   1 
ATOM 775  C CA  . MET A 1 119 ? 5.575   -2.040  11.369  1.00 33.78 ? 121 MET A CA  1 
ATOM 776  C C   . MET A 1 119 ? 6.915   -2.722  11.524  1.00 36.39 ? 121 MET A C   1 
ATOM 777  O O   . MET A 1 119 ? 7.010   -3.813  12.091  1.00 44.60 ? 121 MET A O   1 
ATOM 778  C CB  . MET A 1 119 ? 5.039   -2.257  9.966   1.00 30.65 ? 121 MET A CB  1 
ATOM 779  C CG  . MET A 1 119 ? 3.633   -1.839  9.811   1.00 36.65 ? 121 MET A CG  1 
ATOM 780  S SD  . MET A 1 119 ? 3.072   -2.003  8.119   1.00 35.75 ? 121 MET A SD  1 
ATOM 781  C CE  . MET A 1 119 ? 1.302   -1.789  8.370   1.00 33.04 ? 121 MET A CE  1 
ATOM 782  N N   . VAL A 1 120 ? 7.968   -2.081  11.041  1.00 33.74 ? 122 VAL A N   1 
ATOM 783  C CA  . VAL A 1 120 ? 9.253   -2.745  11.002  1.00 35.05 ? 122 VAL A CA  1 
ATOM 784  C C   . VAL A 1 120 ? 9.818   -2.828  12.418  1.00 41.64 ? 122 VAL A C   1 
ATOM 785  O O   . VAL A 1 120 ? 10.261  -3.893  12.860  1.00 47.15 ? 122 VAL A O   1 
ATOM 786  C CB  . VAL A 1 120 ? 10.178  -2.005  10.006  1.00 43.25 ? 122 VAL A CB  1 
ATOM 787  C CG1 . VAL A 1 120 ? 10.948  -0.794  10.624  1.00 41.74 ? 122 VAL A CG1 1 
ATOM 788  C CG2 . VAL A 1 120 ? 11.028  -2.947  9.182   1.00 45.54 ? 122 VAL A CG2 1 
ATOM 789  N N   . LYS A 1 121 ? 9.721   -1.733  13.185  1.00 40.92 ? 123 LYS A N   1 
ATOM 790  C CA  . LYS A 1 121 ? 10.148  -1.673  14.580  1.00 36.55 ? 123 LYS A CA  1 
ATOM 791  C C   . LYS A 1 121 ? 9.220   -2.433  15.513  1.00 38.61 ? 123 LYS A C   1 
ATOM 792  O O   . LYS A 1 121 ? 9.494   -2.471  16.716  1.00 46.43 ? 123 LYS A O   1 
ATOM 793  C CB  . LYS A 1 121 ? 10.240  -0.217  15.051  1.00 35.08 ? 123 LYS A CB  1 
ATOM 794  C CG  . LYS A 1 121 ? 11.139  0.663   14.197  1.00 44.28 ? 123 LYS A CG  1 
ATOM 795  C CD  . LYS A 1 121 ? 11.036  2.154   14.560  1.00 45.13 ? 123 LYS A CD  1 
ATOM 796  C CE  . LYS A 1 121 ? 12.211  2.630   15.410  1.00 57.18 ? 123 LYS A CE  1 
ATOM 797  N NZ  . LYS A 1 121 ? 11.914  3.862   16.215  1.00 59.19 ? 123 LYS A NZ  1 
ATOM 798  N N   . GLY A 1 122 ? 8.115   -2.987  15.016  1.00 37.39 ? 124 GLY A N   1 
ATOM 799  C CA  . GLY A 1 122 ? 7.264   -3.842  15.818  1.00 41.82 ? 124 GLY A CA  1 
ATOM 800  C C   . GLY A 1 122 ? 6.106   -3.182  16.543  1.00 42.02 ? 124 GLY A C   1 
ATOM 801  O O   . GLY A 1 122 ? 5.399   -3.872  17.295  1.00 40.21 ? 124 GLY A O   1 
ATOM 802  N N   . PHE A 1 123 ? 5.875   -1.883  16.346  1.00 42.03 ? 125 PHE A N   1 
ATOM 803  C CA  . PHE A 1 123 ? 4.758   -1.225  17.012  1.00 37.04 ? 125 PHE A CA  1 
ATOM 804  C C   . PHE A 1 123 ? 3.438   -1.437  16.293  1.00 33.62 ? 125 PHE A C   1 
ATOM 805  O O   . PHE A 1 123 ? 2.387   -1.160  16.876  1.00 35.18 ? 125 PHE A O   1 
ATOM 806  C CB  . PHE A 1 123 ? 4.994   0.282   17.139  1.00 40.67 ? 125 PHE A CB  1 
ATOM 807  C CG  . PHE A 1 123 ? 6.265   0.662   17.854  1.00 42.26 ? 125 PHE A CG  1 
ATOM 808  C CD1 . PHE A 1 123 ? 7.484   0.677   17.183  1.00 44.34 ? 125 PHE A CD1 1 
ATOM 809  C CD2 . PHE A 1 123 ? 6.230   1.072   19.178  1.00 39.86 ? 125 PHE A CD2 1 
ATOM 810  C CE1 . PHE A 1 123 ? 8.648   1.055   17.834  1.00 47.90 ? 125 PHE A CE1 1 
ATOM 811  C CE2 . PHE A 1 123 ? 7.386   1.449   19.833  1.00 42.46 ? 125 PHE A CE2 1 
ATOM 812  C CZ  . PHE A 1 123 ? 8.597   1.443   19.162  1.00 49.14 ? 125 PHE A CZ  1 
ATOM 813  N N   . VAL A 1 124 ? 3.461   -1.881  15.040  1.00 32.68 ? 126 VAL A N   1 
ATOM 814  C CA  . VAL A 1 124 ? 2.241   -2.060  14.261  1.00 35.05 ? 126 VAL A CA  1 
ATOM 815  C C   . VAL A 1 124 ? 2.354   -3.373  13.500  1.00 37.00 ? 126 VAL A C   1 
ATOM 816  O O   . VAL A 1 124 ? 3.439   -3.777  13.066  1.00 37.69 ? 126 VAL A O   1 
ATOM 817  C CB  . VAL A 1 124 ? 1.976   -0.870  13.296  1.00 33.88 ? 126 VAL A CB  1 
ATOM 818  C CG1 . VAL A 1 124 ? 0.730   -1.096  12.455  1.00 31.10 ? 126 VAL A CG1 1 
ATOM 819  C CG2 . VAL A 1 124 ? 1.824   0.417   14.068  1.00 33.35 ? 126 VAL A CG2 1 
ATOM 820  N N   . VAL A 1 125 ? 1.216   -4.038  13.343  1.00 36.36 ? 127 VAL A N   1 
ATOM 821  C CA  . VAL A 1 125 ? 1.157   -5.407  12.849  1.00 35.23 ? 127 VAL A CA  1 
ATOM 822  C C   . VAL A 1 125 ? 0.232   -5.444  11.640  1.00 37.02 ? 127 VAL A C   1 
ATOM 823  O O   . VAL A 1 125 ? -0.990  -5.517  11.784  1.00 37.05 ? 127 VAL A O   1 
ATOM 824  C CB  . VAL A 1 125 ? 0.667   -6.361  13.952  1.00 33.62 ? 127 VAL A CB  1 
ATOM 825  C CG1 . VAL A 1 125 ? 0.187   -7.683  13.382  1.00 35.42 ? 127 VAL A CG1 1 
ATOM 826  C CG2 . VAL A 1 125 ? 1.758   -6.571  14.984  1.00 33.41 ? 127 VAL A CG2 1 
ATOM 827  N N   . PRO A 1 126 ? 0.766   -5.431  10.394  1.00 38.48 ? 128 PRO A N   1 
ATOM 828  C CA  . PRO A 1 126 ? -0.074  -5.649  9.223   1.00 36.11 ? 128 PRO A CA  1 
ATOM 829  C C   . PRO A 1 126 ? -0.133  -7.174  9.083   1.00 42.41 ? 128 PRO A C   1 
ATOM 830  O O   . PRO A 1 126 ? 0.834   -7.807  9.466   1.00 52.08 ? 128 PRO A O   1 
ATOM 831  C CB  . PRO A 1 126 ? 0.738   -5.055  8.073   1.00 35.38 ? 128 PRO A CB  1 
ATOM 832  C CG  . PRO A 1 126 ? 2.174   -5.277  8.498   1.00 29.64 ? 128 PRO A CG  1 
ATOM 833  C CD  . PRO A 1 126 ? 2.161   -5.144  10.009  1.00 31.92 ? 128 PRO A CD  1 
ATOM 834  N N   . VAL A 1 127 ? -1.244  -7.726  8.585   1.00 31.80 ? 129 VAL A N   1 
ATOM 835  C CA  . VAL A 1 127 ? -1.379  -9.201  8.350   1.00 36.45 ? 129 VAL A CA  1 
ATOM 836  C C   . VAL A 1 127 ? -1.338  -9.987  9.674   1.00 36.94 ? 129 VAL A C   1 
ATOM 837  O O   . VAL A 1 127 ? -0.813  -9.464  10.676  1.00 30.60 ? 129 VAL A O   1 
ATOM 838  C CB  . VAL A 1 127 ? -0.353  -9.733  7.324   1.00 30.07 ? 129 VAL A CB  1 
ATOM 839  C CG1 . VAL A 1 127 ? -0.033  -8.719  6.237   1.00 34.44 ? 129 VAL A CG1 1 
ATOM 840  C CG2 . VAL A 1 127 ? 0.915   -10.265 7.975   1.00 18.80 ? 129 VAL A CG2 1 
ATOM 841  N N   . PRO A 1 128 ? -1.905  -11.212 9.724   1.00 34.86 ? 130 PRO A N   1 
ATOM 842  C CA  . PRO A 1 128 ? -1.944  -12.041 10.931  1.00 29.87 ? 130 PRO A CA  1 
ATOM 843  C C   . PRO A 1 128 ? -0.601  -12.575 11.364  1.00 41.44 ? 130 PRO A C   1 
ATOM 844  O O   . PRO A 1 128 ? 0.415   -12.432 10.673  1.00 47.10 ? 130 PRO A O   1 
ATOM 845  C CB  . PRO A 1 128 ? -2.857  -13.200 10.530  1.00 34.34 ? 130 PRO A CB  1 
ATOM 846  C CG  . PRO A 1 128 ? -3.558  -12.730 9.340   1.00 44.78 ? 130 PRO A CG  1 
ATOM 847  C CD  . PRO A 1 128 ? -2.630  -11.846 8.621   1.00 41.23 ? 130 PRO A CD  1 
ATOM 848  N N   . THR A 1 129 ? -0.605  -13.226 12.519  1.00 47.02 ? 131 THR A N   1 
ATOM 849  C CA  . THR A 1 129 ? 0.623   -13.729 13.108  1.00 55.19 ? 131 THR A CA  1 
ATOM 850  C C   . THR A 1 129 ? 1.053   -15.061 12.503  1.00 50.96 ? 131 THR A C   1 
ATOM 851  O O   . THR A 1 129 ? 2.089   -15.602 12.903  1.00 58.04 ? 131 THR A O   1 
ATOM 852  C CB  . THR A 1 129 ? 0.445   -13.843 14.628  1.00 55.81 ? 131 THR A CB  1 
ATOM 853  O OG1 . THR A 1 129 ? 1.728   -13.921 15.270  1.00 47.74 ? 131 THR A OG1 1 
ATOM 854  C CG2 . THR A 1 129 ? -0.401  -15.072 14.974  1.00 50.82 ? 131 THR A CG2 1 
ATOM 855  N N   . ASP A 1 130 ? 0.298   -15.587 11.538  1.00 47.05 ? 132 ASP A N   1 
ATOM 856  C CA  . ASP A 1 130 ? 0.646   -16.826 10.858  1.00 43.39 ? 132 ASP A CA  1 
ATOM 857  C C   . ASP A 1 130 ? 0.793   -16.602 9.358   1.00 46.49 ? 132 ASP A C   1 
ATOM 858  O O   . ASP A 1 130 ? 0.749   -17.560 8.586   1.00 46.28 ? 132 ASP A O   1 
ATOM 859  C CB  . ASP A 1 130 ? -0.417  -17.891 11.118  1.00 53.41 ? 132 ASP A CB  1 
ATOM 860  C CG  . ASP A 1 130 ? -1.742  -17.594 10.402  1.00 66.86 ? 132 ASP A CG  1 
ATOM 861  O OD1 . ASP A 1 130 ? -2.286  -16.473 10.557  1.00 58.28 ? 132 ASP A OD1 1 
ATOM 862  O OD2 . ASP A 1 130 ? -2.255  -18.511 9.706   1.00 73.48 ? 132 ASP A OD2 1 
ATOM 863  N N   . TYR A 1 131 ? 0.944   -15.349 8.929   1.00 52.56 ? 133 TYR A N   1 
ATOM 864  C CA  . TYR A 1 131 ? 0.819   -15.012 7.516   1.00 46.88 ? 133 TYR A CA  1 
ATOM 865  C C   . TYR A 1 131 ? 2.071   -15.414 6.745   1.00 39.22 ? 133 TYR A C   1 
ATOM 866  O O   . TYR A 1 131 ? 3.196   -15.254 7.225   1.00 41.64 ? 133 TYR A O   1 
ATOM 867  C CB  . TYR A 1 131 ? 0.550   -13.506 7.337   1.00 38.85 ? 133 TYR A CB  1 
ATOM 868  C CG  . TYR A 1 131 ? 0.629   -13.054 5.895   1.00 30.39 ? 133 TYR A CG  1 
ATOM 869  C CD1 . TYR A 1 131 ? -0.486  -13.092 5.077   1.00 30.65 ? 133 TYR A CD1 1 
ATOM 870  C CD2 . TYR A 1 131 ? 1.824   -12.620 5.349   1.00 28.58 ? 133 TYR A CD2 1 
ATOM 871  C CE1 . TYR A 1 131 ? -0.415  -12.713 3.752   1.00 33.50 ? 133 TYR A CE1 1 
ATOM 872  C CE2 . TYR A 1 131 ? 1.909   -12.245 4.036   1.00 29.64 ? 133 TYR A CE2 1 
ATOM 873  C CZ  . TYR A 1 131 ? 0.788   -12.287 3.235   1.00 33.93 ? 133 TYR A CZ  1 
ATOM 874  O OH  . TYR A 1 131 ? 0.871   -11.911 1.909   1.00 34.50 ? 133 TYR A OH  1 
ATOM 875  N N   . LYS A 1 132 ? 1.862   -15.948 5.545   1.00 32.90 ? 134 LYS A N   1 
ATOM 876  C CA  . LYS A 1 132 ? 2.914   -16.152 4.562   1.00 31.29 ? 134 LYS A CA  1 
ATOM 877  C C   . LYS A 1 132 ? 2.411   -15.597 3.241   1.00 38.03 ? 134 LYS A C   1 
ATOM 878  O O   . LYS A 1 132 ? 1.279   -15.893 2.843   1.00 43.22 ? 134 LYS A O   1 
ATOM 879  C CB  . LYS A 1 132 ? 3.262   -17.630 4.397   1.00 35.80 ? 134 LYS A CB  1 
ATOM 880  C CG  . LYS A 1 132 ? 4.202   -18.177 5.453   1.00 56.85 ? 134 LYS A CG  1 
ATOM 881  C CD  . LYS A 1 132 ? 5.540   -17.439 5.467   1.00 66.89 ? 134 LYS A CD  1 
ATOM 882  C CE  . LYS A 1 132 ? 6.716   -18.410 5.547   1.00 68.66 ? 134 LYS A CE  1 
ATOM 883  N NZ  . LYS A 1 132 ? 7.846   -17.809 6.307   1.00 60.76 ? 134 LYS A NZ  1 
ATOM 884  N N   . ILE A 1 133 ? 3.228   -14.784 2.567   1.00 38.85 ? 135 ILE A N   1 
ATOM 885  C CA  . ILE A 1 133 ? 2.837   -14.307 1.245   1.00 34.25 ? 135 ILE A CA  1 
ATOM 886  C C   . ILE A 1 133 ? 2.544   -15.506 0.349   1.00 33.81 ? 135 ILE A C   1 
ATOM 887  O O   . ILE A 1 133 ? 3.173   -16.564 0.463   1.00 28.93 ? 135 ILE A O   1 
ATOM 888  C CB  . ILE A 1 133 ? 3.929   -13.390 0.667   1.00 33.60 ? 135 ILE A CB  1 
ATOM 889  C CG1 . ILE A 1 133 ? 3.470   -12.735 -0.634  1.00 32.03 ? 135 ILE A CG1 1 
ATOM 890  C CG2 . ILE A 1 133 ? 5.250   -14.119 0.516   1.00 31.91 ? 135 ILE A CG2 1 
ATOM 891  C CD1 . ILE A 1 133 ? 4.161   -11.404 -0.918  1.00 30.88 ? 135 ILE A CD1 1 
ATOM 892  N N   . SER A 1 134 ? 1.536   -15.372 -0.504  1.00 33.38 ? 136 SER A N   1 
ATOM 893  C CA  . SER A 1 134 ? 1.201   -16.478 -1.381  1.00 29.78 ? 136 SER A CA  1 
ATOM 894  C C   . SER A 1 134 ? 2.068   -16.443 -2.638  1.00 37.87 ? 136 SER A C   1 
ATOM 895  O O   . SER A 1 134 ? 2.785   -15.476 -2.904  1.00 42.67 ? 136 SER A O   1 
ATOM 896  C CB  . SER A 1 134 ? -0.264  -16.416 -1.764  1.00 32.49 ? 136 SER A CB  1 
ATOM 897  O OG  . SER A 1 134 ? -0.470  -15.316 -2.621  1.00 37.76 ? 136 SER A OG  1 
ATOM 898  N N   . ARG A 1 135 ? 2.010   -17.523 -3.423  1.00 41.82 ? 137 ARG A N   1 
ATOM 899  C CA  . ARG A 1 135 ? 2.671   -17.506 -4.723  1.00 41.58 ? 137 ARG A CA  1 
ATOM 900  C C   . ARG A 1 135 ? 2.198   -16.316 -5.546  1.00 44.99 ? 137 ARG A C   1 
ATOM 901  O O   . ARG A 1 135 ? 3.003   -15.639 -6.195  1.00 45.99 ? 137 ARG A O   1 
ATOM 902  C CB  . ARG A 1 135 ? 2.401   -18.806 -5.474  1.00 46.97 ? 137 ARG A CB  1 
ATOM 903  C CG  . ARG A 1 135 ? 2.677   -18.711 -6.964  1.00 61.26 ? 137 ARG A CG  1 
ATOM 904  C CD  . ARG A 1 135 ? 2.361   -20.024 -7.692  1.00 75.14 ? 137 ARG A CD  1 
ATOM 905  N NE  . ARG A 1 135 ? 0.922   -20.269 -7.815  1.00 86.75 ? 137 ARG A NE  1 
ATOM 906  C CZ  . ARG A 1 135 ? 0.058   -19.515 -8.492  1.00 80.83 ? 137 ARG A CZ  1 
ATOM 907  N NH1 . ARG A 1 135 ? 0.453   -18.477 -9.212  1.00 73.64 ? 137 ARG A NH1 1 
ATOM 908  N NH2 . ARG A 1 135 ? -1.237  -19.822 -8.456  1.00 77.97 ? 137 ARG A NH2 1 
ATOM 909  N N   . ASP A 1 136 ? 0.894   -16.026 -5.497  1.00 46.80 ? 138 ASP A N   1 
ATOM 910  C CA  . ASP A 1 136 ? 0.348   -14.876 -6.213  1.00 47.09 ? 138 ASP A CA  1 
ATOM 911  C C   . ASP A 1 136 ? 0.823   -13.565 -5.605  1.00 46.47 ? 138 ASP A C   1 
ATOM 912  O O   . ASP A 1 136 ? 1.121   -12.613 -6.334  1.00 51.74 ? 138 ASP A O   1 
ATOM 913  C CB  . ASP A 1 136 ? -1.174  -14.954 -6.218  1.00 51.25 ? 138 ASP A CB  1 
ATOM 914  C CG  . ASP A 1 136 ? -1.678  -16.117 -7.045  1.00 68.23 ? 138 ASP A CG  1 
ATOM 915  O OD1 . ASP A 1 136 ? -1.538  -16.069 -8.287  1.00 65.06 ? 138 ASP A OD1 1 
ATOM 916  O OD2 . ASP A 1 136 ? -2.154  -17.107 -6.444  1.00 77.41 ? 138 ASP A OD2 1 
ATOM 917  N N   . GLY A 1 137 ? 0.906   -13.495 -4.273  1.00 47.45 ? 139 GLY A N   1 
ATOM 918  C CA  . GLY A 1 137 ? 1.497   -12.326 -3.638  1.00 35.18 ? 139 GLY A CA  1 
ATOM 919  C C   . GLY A 1 137 ? 2.977   -12.184 -3.938  1.00 31.58 ? 139 GLY A C   1 
ATOM 920  O O   . GLY A 1 137 ? 3.462   -11.082 -4.201  1.00 30.74 ? 139 GLY A O   1 
ATOM 921  N N   . SER A 1 138 ? 3.722   -13.290 -3.883  1.00 33.04 ? 140 SER A N   1 
ATOM 922  C CA  . SER A 1 138 ? 5.127   -13.233 -4.258  1.00 31.78 ? 140 SER A CA  1 
ATOM 923  C C   . SER A 1 138 ? 5.305   -12.906 -5.724  1.00 36.74 ? 140 SER A C   1 
ATOM 924  O O   . SER A 1 138 ? 6.359   -12.387 -6.102  1.00 33.49 ? 140 SER A O   1 
ATOM 925  C CB  . SER A 1 138 ? 5.833   -14.547 -3.945  1.00 35.16 ? 140 SER A CB  1 
ATOM 926  O OG  . SER A 1 138 ? 5.877   -14.778 -2.552  1.00 47.37 ? 140 SER A OG  1 
ATOM 927  N N   . GLN A 1 139 ? 4.299   -13.196 -6.555  1.00 36.27 ? 141 GLN A N   1 
ATOM 928  C CA  . GLN A 1 139 ? 4.388   -12.830 -7.962  1.00 35.07 ? 141 GLN A CA  1 
ATOM 929  C C   . GLN A 1 139 ? 4.375   -11.316 -8.130  1.00 32.05 ? 141 GLN A C   1 
ATOM 930  O O   . GLN A 1 139 ? 5.291   -10.745 -8.737  1.00 32.33 ? 141 GLN A O   1 
ATOM 931  C CB  . GLN A 1 139 ? 3.250   -13.475 -8.754  1.00 39.68 ? 141 GLN A CB  1 
ATOM 932  C CG  . GLN A 1 139 ? 3.582   -14.858 -9.338  1.00 47.13 ? 141 GLN A CG  1 
ATOM 933  C CD  . GLN A 1 139 ? 2.394   -15.509 -10.067 1.00 57.49 ? 141 GLN A CD  1 
ATOM 934  O OE1 . GLN A 1 139 ? 2.371   -16.725 -10.283 1.00 62.92 ? 141 GLN A OE1 1 
ATOM 935  N NE2 . GLN A 1 139 ? 1.414   -14.694 -10.463 1.00 63.33 ? 141 GLN A NE2 1 
ATOM 936  N N   . VAL A 1 140 ? 3.354   -10.648 -7.579  1.00 27.83 ? 142 VAL A N   1 
ATOM 937  C CA  . VAL A 1 140 ? 3.230   -9.200  -7.730  1.00 26.50 ? 142 VAL A CA  1 
ATOM 938  C C   . VAL A 1 140 ? 4.428   -8.493  -7.110  1.00 29.25 ? 142 VAL A C   1 
ATOM 939  O O   . VAL A 1 140 ? 5.017   -7.587  -7.712  1.00 30.17 ? 142 VAL A O   1 
ATOM 940  C CB  . VAL A 1 140 ? 1.912   -8.699  -7.117  1.00 27.17 ? 142 VAL A CB  1 
ATOM 941  C CG1 . VAL A 1 140 ? 1.915   -7.185  -7.040  1.00 27.84 ? 142 VAL A CG1 1 
ATOM 942  C CG2 . VAL A 1 140 ? 0.733   -9.159  -7.940  1.00 24.56 ? 142 VAL A CG2 1 
ATOM 943  N N   . LEU A 1 141 ? 4.804   -8.899  -5.894  1.00 28.63 ? 143 LEU A N   1 
ATOM 944  C CA  . LEU A 1 141 ? 5.936   -8.287  -5.202  1.00 26.08 ? 143 LEU A CA  1 
ATOM 945  C C   . LEU A 1 141 ? 7.177   -8.259  -6.086  1.00 27.26 ? 143 LEU A C   1 
ATOM 946  O O   . LEU A 1 141 ? 7.928   -7.279  -6.096  1.00 28.12 ? 143 LEU A O   1 
ATOM 947  C CB  . LEU A 1 141 ? 6.220   -9.053  -3.911  1.00 22.29 ? 143 LEU A CB  1 
ATOM 948  C CG  . LEU A 1 141 ? 7.233   -8.404  -2.987  1.00 20.50 ? 143 LEU A CG  1 
ATOM 949  C CD1 . LEU A 1 141 ? 7.028   -6.912  -3.016  1.00 25.82 ? 143 LEU A CD1 1 
ATOM 950  C CD2 . LEU A 1 141 ? 7.094   -8.933  -1.594  1.00 26.19 ? 143 LEU A CD2 1 
ATOM 951  N N   . GLU A 1 142 ? 7.395   -9.325  -6.849  1.00 32.79 ? 144 GLU A N   1 
ATOM 952  C CA  . GLU A 1 142 ? 8.546   -9.406  -7.738  1.00 34.40 ? 144 GLU A CA  1 
ATOM 953  C C   . GLU A 1 142 ? 8.352   -8.541  -8.977  1.00 30.70 ? 144 GLU A C   1 
ATOM 954  O O   . GLU A 1 142 ? 9.296   -7.882  -9.417  1.00 36.51 ? 144 GLU A O   1 
ATOM 955  C CB  . GLU A 1 142 ? 8.795   -10.868 -8.112  1.00 39.57 ? 144 GLU A CB  1 
ATOM 956  C CG  . GLU A 1 142 ? 9.296   -11.686 -6.925  1.00 52.42 ? 144 GLU A CG  1 
ATOM 957  C CD  . GLU A 1 142 ? 9.557   -13.165 -7.242  1.00 79.57 ? 144 GLU A CD  1 
ATOM 958  O OE1 . GLU A 1 142 ? 8.675   -13.838 -7.838  1.00 63.24 ? 144 GLU A OE1 1 
ATOM 959  O OE2 . GLU A 1 142 ? 10.647  -13.660 -6.868  1.00 91.73 ? 144 GLU A OE2 1 
ATOM 960  N N   . ALA A 1 143 ? 7.144   -8.519  -9.547  1.00 29.16 ? 145 ALA A N   1 
ATOM 961  C CA  . ALA A 1 143 ? 6.860   -7.604  -10.652 1.00 26.34 ? 145 ALA A CA  1 
ATOM 962  C C   . ALA A 1 143 ? 7.119   -6.162  -10.244 1.00 30.85 ? 145 ALA A C   1 
ATOM 963  O O   . ALA A 1 143 ? 7.716   -5.381  -10.997 1.00 28.17 ? 145 ALA A O   1 
ATOM 964  C CB  . ALA A 1 143 ? 5.414   -7.770  -11.110 1.00 24.42 ? 145 ALA A CB  1 
ATOM 965  N N   . LEU A 1 144 ? 6.671   -5.793  -9.043  1.00 33.88 ? 146 LEU A N   1 
ATOM 966  C CA  . LEU A 1 144 ? 6.905   -4.454  -8.520  1.00 30.85 ? 146 LEU A CA  1 
ATOM 967  C C   . LEU A 1 144 ? 8.394   -4.187  -8.318  1.00 35.65 ? 146 LEU A C   1 
ATOM 968  O O   . LEU A 1 144 ? 8.912   -3.144  -8.741  1.00 32.75 ? 146 LEU A O   1 
ATOM 969  C CB  . LEU A 1 144 ? 6.139   -4.292  -7.214  1.00 23.09 ? 146 LEU A CB  1 
ATOM 970  C CG  . LEU A 1 144 ? 6.323   -2.995  -6.447  1.00 24.82 ? 146 LEU A CG  1 
ATOM 971  C CD1 . LEU A 1 144 ? 5.683   -1.868  -7.214  1.00 27.75 ? 146 LEU A CD1 1 
ATOM 972  C CD2 . LEU A 1 144 ? 5.660   -3.136  -5.108  1.00 25.16 ? 146 LEU A CD2 1 
ATOM 973  N N   . LYS A 1 145 ? 9.105   -5.134  -7.681  1.00 34.83 ? 147 LYS A N   1 
ATOM 974  C CA  . LYS A 1 145 ? 10.503  -4.925  -7.313  1.00 34.61 ? 147 LYS A CA  1 
ATOM 975  C C   . LYS A 1 145 ? 11.373  -4.642  -8.535  1.00 39.02 ? 147 LYS A C   1 
ATOM 976  O O   . LYS A 1 145 ? 12.333  -3.863  -8.448  1.00 40.01 ? 147 LYS A O   1 
ATOM 977  C CB  . LYS A 1 145 ? 11.026  -6.146  -6.548  1.00 32.35 ? 147 LYS A CB  1 
ATOM 978  C CG  . LYS A 1 145 ? 11.111  -5.960  -5.016  1.00 39.32 ? 147 LYS A CG  1 
ATOM 979  C CD  . LYS A 1 145 ? 11.955  -7.056  -4.280  1.00 47.36 ? 147 LYS A CD  1 
ATOM 980  C CE  . LYS A 1 145 ? 13.503  -7.022  -4.438  1.00 47.72 ? 147 LYS A CE  1 
ATOM 981  N NZ  . LYS A 1 145 ? 14.240  -6.216  -3.363  1.00 34.18 ? 147 LYS A NZ  1 
ATOM 982  N N   . GLY A 1 146 ? 11.041  -5.239  -9.682  1.00 34.63 ? 148 GLY A N   1 
ATOM 983  C CA  . GLY A 1 146 ? 11.796  -5.126  -10.915 1.00 35.35 ? 148 GLY A CA  1 
ATOM 984  C C   . GLY A 1 146 ? 11.393  -3.999  -11.836 1.00 35.24 ? 148 GLY A C   1 
ATOM 985  O O   . GLY A 1 146 ? 11.969  -3.845  -12.921 1.00 33.75 ? 148 GLY A O   1 
ATOM 986  N N   . LEU A 1 147 ? 10.394  -3.219  -11.440 1.00 33.97 ? 149 LEU A N   1 
ATOM 987  C CA  . LEU A 1 147 ? 10.078  -1.971  -12.105 1.00 32.43 ? 149 LEU A CA  1 
ATOM 988  C C   . LEU A 1 147 ? 11.190  -0.961  -11.825 1.00 33.88 ? 149 LEU A C   1 
ATOM 989  O O   . LEU A 1 147 ? 11.971  -1.118  -10.880 1.00 33.52 ? 149 LEU A O   1 
ATOM 990  C CB  . LEU A 1 147 ? 8.735   -1.464  -11.588 1.00 32.04 ? 149 LEU A CB  1 
ATOM 991  C CG  . LEU A 1 147 ? 7.539   -2.269  -12.078 1.00 29.75 ? 149 LEU A CG  1 
ATOM 992  C CD1 . LEU A 1 147 ? 6.252   -1.634  -11.598 1.00 35.21 ? 149 LEU A CD1 1 
ATOM 993  C CD2 . LEU A 1 147 ? 7.574   -2.322  -13.590 1.00 26.97 ? 149 LEU A CD2 1 
ATOM 994  N N   . ASP A 1 148 ? 11.268  0.088   -12.646 1.00 34.00 ? 150 ASP A N   1 
ATOM 995  C CA  . ASP A 1 148 ? 12.321  1.059   -12.381 1.00 34.77 ? 150 ASP A CA  1 
ATOM 996  C C   . ASP A 1 148 ? 11.908  1.946   -11.205 1.00 28.29 ? 150 ASP A C   1 
ATOM 997  O O   . ASP A 1 148 ? 10.735  1.994   -10.826 1.00 28.25 ? 150 ASP A O   1 
ATOM 998  C CB  . ASP A 1 148 ? 12.675  1.860   -13.654 1.00 34.32 ? 150 ASP A CB  1 
ATOM 999  C CG  . ASP A 1 148 ? 11.658  2.935   -14.016 1.00 31.83 ? 150 ASP A CG  1 
ATOM 1000 O OD1 . ASP A 1 148 ? 11.447  3.898   -13.246 1.00 37.65 ? 150 ASP A OD1 1 
ATOM 1001 O OD2 . ASP A 1 148 ? 11.061  2.812   -15.096 1.00 28.90 ? 150 ASP A OD2 1 
ATOM 1002 N N   . PHE A 1 149 ? 12.905  2.602   -10.594 1.00 23.67 ? 151 PHE A N   1 
ATOM 1003 C CA  . PHE A 1 149 ? 12.662  3.360   -9.370  1.00 22.98 ? 151 PHE A CA  1 
ATOM 1004 C C   . PHE A 1 149 ? 11.424  4.227   -9.487  1.00 25.41 ? 151 PHE A C   1 
ATOM 1005 O O   . PHE A 1 149 ? 10.531  4.181   -8.633  1.00 28.43 ? 151 PHE A O   1 
ATOM 1006 C CB  . PHE A 1 149 ? 13.862  4.234   -9.025  1.00 27.23 ? 151 PHE A CB  1 
ATOM 1007 C CG  . PHE A 1 149 ? 13.635  5.134   -7.825  1.00 27.06 ? 151 PHE A CG  1 
ATOM 1008 C CD1 . PHE A 1 149 ? 13.486  4.607   -6.553  1.00 26.79 ? 151 PHE A CD1 1 
ATOM 1009 C CD2 . PHE A 1 149 ? 13.525  6.510   -7.990  1.00 22.92 ? 151 PHE A CD2 1 
ATOM 1010 C CE1 . PHE A 1 149 ? 13.267  5.444   -5.470  1.00 30.23 ? 151 PHE A CE1 1 
ATOM 1011 C CE2 . PHE A 1 149 ? 13.310  7.338   -6.914  1.00 22.76 ? 151 PHE A CE2 1 
ATOM 1012 C CZ  . PHE A 1 149 ? 13.182  6.810   -5.654  1.00 25.69 ? 151 PHE A CZ  1 
ATOM 1013 N N   . CYS A 1 150 ? 11.344  5.016   -10.554 1.00 27.95 ? 152 CYS A N   1 
ATOM 1014 C CA  . CYS A 1 150 ? 10.234  5.950   -10.670 1.00 31.59 ? 152 CYS A CA  1 
ATOM 1015 C C   . CYS A 1 150 ? 8.907   5.218   -10.818 1.00 27.84 ? 152 CYS A C   1 
ATOM 1016 O O   . CYS A 1 150 ? 7.887   5.677   -10.288 1.00 29.07 ? 152 CYS A O   1 
ATOM 1017 C CB  . CYS A 1 150 ? 10.493  6.916   -11.828 1.00 34.47 ? 152 CYS A CB  1 
ATOM 1018 S SG  . CYS A 1 150 ? 11.901  8.087   -11.526 1.00 38.83 ? 152 CYS A SG  1 
ATOM 1019 N N   . GLN A 1 151 ? 8.918   4.051   -11.469 1.00 24.46 ? 153 GLN A N   1 
ATOM 1020 C CA  . GLN A 1 151 ? 7.695   3.273   -11.655 1.00 27.31 ? 153 GLN A CA  1 
ATOM 1021 C C   . GLN A 1 151 ? 7.169   2.700   -10.345 1.00 32.66 ? 153 GLN A C   1 
ATOM 1022 O O   . GLN A 1 151 ? 5.949   2.647   -10.130 1.00 31.17 ? 153 GLN A O   1 
ATOM 1023 C CB  . GLN A 1 151 ? 7.943   2.149   -12.645 1.00 28.34 ? 153 GLN A CB  1 
ATOM 1024 C CG  . GLN A 1 151 ? 8.127   2.661   -14.025 1.00 34.17 ? 153 GLN A CG  1 
ATOM 1025 C CD  . GLN A 1 151 ? 8.221   1.567   -15.039 1.00 32.29 ? 153 GLN A CD  1 
ATOM 1026 O OE1 . GLN A 1 151 ? 8.925   0.576   -14.834 1.00 30.91 ? 153 GLN A OE1 1 
ATOM 1027 N NE2 . GLN A 1 151 ? 7.482   1.721   -16.140 1.00 34.88 ? 153 GLN A NE2 1 
ATOM 1028 N N   . GLN A 1 152 ? 8.068   2.229   -9.472  1.00 32.10 ? 154 GLN A N   1 
ATOM 1029 C CA  . GLN A 1 152 ? 7.636   1.733   -8.170  1.00 29.65 ? 154 GLN A CA  1 
ATOM 1030 C C   . GLN A 1 152 ? 6.938   2.835   -7.382  1.00 30.29 ? 154 GLN A C   1 
ATOM 1031 O O   . GLN A 1 152 ? 5.883   2.613   -6.766  1.00 25.31 ? 154 GLN A O   1 
ATOM 1032 C CB  . GLN A 1 152 ? 8.843   1.189   -7.414  1.00 25.30 ? 154 GLN A CB  1 
ATOM 1033 C CG  . GLN A 1 152 ? 9.516   0.045   -8.141  1.00 28.96 ? 154 GLN A CG  1 
ATOM 1034 C CD  . GLN A 1 152 ? 10.747  -0.470  -7.428  1.00 32.55 ? 154 GLN A CD  1 
ATOM 1035 O OE1 . GLN A 1 152 ? 10.930  -0.234  -6.237  1.00 37.83 ? 154 GLN A OE1 1 
ATOM 1036 N NE2 . GLN A 1 152 ? 11.616  -1.153  -8.164  1.00 32.73 ? 154 GLN A NE2 1 
ATOM 1037 N N   . ILE A 1 153 ? 7.496   4.048   -7.431  1.00 31.82 ? 155 ILE A N   1 
ATOM 1038 C CA  . ILE A 1 153 ? 6.893   5.188   -6.751  1.00 27.76 ? 155 ILE A CA  1 
ATOM 1039 C C   . ILE A 1 153 ? 5.490   5.441   -7.273  1.00 31.51 ? 155 ILE A C   1 
ATOM 1040 O O   . ILE A 1 153 ? 4.555   5.672   -6.497  1.00 33.34 ? 155 ILE A O   1 
ATOM 1041 C CB  . ILE A 1 153 ? 7.796   6.422   -6.898  1.00 23.72 ? 155 ILE A CB  1 
ATOM 1042 C CG1 . ILE A 1 153 ? 9.027   6.230   -6.026  1.00 30.01 ? 155 ILE A CG1 1 
ATOM 1043 C CG2 . ILE A 1 153 ? 7.080   7.660   -6.475  1.00 25.53 ? 155 ILE A CG2 1 
ATOM 1044 C CD1 . ILE A 1 153 ? 9.851   7.443   -5.916  1.00 38.83 ? 155 ILE A CD1 1 
ATOM 1045 N N   . THR A 1 154 ? 5.311   5.382   -8.597  1.00 34.88 ? 156 THR A N   1 
ATOM 1046 C CA  . THR A 1 154 ? 3.976   5.541   -9.164  1.00 31.72 ? 156 THR A CA  1 
ATOM 1047 C C   . THR A 1 154 ? 3.044   4.436   -8.687  1.00 29.21 ? 156 THR A C   1 
ATOM 1048 O O   . THR A 1 154 ? 1.948   4.713   -8.185  1.00 28.81 ? 156 THR A O   1 
ATOM 1049 C CB  . THR A 1 154 ? 4.038   5.578   -10.693 1.00 28.58 ? 156 THR A CB  1 
ATOM 1050 O OG1 . THR A 1 154 ? 4.832   6.695   -11.117 1.00 26.95 ? 156 THR A OG1 1 
ATOM 1051 C CG2 . THR A 1 154 ? 2.653   5.702   -11.274 1.00 24.55 ? 156 THR A CG2 1 
ATOM 1052 N N   . VAL A 1 155 ? 3.471   3.174   -8.820  1.00 27.34 ? 157 VAL A N   1 
ATOM 1053 C CA  . VAL A 1 155 ? 2.616   2.068   -8.403  1.00 25.88 ? 157 VAL A CA  1 
ATOM 1054 C C   . VAL A 1 155 ? 2.226   2.242   -6.945  1.00 29.20 ? 157 VAL A C   1 
ATOM 1055 O O   . VAL A 1 155 ? 1.050   2.129   -6.581  1.00 31.62 ? 157 VAL A O   1 
ATOM 1056 C CB  . VAL A 1 155 ? 3.312   0.715   -8.630  1.00 23.45 ? 157 VAL A CB  1 
ATOM 1057 C CG1 . VAL A 1 155 ? 2.460   -0.380  -8.084  1.00 21.70 ? 157 VAL A CG1 1 
ATOM 1058 C CG2 . VAL A 1 155 ? 3.573   0.475   -10.079 1.00 30.23 ? 157 VAL A CG2 1 
ATOM 1059 N N   . LEU A 1 156 ? 3.206   2.553   -6.090  1.00 27.85 ? 158 LEU A N   1 
ATOM 1060 C CA  . LEU A 1 156 ? 2.910   2.683   -4.668  1.00 25.27 ? 158 LEU A CA  1 
ATOM 1061 C C   . LEU A 1 156 ? 2.065   3.917   -4.374  1.00 28.53 ? 158 LEU A C   1 
ATOM 1062 O O   . LEU A 1 156 ? 1.276   3.909   -3.424  1.00 29.63 ? 158 LEU A O   1 
ATOM 1063 C CB  . LEU A 1 156 ? 4.193   2.738   -3.848  1.00 21.22 ? 158 LEU A CB  1 
ATOM 1064 C CG  . LEU A 1 156 ? 5.118   1.537   -3.809  1.00 24.01 ? 158 LEU A CG  1 
ATOM 1065 C CD1 . LEU A 1 156 ? 6.315   1.838   -2.899  1.00 23.99 ? 158 LEU A CD1 1 
ATOM 1066 C CD2 . LEU A 1 156 ? 4.367   0.290   -3.369  1.00 21.76 ? 158 LEU A CD2 1 
ATOM 1067 N N   . ARG A 1 157 ? 2.236   4.997   -5.133  1.00 27.06 ? 159 ARG A N   1 
ATOM 1068 C CA  . ARG A 1 157 ? 1.410   6.163   -4.870  1.00 25.93 ? 159 ARG A CA  1 
ATOM 1069 C C   . ARG A 1 157 ? -0.038  5.856   -5.223  1.00 30.00 ? 159 ARG A C   1 
ATOM 1070 O O   . ARG A 1 157 ? -0.954  6.122   -4.436  1.00 29.87 ? 159 ARG A O   1 
ATOM 1071 C CB  . ARG A 1 157 ? 1.928   7.367   -5.654  1.00 28.16 ? 159 ARG A CB  1 
ATOM 1072 C CG  . ARG A 1 157 ? 1.064   8.617   -5.513  1.00 35.68 ? 159 ARG A CG  1 
ATOM 1073 C CD  . ARG A 1 157 ? 1.758   9.890   -6.054  1.00 39.66 ? 159 ARG A CD  1 
ATOM 1074 N NE  . ARG A 1 157 ? 2.507   9.639   -7.282  1.00 39.95 ? 159 ARG A NE  1 
ATOM 1075 C CZ  . ARG A 1 157 ? 1.959   9.446   -8.479  1.00 38.00 ? 159 ARG A CZ  1 
ATOM 1076 N NH1 . ARG A 1 157 ? 0.647   9.519   -8.662  1.00 34.45 ? 159 ARG A NH1 1 
ATOM 1077 N NH2 . ARG A 1 157 ? 2.745   9.167   -9.520  1.00 40.23 ? 159 ARG A NH2 1 
ATOM 1078 N N   . LYS A 1 158 ? -0.257  5.225   -6.374  1.00 34.28 ? 160 LYS A N   1 
ATOM 1079 C CA  . LYS A 1 158 ? -1.621  5.015   -6.829  1.00 28.75 ? 160 LYS A CA  1 
ATOM 1080 C C   . LYS A 1 158 ? -2.335  3.974   -5.980  1.00 30.97 ? 160 LYS A C   1 
ATOM 1081 O O   . LYS A 1 158 ? -3.467  4.208   -5.550  1.00 38.58 ? 160 LYS A O   1 
ATOM 1082 C CB  . LYS A 1 158 ? -1.642  4.631   -8.304  1.00 26.68 ? 160 LYS A CB  1 
ATOM 1083 C CG  . LYS A 1 158 ? -2.911  3.869   -8.678  1.00 48.08 ? 160 LYS A CG  1 
ATOM 1084 C CD  . LYS A 1 158 ? -4.231  4.730   -8.695  1.00 54.15 ? 160 LYS A CD  1 
ATOM 1085 C CE  . LYS A 1 158 ? -5.204  4.279   -9.831  1.00 47.27 ? 160 LYS A CE  1 
ATOM 1086 N NZ  . LYS A 1 158 ? -6.656  4.388   -9.497  1.00 42.59 ? 160 LYS A NZ  1 
ATOM 1087 N N   . VAL A 1 159 ? -1.695  2.828   -5.703  1.00 32.63 ? 161 VAL A N   1 
ATOM 1088 C CA  . VAL A 1 159 ? -2.402  1.766   -4.974  1.00 33.61 ? 161 VAL A CA  1 
ATOM 1089 C C   . VAL A 1 159 ? -2.795  2.221   -3.569  1.00 33.25 ? 161 VAL A C   1 
ATOM 1090 O O   . VAL A 1 159 ? -3.817  1.775   -3.041  1.00 39.53 ? 161 VAL A O   1 
ATOM 1091 C CB  . VAL A 1 159 ? -1.594  0.450   -4.895  1.00 24.70 ? 161 VAL A CB  1 
ATOM 1092 C CG1 . VAL A 1 159 ? -1.207  -0.050  -6.275  1.00 25.04 ? 161 VAL A CG1 1 
ATOM 1093 C CG2 . VAL A 1 159 ? -0.411  0.584   -3.972  1.00 24.46 ? 161 VAL A CG2 1 
ATOM 1094 N N   . VAL A 1 160 ? -2.007  3.098   -2.936  1.00 33.98 ? 162 VAL A N   1 
ATOM 1095 C CA  . VAL A 1 160 ? -2.342  3.540   -1.582  1.00 32.94 ? 162 VAL A CA  1 
ATOM 1096 C C   . VAL A 1 160 ? -3.232  4.769   -1.591  1.00 33.08 ? 162 VAL A C   1 
ATOM 1097 O O   . VAL A 1 160 ? -3.803  5.113   -0.543  1.00 34.30 ? 162 VAL A O   1 
ATOM 1098 C CB  . VAL A 1 160 ? -1.113  3.855   -0.703  1.00 29.59 ? 162 VAL A CB  1 
ATOM 1099 C CG1 . VAL A 1 160 ? -0.117  2.688   -0.688  1.00 27.00 ? 162 VAL A CG1 1 
ATOM 1100 C CG2 . VAL A 1 160 ? -0.457  5.155   -1.123  1.00 24.60 ? 162 VAL A CG2 1 
ATOM 1101 N N   . ALA A 1 161 ? -3.367  5.444   -2.732  1.00 30.95 ? 163 ALA A N   1 
ATOM 1102 C CA  . ALA A 1 161 ? -4.255  6.595   -2.782  1.00 30.96 ? 163 ALA A CA  1 
ATOM 1103 C C   . ALA A 1 161 ? -5.720  6.196   -2.909  1.00 36.69 ? 163 ALA A C   1 
ATOM 1104 O O   . ALA A 1 161 ? -6.586  6.987   -2.526  1.00 42.02 ? 163 ALA A O   1 
ATOM 1105 C CB  . ALA A 1 161 ? -3.863  7.520   -3.925  1.00 24.77 ? 163 ALA A CB  1 
ATOM 1106 N N   . ASP A 1 162 ? -6.023  4.999   -3.421  1.00 35.06 ? 164 ASP A N   1 
ATOM 1107 C CA  . ASP A 1 162 ? -7.396  4.502   -3.449  1.00 37.47 ? 164 ASP A CA  1 
ATOM 1108 C C   . ASP A 1 162 ? -7.771  3.772   -2.171  1.00 40.90 ? 164 ASP A C   1 
ATOM 1109 O O   . ASP A 1 162 ? -8.807  3.104   -2.144  1.00 38.42 ? 164 ASP A O   1 
ATOM 1110 C CB  . ASP A 1 162 ? -7.643  3.547   -4.628  1.00 36.67 ? 164 ASP A CB  1 
ATOM 1111 C CG  . ASP A 1 162 ? -7.450  4.209   -5.976  1.00 57.11 ? 164 ASP A CG  1 
ATOM 1112 O OD1 . ASP A 1 162 ? -8.284  5.060   -6.346  1.00 71.02 ? 164 ASP A OD1 1 
ATOM 1113 O OD2 . ASP A 1 162 ? -6.510  3.827   -6.704  1.00 59.11 ? 164 ASP A OD2 1 
ATOM 1114 N N   . MET A 1 163 ? -6.951  3.858   -1.128  1.00 38.68 ? 165 MET A N   1 
ATOM 1115 C CA  . MET A 1 163 ? -7.205  3.126   0.103   1.00 33.45 ? 165 MET A CA  1 
ATOM 1116 C C   . MET A 1 163 ? -8.030  3.972   1.075   1.00 35.17 ? 165 MET A C   1 
ATOM 1117 O O   . MET A 1 163 ? -7.988  5.207   1.058   1.00 33.45 ? 165 MET A O   1 
ATOM 1118 C CB  . MET A 1 163 ? -5.881  2.697   0.734   1.00 29.11 ? 165 MET A CB  1 
ATOM 1119 C CG  . MET A 1 163 ? -5.371  1.388   0.176   1.00 28.35 ? 165 MET A CG  1 
ATOM 1120 S SD  . MET A 1 163 ? -3.861  0.717   0.909   1.00 34.90 ? 165 MET A SD  1 
ATOM 1121 C CE  . MET A 1 163 ? -3.945  -0.943  0.229   1.00 36.13 ? 165 MET A CE  1 
ATOM 1122 N N   . GLY A 1 164 ? -8.803  3.296   1.919   1.00 31.19 ? 166 GLY A N   1 
ATOM 1123 C CA  . GLY A 1 164 ? -9.702  4.034   2.782   1.00 29.28 ? 166 GLY A CA  1 
ATOM 1124 C C   . GLY A 1 164 ? -10.878 4.586   1.999   1.00 28.27 ? 166 GLY A C   1 
ATOM 1125 O O   . GLY A 1 164 ? -11.388 3.961   1.067   1.00 27.03 ? 166 GLY A O   1 
ATOM 1126 N N   . VAL A 1 165 ? -11.315 5.779   2.384   1.00 27.34 ? 167 VAL A N   1 
ATOM 1127 C CA  . VAL A 1 165 ? -12.522 6.409   1.860   1.00 25.48 ? 167 VAL A CA  1 
ATOM 1128 C C   . VAL A 1 165 ? -12.319 7.918   1.923   1.00 31.92 ? 167 VAL A C   1 
ATOM 1129 O O   . VAL A 1 165 ? -11.864 8.441   2.945   1.00 34.44 ? 167 VAL A O   1 
ATOM 1130 C CB  . VAL A 1 165 ? -13.764 6.006   2.682   1.00 23.04 ? 167 VAL A CB  1 
ATOM 1131 C CG1 . VAL A 1 165 ? -14.940 6.905   2.358   1.00 26.05 ? 167 VAL A CG1 1 
ATOM 1132 C CG2 . VAL A 1 165 ? -14.117 4.543   2.491   1.00 22.48 ? 167 VAL A CG2 1 
ATOM 1133 N N   . ASP A 1 166 ? -12.672 8.644   0.859   1.00 34.14 ? 168 ASP A N   1 
ATOM 1134 C CA  . ASP A 1 166 ? -12.596 10.132  0.893   1.00 33.20 ? 168 ASP A CA  1 
ATOM 1135 C C   . ASP A 1 166 ? -13.952 10.703  1.282   1.00 35.08 ? 168 ASP A C   1 
ATOM 1136 O O   . ASP A 1 166 ? -14.832 10.765  0.415   1.00 39.38 ? 168 ASP A O   1 
ATOM 1137 C CB  . ASP A 1 166 ? -12.202 10.760  -0.442  1.00 35.85 ? 168 ASP A CB  1 
ATOM 1138 C CG  . ASP A 1 166 ? -11.889 12.242  -0.357  1.00 40.85 ? 168 ASP A CG  1 
ATOM 1139 O OD1 . ASP A 1 166 ? -12.153 12.840  0.697   1.00 42.54 ? 168 ASP A OD1 1 
ATOM 1140 O OD2 . ASP A 1 166 ? -11.384 12.786  -1.351  1.00 47.78 ? 168 ASP A OD2 1 
ATOM 1141 N N   . PRO A 1 167 ? -14.181 11.123  2.551   1.00 34.99 ? 169 PRO A N   1 
ATOM 1142 C CA  . PRO A 1 167 ? -15.449 11.750  2.927   1.00 33.27 ? 169 PRO A CA  1 
ATOM 1143 C C   . PRO A 1 167 ? -15.698 12.966  2.026   1.00 34.83 ? 169 PRO A C   1 
ATOM 1144 O O   . PRO A 1 167 ? -16.812 13.133  1.570   1.00 40.10 ? 169 PRO A O   1 
ATOM 1145 C CB  . PRO A 1 167 ? -15.254 12.190  4.385   1.00 29.86 ? 169 PRO A CB  1 
ATOM 1146 C CG  . PRO A 1 167 ? -13.757 12.172  4.593   1.00 38.77 ? 169 PRO A CG  1 
ATOM 1147 C CD  . PRO A 1 167 ? -13.262 11.057  3.698   1.00 34.11 ? 169 PRO A CD  1 
ATOM 1148 N N   . LEU A 1 168 ? -14.657 13.770  1.788   1.00 34.19 ? 170 LEU A N   1 
ATOM 1149 C CA  . LEU A 1 168 ? -14.796 14.941  0.893   1.00 34.77 ? 170 LEU A CA  1 
ATOM 1150 C C   . LEU A 1 168 ? -15.341 14.474  -0.460  1.00 40.92 ? 170 LEU A C   1 
ATOM 1151 O O   . LEU A 1 168 ? -16.267 15.125  -0.979  1.00 46.61 ? 170 LEU A O   1 
ATOM 1152 C CB  . LEU A 1 168 ? -13.456 15.661  0.716   1.00 30.00 ? 170 LEU A CB  1 
ATOM 1153 C CG  . LEU A 1 168 ? -12.879 16.334  1.964   1.00 30.00 ? 170 LEU A CG  1 
ATOM 1154 C CD1 . LEU A 1 168 ? -11.487 16.878  1.684   1.00 30.00 ? 170 LEU A CD1 1 
ATOM 1155 C CD2 . LEU A 1 168 ? -13.802 17.438  2.456   1.00 30.00 ? 170 LEU A CD2 1 
ATOM 1156 N N   . ALA A 1 169 ? -14.791 13.380  -0.996  1.00 48.06 ? 171 ALA A N   1 
ATOM 1157 C CA  . ALA A 1 169 ? -15.274 12.832  -2.286  1.00 57.28 ? 171 ALA A CA  1 
ATOM 1158 C C   . ALA A 1 169 ? -16.344 11.767  -2.022  1.00 54.69 ? 171 ALA A C   1 
ATOM 1159 O O   . ALA A 1 169 ? -17.096 11.943  -1.044  1.00 57.87 ? 171 ALA A O   1 
ATOM 1160 C CB  . ALA A 1 169 ? -14.118 12.272  -3.075  1.00 58.52 ? 171 ALA A CB  1 
# 
